data_5H7J
#
_entry.id   5H7J
#
_cell.length_a   84.216
_cell.length_b   116.131
_cell.length_c   189.166
_cell.angle_alpha   90.00
_cell.angle_beta   90.00
_cell.angle_gamma   90.00
#
_symmetry.space_group_name_H-M   'P 21 21 21'
#
loop_
_entity.id
_entity.type
_entity.pdbx_description
1 polymer 'Elongation factor 2'
2 non-polymer 'PHOSPHOMETHYLPHOSPHONIC ACID GUANYLATE ESTER'
3 water water
#
_entity_poly.entity_id   1
_entity_poly.type   'polypeptide(L)'
_entity_poly.pdbx_seq_one_letter_code
;MVEMGRREEMIAKIKELMLQPERIRNIGIAAHIDHGKTTLSDNLLAGAGMISEELAGKQLVLDFDEQEQARGITINAANV
SMVHNYEGKDYLINLIDTPGHVDFGGDVTRAMRAIDGVIIVVDAVEGVMPQTETVVRQALREYVKPVLFINKVDRLIREL
KLTPQQMMERFSKIIMDVNRLIQRYAPEEYKKKWMVKVEDGSVAFGSAYYNWALSVPFMKRTGVKFNEIIDLTLKGDNRT
LRQKAPLHVVVLDMVVRHLPSPIEAQKYRIPHLWEGDISSDIGQAMLNCDPKGKMVMVVTKIIIDKHAGEVATGRVWSGT
VKSGQEVYLINTKRKARIQQVGIYMGPERINMEAVPAGNIVAVTGLRDAMAGETVAEEQIEPFEALHYVSEPVVTVAIEA
KNVKDLPRLIEALRQLAKEDPTLHVKIDEETGQHLLSGMGELHLEVKLYKLKKDWGIDIEVSEPIVVYRESITKSSPMVE
GKSPNRHNRFYIVVEPMPDEIYNAIKEGIIPEGRVKNPKEVAKKLAELGMDYEIARGIVDIYNGNMFIDNTKGVQYLNEV
MDLLIDGFHQAMDEGPLAREPVMKVIVRLLDAQVHEDNVHRGPAQIYPAIRTAIHCAMMKSNPVLYEPYQKVIINIPYEY
MGAVSREITQRRGQLVDMKQEGEVMTIIAEAPVAEMFGFAGSIRSATSGRALWSTEHAGFKRVPNELAQQIIRQIRQRKG
LDPNPPTEKDVCPLFLEHHHHHH
;
_entity_poly.pdbx_strand_id   A,B
#
# COMPACT_ATOMS: atom_id res chain seq x y z
N ALA A 12 -50.50 4.18 19.93
CA ALA A 12 -51.07 3.37 18.86
C ALA A 12 -51.28 4.20 17.59
N LYS A 13 -50.95 5.49 17.67
CA LYS A 13 -50.89 6.36 16.49
C LYS A 13 -49.64 6.05 15.67
N ILE A 14 -48.80 5.20 16.25
CA ILE A 14 -47.62 4.70 15.55
C ILE A 14 -48.03 4.00 14.26
N LYS A 15 -49.04 3.15 14.32
CA LYS A 15 -49.51 2.43 13.13
C LYS A 15 -50.12 3.35 12.07
N GLU A 16 -50.72 4.46 12.49
CA GLU A 16 -51.21 5.41 11.51
C GLU A 16 -50.01 5.98 10.75
N LEU A 17 -48.89 6.12 11.45
CA LEU A 17 -47.72 6.85 10.94
C LEU A 17 -46.77 6.01 10.07
N MET A 18 -46.65 4.72 10.36
CA MET A 18 -45.66 3.89 9.68
C MET A 18 -45.96 3.68 8.19
N LEU A 19 -47.23 3.84 7.81
CA LEU A 19 -47.66 3.72 6.42
C LEU A 19 -47.27 4.90 5.53
N GLN A 20 -46.73 5.95 6.16
CA GLN A 20 -46.36 7.16 5.42
C GLN A 20 -44.86 7.43 5.57
N PRO A 21 -44.10 7.17 4.50
CA PRO A 21 -42.64 7.37 4.50
C PRO A 21 -42.28 8.85 4.73
N GLU A 22 -43.06 9.76 4.16
CA GLU A 22 -42.75 11.18 4.27
C GLU A 22 -42.91 11.70 5.70
N ARG A 23 -43.52 10.89 6.57
CA ARG A 23 -43.71 11.26 7.97
C ARG A 23 -42.69 10.58 8.89
N ILE A 24 -41.73 9.86 8.32
CA ILE A 24 -40.72 9.15 9.13
C ILE A 24 -39.38 9.92 9.20
N ARG A 25 -38.82 9.99 10.40
CA ARG A 25 -37.46 10.52 10.58
C ARG A 25 -36.53 9.49 11.21
N ASN A 26 -35.59 8.98 10.41
CA ASN A 26 -34.61 8.01 10.88
C ASN A 26 -33.30 8.70 11.22
N ILE A 27 -33.03 8.81 12.51
CA ILE A 27 -31.95 9.68 12.96
C ILE A 27 -31.06 9.06 14.03
N GLY A 28 -29.89 9.66 14.22
CA GLY A 28 -29.03 9.34 15.35
C GLY A 28 -28.43 10.60 15.96
N ILE A 29 -27.95 10.47 17.20
CA ILE A 29 -27.25 11.53 17.92
C ILE A 29 -25.73 11.29 18.01
N ALA A 30 -24.93 12.22 17.48
CA ALA A 30 -23.48 12.15 17.61
C ALA A 30 -22.99 13.16 18.64
N ALA A 31 -22.64 12.66 19.82
CA ALA A 31 -22.05 13.52 20.83
C ALA A 31 -20.68 13.02 21.28
N HIS A 32 -19.74 13.96 21.32
CA HIS A 32 -18.44 13.77 21.96
C HIS A 32 -18.65 13.25 23.38
N ILE A 33 -17.92 12.19 23.71
CA ILE A 33 -17.83 11.64 25.07
C ILE A 33 -17.99 12.69 26.18
N ASP A 34 -19.15 12.69 26.85
CA ASP A 34 -19.51 13.68 27.89
C ASP A 34 -19.91 15.08 27.37
N HIS A 35 -20.47 15.15 26.17
CA HIS A 35 -21.00 16.43 25.66
C HIS A 35 -22.52 16.56 25.86
N GLY A 36 -23.18 15.48 26.28
CA GLY A 36 -24.59 15.51 26.63
C GLY A 36 -25.47 14.45 25.98
N LYS A 37 -24.85 13.40 25.45
CA LYS A 37 -25.52 12.39 24.61
C LYS A 37 -26.69 11.66 25.26
N THR A 38 -26.41 10.81 26.25
CA THR A 38 -27.44 10.03 26.90
C THR A 38 -28.48 10.96 27.53
N THR A 39 -27.99 12.04 28.16
CA THR A 39 -28.86 13.07 28.70
C THR A 39 -29.82 13.56 27.62
N LEU A 40 -29.30 13.89 26.45
CA LEU A 40 -30.14 14.42 25.39
C LEU A 40 -31.17 13.39 24.94
N SER A 41 -30.70 12.16 24.71
CA SER A 41 -31.59 11.07 24.29
C SER A 41 -32.69 10.85 25.31
N ASP A 42 -32.28 10.65 26.57
CA ASP A 42 -33.22 10.37 27.65
C ASP A 42 -34.29 11.45 27.79
N ASN A 43 -33.86 12.70 27.94
CA ASN A 43 -34.80 13.80 28.15
C ASN A 43 -35.62 14.15 26.91
N LEU A 44 -35.09 13.81 25.72
CA LEU A 44 -35.85 13.98 24.47
C LEU A 44 -37.06 13.05 24.44
N LEU A 45 -36.89 11.84 24.99
CA LEU A 45 -37.99 10.87 25.02
C LEU A 45 -38.93 11.20 26.18
N ALA A 46 -38.38 11.40 27.38
CA ALA A 46 -39.18 11.76 28.54
C ALA A 46 -40.01 13.04 28.28
N GLY A 47 -39.54 13.87 27.34
CA GLY A 47 -40.27 15.06 26.93
C GLY A 47 -41.51 14.77 26.09
N ALA A 48 -41.82 13.49 25.93
CA ALA A 48 -43.07 13.00 25.33
C ALA A 48 -43.20 11.50 25.53
N ASN A 76 -27.45 0.74 26.71
CA ASN A 76 -27.49 0.41 25.29
C ASN A 76 -28.89 0.06 24.83
N ALA A 77 -29.45 0.91 23.97
CA ALA A 77 -30.73 0.64 23.32
C ALA A 77 -30.57 0.72 21.80
N ALA A 78 -30.99 -0.33 21.09
CA ALA A 78 -30.87 -0.37 19.65
C ALA A 78 -31.61 0.78 18.99
N ASN A 79 -32.83 1.03 19.47
CA ASN A 79 -33.65 2.13 18.96
C ASN A 79 -34.67 2.59 19.99
N VAL A 80 -34.98 3.88 19.93
CA VAL A 80 -36.01 4.51 20.75
C VAL A 80 -36.75 5.51 19.86
N SER A 81 -38.08 5.40 19.78
CA SER A 81 -38.85 6.26 18.87
C SER A 81 -39.71 7.28 19.60
N MET A 82 -40.06 8.33 18.85
CA MET A 82 -40.80 9.47 19.36
C MET A 82 -41.82 9.94 18.34
N VAL A 83 -43.05 10.17 18.81
CA VAL A 83 -44.06 10.84 17.98
C VAL A 83 -44.05 12.33 18.34
N HIS A 84 -44.08 13.17 17.30
CA HIS A 84 -43.93 14.61 17.45
C HIS A 84 -44.83 15.36 16.48
N ASN A 85 -45.62 16.29 17.02
CA ASN A 85 -46.50 17.16 16.23
C ASN A 85 -45.73 18.38 15.76
N TYR A 86 -45.79 18.64 14.45
CA TYR A 86 -45.10 19.81 13.91
C TYR A 86 -45.90 20.45 12.80
N GLU A 87 -46.33 21.68 13.06
CA GLU A 87 -47.17 22.45 12.16
C GLU A 87 -48.41 21.65 11.75
N GLY A 88 -49.09 21.10 12.75
CA GLY A 88 -50.35 20.41 12.56
C GLY A 88 -50.24 18.90 12.42
N LYS A 89 -49.28 18.47 11.62
CA LYS A 89 -49.09 17.05 11.31
C LYS A 89 -48.27 16.32 12.37
N ASP A 90 -48.41 14.99 12.43
CA ASP A 90 -47.60 14.21 13.34
C ASP A 90 -46.47 13.50 12.59
N TYR A 91 -45.38 13.21 13.29
CA TYR A 91 -44.24 12.49 12.70
C TYR A 91 -43.72 11.43 13.65
N LEU A 92 -43.13 10.40 13.08
CA LEU A 92 -42.51 9.32 13.85
C LEU A 92 -40.99 9.40 13.66
N ILE A 93 -40.30 9.70 14.75
CA ILE A 93 -38.87 9.95 14.68
C ILE A 93 -38.15 8.77 15.32
N ASN A 94 -37.26 8.13 14.55
CA ASN A 94 -36.50 7.00 15.08
C ASN A 94 -35.08 7.37 15.53
N LEU A 95 -34.86 7.37 16.85
CA LEU A 95 -33.55 7.64 17.44
C LEU A 95 -32.77 6.33 17.58
N ILE A 96 -31.96 6.05 16.57
CA ILE A 96 -31.20 4.82 16.46
C ILE A 96 -29.87 4.96 17.19
N ASP A 97 -29.49 3.94 17.95
CA ASP A 97 -28.19 3.93 18.60
C ASP A 97 -27.07 4.23 17.60
N THR A 98 -26.26 5.23 17.93
CA THR A 98 -25.17 5.69 17.10
C THR A 98 -23.89 5.88 17.94
N PRO A 99 -23.14 4.78 18.15
CA PRO A 99 -21.89 4.85 18.93
C PRO A 99 -20.94 5.91 18.39
N GLY A 100 -20.13 6.53 19.26
CA GLY A 100 -19.09 7.44 18.82
C GLY A 100 -17.68 7.11 19.35
N HIS A 101 -17.41 5.85 19.67
CA HIS A 101 -16.06 5.42 20.01
C HIS A 101 -15.20 5.27 18.76
N VAL A 102 -14.33 6.24 18.52
CA VAL A 102 -13.56 6.28 17.28
C VAL A 102 -12.61 5.08 17.13
N ASP A 103 -12.34 4.36 18.22
CA ASP A 103 -11.51 3.19 18.10
C ASP A 103 -12.35 1.90 17.97
N PHE A 104 -13.67 2.07 17.89
CA PHE A 104 -14.57 1.02 17.38
C PHE A 104 -15.22 1.50 16.11
N GLY A 105 -14.41 1.75 15.09
CA GLY A 105 -14.90 2.26 13.83
C GLY A 105 -16.05 1.48 13.21
N GLY A 106 -15.98 0.16 13.29
CA GLY A 106 -16.99 -0.69 12.71
C GLY A 106 -18.40 -0.30 13.14
N ASP A 107 -18.61 -0.20 14.45
CA ASP A 107 -19.88 0.29 15.04
C ASP A 107 -20.31 1.68 14.59
N VAL A 108 -19.37 2.62 14.54
CA VAL A 108 -19.74 3.98 14.15
C VAL A 108 -20.22 3.97 12.71
N THR A 109 -19.44 3.32 11.85
CA THR A 109 -19.72 3.25 10.43
C THR A 109 -21.07 2.57 10.16
N ARG A 110 -21.30 1.42 10.77
CA ARG A 110 -22.56 0.72 10.59
C ARG A 110 -23.75 1.63 11.00
N ALA A 111 -23.61 2.29 12.14
CA ALA A 111 -24.70 3.09 12.68
C ALA A 111 -25.00 4.23 11.71
N MET A 112 -23.96 4.86 11.20
CA MET A 112 -24.16 5.95 10.26
C MET A 112 -24.88 5.46 9.00
N ARG A 113 -24.61 4.21 8.60
CA ARG A 113 -25.21 3.65 7.38
C ARG A 113 -26.73 3.49 7.55
N ALA A 114 -27.16 3.23 8.77
CA ALA A 114 -28.57 3.05 9.13
C ALA A 114 -29.43 4.34 9.20
N ILE A 115 -28.82 5.51 9.43
CA ILE A 115 -29.60 6.73 9.69
C ILE A 115 -29.56 7.69 8.50
N ASP A 116 -30.57 8.55 8.38
CA ASP A 116 -30.56 9.54 7.30
C ASP A 116 -30.18 10.93 7.77
N GLY A 117 -30.24 11.13 9.08
CA GLY A 117 -29.99 12.44 9.63
C GLY A 117 -29.34 12.23 10.98
N VAL A 118 -28.44 13.14 11.31
CA VAL A 118 -27.77 13.12 12.59
C VAL A 118 -27.83 14.49 13.30
N ILE A 119 -28.07 14.44 14.61
CA ILE A 119 -27.93 15.62 15.46
C ILE A 119 -26.52 15.64 16.01
N ILE A 120 -25.71 16.55 15.48
CA ILE A 120 -24.39 16.81 16.04
C ILE A 120 -24.56 17.60 17.32
N VAL A 121 -24.02 17.10 18.43
CA VAL A 121 -24.10 17.81 19.68
C VAL A 121 -22.72 18.34 20.07
N VAL A 122 -22.60 19.67 20.19
CA VAL A 122 -21.35 20.31 20.61
C VAL A 122 -21.52 21.06 21.93
N ASP A 123 -20.59 20.83 22.85
CA ASP A 123 -20.51 21.53 24.14
C ASP A 123 -20.14 23.01 23.91
N ALA A 124 -21.03 23.91 24.34
CA ALA A 124 -20.87 25.36 24.16
C ALA A 124 -19.51 25.86 24.66
N VAL A 125 -19.13 25.43 25.86
CA VAL A 125 -17.84 25.86 26.42
C VAL A 125 -16.67 25.23 25.69
N GLU A 126 -16.73 23.91 25.51
CA GLU A 126 -15.58 23.17 25.00
C GLU A 126 -15.39 23.34 23.49
N GLY A 127 -16.46 23.50 22.75
CA GLY A 127 -16.36 23.69 21.31
C GLY A 127 -16.19 22.37 20.57
N VAL A 128 -15.91 22.44 19.27
CA VAL A 128 -15.79 21.27 18.42
C VAL A 128 -14.47 20.53 18.66
N MET A 129 -14.60 19.32 19.21
CA MET A 129 -13.47 18.48 19.60
C MET A 129 -13.05 17.52 18.46
N PRO A 130 -11.79 17.03 18.47
CA PRO A 130 -11.35 16.10 17.42
C PRO A 130 -12.28 14.88 17.22
N GLN A 131 -12.80 14.33 18.31
CA GLN A 131 -13.66 13.15 18.20
C GLN A 131 -14.97 13.50 17.47
N THR A 132 -15.45 14.71 17.74
CA THR A 132 -16.62 15.27 17.09
C THR A 132 -16.38 15.43 15.60
N GLU A 133 -15.20 15.93 15.21
CA GLU A 133 -14.88 16.05 13.78
C GLU A 133 -14.92 14.69 13.11
N THR A 134 -14.43 13.67 13.83
CA THR A 134 -14.33 12.33 13.28
C THR A 134 -15.73 11.73 13.06
N VAL A 135 -16.63 11.77 14.03
CA VAL A 135 -17.94 11.21 13.78
C VAL A 135 -18.68 11.98 12.66
N VAL A 136 -18.56 13.31 12.66
CA VAL A 136 -19.19 14.15 11.64
C VAL A 136 -18.72 13.74 10.26
N ARG A 137 -17.42 13.47 10.17
CA ARG A 137 -16.79 12.97 8.96
C ARG A 137 -17.43 11.66 8.47
N GLN A 138 -17.72 10.77 9.41
CA GLN A 138 -18.33 9.49 9.06
C GLN A 138 -19.78 9.68 8.59
N ALA A 139 -20.51 10.58 9.25
CA ALA A 139 -21.88 10.85 8.84
C ALA A 139 -21.86 11.42 7.40
N LEU A 140 -20.99 12.38 7.14
CA LEU A 140 -20.89 12.95 5.83
C LEU A 140 -20.49 11.89 4.77
N ARG A 141 -19.59 10.96 5.13
CA ARG A 141 -19.14 9.92 4.20
C ARG A 141 -20.30 9.00 3.82
N GLU A 142 -21.24 8.82 4.75
CA GLU A 142 -22.36 7.93 4.52
C GLU A 142 -23.61 8.72 4.14
N TYR A 143 -23.42 9.91 3.57
CA TYR A 143 -24.54 10.72 3.04
C TYR A 143 -25.65 10.88 4.09
N VAL A 144 -25.24 11.21 5.31
CA VAL A 144 -26.15 11.51 6.41
C VAL A 144 -26.20 13.02 6.60
N LYS A 145 -27.38 13.61 6.49
CA LYS A 145 -27.49 15.07 6.62
C LYS A 145 -27.42 15.49 8.09
N PRO A 146 -26.71 16.59 8.35
CA PRO A 146 -26.50 17.02 9.74
C PRO A 146 -27.35 18.21 10.17
N VAL A 147 -27.62 18.21 11.47
CA VAL A 147 -28.27 19.32 12.13
C VAL A 147 -27.44 19.56 13.40
N LEU A 148 -27.41 20.78 13.93
CA LEU A 148 -26.55 21.06 15.08
C LEU A 148 -27.33 21.38 16.36
N PHE A 149 -26.84 20.85 17.48
CA PHE A 149 -27.33 21.26 18.80
C PHE A 149 -26.20 21.64 19.74
N ILE A 150 -26.12 22.93 20.05
CA ILE A 150 -25.09 23.42 20.95
C ILE A 150 -25.58 23.25 22.39
N ASN A 151 -24.88 22.43 23.15
CA ASN A 151 -25.32 22.04 24.48
C ASN A 151 -24.58 22.80 25.58
N LYS A 152 -25.03 22.63 26.82
CA LYS A 152 -24.39 23.19 28.02
C LYS A 152 -24.26 24.72 27.98
N VAL A 153 -25.27 25.36 27.38
CA VAL A 153 -25.32 26.82 27.32
C VAL A 153 -25.60 27.37 28.72
N ASP A 154 -26.29 26.57 29.53
CA ASP A 154 -26.51 26.89 30.94
C ASP A 154 -25.20 27.26 31.63
N ARG A 155 -24.11 26.67 31.16
CA ARG A 155 -22.80 27.03 31.69
C ARG A 155 -22.43 28.44 31.26
N LEU A 156 -22.72 28.77 30.02
CA LEU A 156 -22.47 30.12 29.49
C LEU A 156 -23.18 31.18 30.31
N ILE A 157 -24.40 30.85 30.75
CA ILE A 157 -25.26 31.77 31.49
C ILE A 157 -24.87 31.93 32.96
N ARG A 158 -24.60 30.83 33.65
CA ARG A 158 -24.41 30.88 35.11
C ARG A 158 -22.94 31.05 35.51
N GLU A 159 -22.07 30.36 34.81
CA GLU A 159 -20.65 30.30 35.13
C GLU A 159 -19.89 31.53 34.57
N LEU A 160 -20.12 31.86 33.31
CA LEU A 160 -19.39 32.96 32.70
C LEU A 160 -20.20 34.27 32.62
N LYS A 161 -21.51 34.19 32.86
CA LYS A 161 -22.40 35.37 32.86
C LYS A 161 -22.32 36.16 31.56
N LEU A 162 -22.25 35.45 30.44
CA LEU A 162 -22.26 36.07 29.12
C LEU A 162 -23.59 36.76 28.81
N THR A 163 -23.51 37.79 27.98
CA THR A 163 -24.65 38.48 27.42
C THR A 163 -25.17 37.69 26.21
N PRO A 164 -26.40 37.96 25.77
CA PRO A 164 -26.88 37.28 24.56
C PRO A 164 -25.96 37.48 23.38
N GLN A 165 -25.49 38.72 23.20
CA GLN A 165 -24.60 39.06 22.10
C GLN A 165 -23.36 38.16 22.10
N GLN A 166 -22.72 38.01 23.26
CA GLN A 166 -21.50 37.24 23.38
C GLN A 166 -21.75 35.76 23.14
N MET A 167 -22.93 35.29 23.53
CA MET A 167 -23.26 33.88 23.38
C MET A 167 -23.55 33.58 21.91
N MET A 168 -24.32 34.45 21.23
CA MET A 168 -24.57 34.29 19.81
C MET A 168 -23.25 34.27 19.03
N GLU A 169 -22.29 35.09 19.44
CA GLU A 169 -21.04 35.09 18.70
C GLU A 169 -20.29 33.78 18.96
N ARG A 170 -20.40 33.26 20.18
CA ARG A 170 -19.75 32.00 20.54
C ARG A 170 -20.32 30.86 19.68
N PHE A 171 -21.63 30.86 19.53
CA PHE A 171 -22.34 29.94 18.65
C PHE A 171 -21.86 30.01 17.20
N SER A 172 -21.68 31.23 16.69
CA SER A 172 -21.16 31.46 15.36
C SER A 172 -19.77 30.88 15.08
N LYS A 173 -18.91 30.79 16.09
CA LYS A 173 -17.61 30.17 15.81
C LYS A 173 -17.75 28.64 15.80
N ILE A 174 -18.61 28.11 16.69
CA ILE A 174 -18.93 26.69 16.70
C ILE A 174 -19.57 26.29 15.35
N ILE A 175 -20.61 27.03 14.97
CA ILE A 175 -21.23 26.87 13.66
C ILE A 175 -20.24 26.98 12.50
N MET A 176 -19.35 27.97 12.56
CA MET A 176 -18.34 28.12 11.52
C MET A 176 -17.43 26.88 11.44
N ASP A 177 -17.00 26.39 12.61
CA ASP A 177 -16.18 25.18 12.71
C ASP A 177 -16.88 23.95 12.11
N VAL A 178 -18.15 23.77 12.48
CA VAL A 178 -18.94 22.68 11.94
C VAL A 178 -19.07 22.83 10.41
N ASN A 179 -19.33 24.04 9.94
CA ASN A 179 -19.52 24.26 8.52
C ASN A 179 -18.21 24.16 7.75
N ARG A 180 -17.08 24.31 8.42
CA ARG A 180 -15.83 24.01 7.75
C ARG A 180 -15.73 22.50 7.50
N LEU A 181 -16.18 21.71 8.46
CA LEU A 181 -16.22 20.24 8.34
C LEU A 181 -17.12 19.78 7.17
N ILE A 182 -18.27 20.42 7.04
CA ILE A 182 -19.22 20.08 5.99
C ILE A 182 -18.68 20.47 4.61
N GLN A 183 -18.12 21.67 4.52
CA GLN A 183 -17.50 22.14 3.28
C GLN A 183 -16.35 21.22 2.84
N ARG A 184 -15.66 20.61 3.81
CA ARG A 184 -14.48 19.80 3.50
C ARG A 184 -14.82 18.35 3.18
N TYR A 185 -15.83 17.78 3.85
CA TYR A 185 -16.02 16.34 3.83
C TYR A 185 -17.38 15.88 3.28
N ALA A 186 -18.34 16.79 3.17
CA ALA A 186 -19.64 16.40 2.62
C ALA A 186 -19.52 16.06 1.14
N PRO A 187 -20.39 15.16 0.66
CA PRO A 187 -20.48 14.89 -0.77
C PRO A 187 -20.58 16.21 -1.55
N GLU A 188 -19.97 16.28 -2.73
CA GLU A 188 -19.85 17.54 -3.46
C GLU A 188 -21.22 18.21 -3.63
N GLU A 189 -22.25 17.40 -3.86
CA GLU A 189 -23.63 17.89 -4.05
C GLU A 189 -24.14 18.74 -2.89
N TYR A 190 -23.59 18.50 -1.70
CA TYR A 190 -24.18 19.05 -0.47
C TYR A 190 -23.21 19.94 0.34
N LYS A 191 -22.06 20.26 -0.25
CA LYS A 191 -21.06 21.05 0.46
C LYS A 191 -21.60 22.41 0.90
N LYS A 192 -22.55 22.96 0.15
CA LYS A 192 -23.20 24.21 0.55
C LYS A 192 -24.59 23.96 1.11
N LYS A 193 -25.35 23.07 0.47
CA LYS A 193 -26.72 22.76 0.88
C LYS A 193 -26.84 22.28 2.32
N TRP A 194 -25.87 21.48 2.75
CA TRP A 194 -25.98 20.81 4.04
C TRP A 194 -25.42 21.66 5.17
N MET A 195 -24.84 22.81 4.83
CA MET A 195 -24.37 23.78 5.83
C MET A 195 -25.48 24.14 6.82
N VAL A 196 -25.13 24.30 8.10
CA VAL A 196 -26.08 24.65 9.14
C VAL A 196 -26.04 26.15 9.48
N LYS A 197 -27.22 26.72 9.76
CA LYS A 197 -27.39 28.15 9.97
C LYS A 197 -28.44 28.35 11.08
N VAL A 198 -28.18 29.27 12.01
CA VAL A 198 -29.08 29.44 13.15
C VAL A 198 -30.43 30.01 12.67
N GLU A 199 -30.31 30.83 11.63
CA GLU A 199 -31.38 31.64 11.07
C GLU A 199 -32.54 30.84 10.50
N ASP A 200 -32.27 29.61 10.06
CA ASP A 200 -33.32 28.75 9.54
C ASP A 200 -33.68 27.63 10.51
N GLY A 201 -33.02 27.61 11.66
CA GLY A 201 -33.28 26.57 12.63
C GLY A 201 -32.63 25.23 12.29
N SER A 202 -31.54 25.23 11.55
CA SER A 202 -30.73 24.01 11.45
C SER A 202 -29.62 24.04 12.51
N VAL A 203 -29.68 25.04 13.39
CA VAL A 203 -28.94 25.04 14.64
C VAL A 203 -29.94 25.37 15.74
N ALA A 204 -29.90 24.63 16.83
CA ALA A 204 -30.59 25.03 18.04
C ALA A 204 -29.58 25.05 19.19
N PHE A 205 -29.89 25.72 20.30
CA PHE A 205 -28.99 25.73 21.47
C PHE A 205 -29.76 25.63 22.77
N GLY A 206 -29.10 25.13 23.80
CA GLY A 206 -29.78 24.96 25.07
C GLY A 206 -29.07 24.06 26.04
N SER A 207 -29.86 23.43 26.90
CA SER A 207 -29.32 22.56 27.92
C SER A 207 -30.15 21.29 28.01
N ALA A 208 -29.54 20.17 27.61
CA ALA A 208 -30.18 18.87 27.73
C ALA A 208 -30.52 18.59 29.19
N TYR A 209 -29.58 18.91 30.09
CA TYR A 209 -29.76 18.59 31.51
C TYR A 209 -30.89 19.40 32.11
N TYR A 210 -30.90 20.70 31.83
CA TYR A 210 -31.94 21.58 32.34
C TYR A 210 -33.15 21.65 31.40
N ASN A 211 -33.19 20.74 30.42
CA ASN A 211 -34.39 20.48 29.60
C ASN A 211 -34.92 21.64 28.76
N TRP A 212 -34.05 22.52 28.28
CA TRP A 212 -34.53 23.62 27.46
C TRP A 212 -33.68 23.84 26.21
N ALA A 213 -34.32 24.30 25.14
CA ALA A 213 -33.61 24.63 23.92
C ALA A 213 -34.26 25.81 23.19
N LEU A 214 -33.50 26.46 22.30
CA LEU A 214 -34.01 27.55 21.48
C LEU A 214 -33.48 27.48 20.06
N SER A 215 -34.34 27.87 19.10
CA SER A 215 -33.98 28.18 17.72
C SER A 215 -34.78 29.41 17.31
N VAL A 216 -34.29 30.21 16.37
CA VAL A 216 -35.05 31.39 15.97
C VAL A 216 -36.45 31.06 15.39
N PRO A 217 -36.60 29.95 14.64
CA PRO A 217 -37.98 29.73 14.19
C PRO A 217 -38.93 29.38 15.32
N PHE A 218 -38.41 28.87 16.43
CA PHE A 218 -39.23 28.61 17.60
C PHE A 218 -39.52 29.91 18.33
N MET A 219 -38.57 30.82 18.28
CA MET A 219 -38.71 32.11 18.92
C MET A 219 -39.81 32.93 18.25
N LYS A 220 -40.00 32.73 16.96
CA LYS A 220 -40.97 33.53 16.22
C LYS A 220 -42.34 32.87 16.04
N ARG A 221 -42.58 31.74 16.68
CA ARG A 221 -43.92 31.15 16.68
C ARG A 221 -44.37 31.04 18.14
N THR A 222 -43.52 31.53 19.01
CA THR A 222 -43.79 31.45 20.43
C THR A 222 -43.58 32.83 21.07
N GLY A 223 -42.67 33.60 20.48
CA GLY A 223 -42.44 34.96 20.93
C GLY A 223 -41.28 35.13 21.89
N VAL A 224 -40.89 34.05 22.58
CA VAL A 224 -39.82 34.13 23.57
C VAL A 224 -38.51 34.70 23.01
N LYS A 225 -37.78 35.37 23.87
CA LYS A 225 -36.45 35.85 23.58
C LYS A 225 -35.42 35.17 24.49
N PHE A 226 -34.15 35.34 24.15
CA PHE A 226 -33.09 34.68 24.86
C PHE A 226 -32.78 35.42 26.18
N ASN A 227 -33.23 36.67 26.32
CA ASN A 227 -32.88 37.41 27.53
C ASN A 227 -33.68 36.94 28.75
N GLU A 228 -34.86 36.37 28.52
CA GLU A 228 -35.63 35.80 29.63
C GLU A 228 -35.04 34.50 30.14
N ILE A 229 -34.76 33.58 29.22
CA ILE A 229 -34.14 32.29 29.53
C ILE A 229 -32.91 32.51 30.39
N ILE A 230 -32.13 33.54 30.05
CA ILE A 230 -31.02 33.97 30.89
C ILE A 230 -31.49 34.32 32.31
N ASP A 231 -32.54 35.14 32.39
CA ASP A 231 -33.13 35.54 33.66
C ASP A 231 -33.68 34.31 34.40
N LEU A 232 -34.53 33.54 33.72
CA LEU A 232 -35.10 32.32 34.30
C LEU A 232 -34.03 31.35 34.83
N THR A 233 -32.89 31.28 34.14
CA THR A 233 -31.77 30.43 34.56
C THR A 233 -31.10 30.97 35.82
N LEU A 234 -30.90 32.29 35.85
CA LEU A 234 -30.09 32.91 36.90
C LEU A 234 -30.83 33.03 38.23
N LYS A 235 -32.16 33.14 38.17
CA LYS A 235 -32.95 33.17 39.39
C LYS A 235 -33.32 31.75 39.86
N GLY A 236 -32.96 30.76 39.05
CA GLY A 236 -33.14 29.36 39.42
C GLY A 236 -34.51 28.77 39.11
N ASP A 237 -35.34 29.49 38.36
CA ASP A 237 -36.67 29.00 38.04
C ASP A 237 -36.59 27.92 36.95
N ASN A 238 -36.11 26.74 37.36
CA ASN A 238 -35.91 25.61 36.45
C ASN A 238 -37.22 25.15 35.79
N ARG A 239 -38.30 25.11 36.57
CA ARG A 239 -39.57 24.60 36.06
C ARG A 239 -40.23 25.51 35.02
N THR A 240 -40.05 26.82 35.12
CA THR A 240 -40.64 27.73 34.15
C THR A 240 -39.81 27.78 32.87
N LEU A 241 -38.50 27.65 33.04
CA LEU A 241 -37.57 27.52 31.92
C LEU A 241 -37.98 26.33 31.07
N ARG A 242 -38.21 25.22 31.76
CA ARG A 242 -38.54 23.92 31.17
C ARG A 242 -39.76 23.94 30.24
N GLN A 243 -40.74 24.82 30.52
CA GLN A 243 -41.96 24.86 29.72
C GLN A 243 -42.05 26.07 28.80
N LYS A 244 -41.28 27.12 29.07
CA LYS A 244 -41.33 28.29 28.21
C LYS A 244 -40.41 28.11 27.00
N ALA A 245 -39.51 27.13 27.08
CA ALA A 245 -38.62 26.81 25.96
C ALA A 245 -38.17 25.34 25.99
N PRO A 246 -39.08 24.42 25.64
CA PRO A 246 -38.88 22.99 25.90
C PRO A 246 -37.92 22.29 24.91
N LEU A 247 -36.94 21.59 25.49
CA LEU A 247 -35.93 20.82 24.76
C LEU A 247 -36.51 20.00 23.60
N HIS A 248 -37.46 19.13 23.92
CA HIS A 248 -38.00 18.21 22.92
C HIS A 248 -38.79 18.93 21.83
N VAL A 249 -39.42 20.05 22.17
CA VAL A 249 -40.21 20.76 21.19
C VAL A 249 -39.32 21.38 20.12
N VAL A 250 -38.27 22.08 20.57
CA VAL A 250 -37.40 22.82 19.66
C VAL A 250 -36.51 21.91 18.81
N VAL A 251 -35.93 20.90 19.43
CA VAL A 251 -35.00 20.00 18.74
C VAL A 251 -35.73 19.12 17.70
N LEU A 252 -36.85 18.53 18.11
CA LEU A 252 -37.62 17.71 17.18
C LEU A 252 -38.23 18.56 16.06
N ASP A 253 -38.48 19.85 16.32
CA ASP A 253 -38.86 20.76 15.25
C ASP A 253 -37.77 20.80 14.20
N MET A 254 -36.55 20.93 14.70
CA MET A 254 -35.38 20.99 13.84
C MET A 254 -35.25 19.69 13.07
N VAL A 255 -35.39 18.58 13.79
CA VAL A 255 -35.36 17.24 13.22
C VAL A 255 -36.32 17.09 12.02
N VAL A 256 -37.59 17.37 12.28
CA VAL A 256 -38.65 17.23 11.28
C VAL A 256 -38.42 18.16 10.10
N ARG A 257 -38.03 19.40 10.38
CA ARG A 257 -37.86 20.40 9.34
C ARG A 257 -36.62 20.17 8.46
N HIS A 258 -35.53 19.71 9.06
CA HIS A 258 -34.25 19.72 8.38
C HIS A 258 -33.61 18.34 8.13
N LEU A 259 -34.05 17.30 8.82
CA LEU A 259 -33.51 15.95 8.56
C LEU A 259 -34.46 15.21 7.61
N PRO A 260 -33.91 14.47 6.63
CA PRO A 260 -34.77 13.90 5.60
C PRO A 260 -35.58 12.70 6.07
N SER A 261 -36.67 12.43 5.36
CA SER A 261 -37.46 11.22 5.56
C SER A 261 -36.83 10.07 4.77
N PRO A 262 -37.21 8.81 5.04
CA PRO A 262 -36.60 7.70 4.30
C PRO A 262 -36.81 7.81 2.80
N ILE A 263 -38.02 8.24 2.40
CA ILE A 263 -38.36 8.28 1.00
C ILE A 263 -37.54 9.38 0.30
N GLU A 264 -37.30 10.49 0.98
CA GLU A 264 -36.44 11.53 0.42
C GLU A 264 -34.98 11.06 0.33
N ALA A 265 -34.48 10.50 1.43
CA ALA A 265 -33.06 10.18 1.54
C ALA A 265 -32.62 8.96 0.72
N GLN A 266 -33.48 7.95 0.65
CA GLN A 266 -33.09 6.74 -0.04
C GLN A 266 -32.86 6.95 -1.54
N LYS A 267 -33.33 8.08 -2.07
CA LYS A 267 -33.09 8.37 -3.49
C LYS A 267 -31.61 8.67 -3.79
N TYR A 268 -30.89 9.20 -2.80
CA TYR A 268 -29.46 9.45 -2.99
C TYR A 268 -28.60 8.55 -2.09
N ARG A 269 -29.18 8.03 -1.00
CA ARG A 269 -28.41 7.21 -0.07
C ARG A 269 -28.24 5.75 -0.54
N ILE A 270 -29.28 5.17 -1.14
CA ILE A 270 -29.19 3.78 -1.62
C ILE A 270 -28.09 3.60 -2.67
N PRO A 271 -27.97 4.54 -3.65
CA PRO A 271 -26.87 4.35 -4.62
C PRO A 271 -25.48 4.35 -3.98
N HIS A 272 -25.29 5.12 -2.90
CA HIS A 272 -23.99 5.10 -2.23
C HIS A 272 -23.84 3.90 -1.28
N LEU A 273 -24.94 3.46 -0.67
CA LEU A 273 -24.87 2.38 0.31
C LEU A 273 -24.71 0.99 -0.32
N TRP A 274 -25.41 0.78 -1.43
CA TRP A 274 -25.59 -0.56 -2.00
C TRP A 274 -24.76 -0.73 -3.27
N GLU A 275 -24.20 -1.93 -3.47
CA GLU A 275 -23.29 -2.15 -4.59
C GLU A 275 -23.94 -2.74 -5.86
N GLY A 276 -25.20 -3.13 -5.78
CA GLY A 276 -25.86 -3.79 -6.89
C GLY A 276 -26.24 -2.91 -8.09
N ASP A 277 -27.05 -3.48 -8.97
CA ASP A 277 -27.57 -2.76 -10.13
C ASP A 277 -28.72 -1.86 -9.68
N ILE A 278 -28.52 -0.55 -9.78
CA ILE A 278 -29.54 0.39 -9.33
C ILE A 278 -30.76 0.36 -10.29
N SER A 279 -30.50 0.08 -11.57
CA SER A 279 -31.57 0.05 -12.57
C SER A 279 -32.42 -1.23 -12.45
N SER A 280 -31.90 -2.23 -11.74
CA SER A 280 -32.66 -3.45 -11.45
C SER A 280 -33.93 -3.10 -10.69
N ASP A 281 -34.71 -4.11 -10.34
CA ASP A 281 -36.01 -3.83 -9.74
C ASP A 281 -36.05 -4.06 -8.25
N ILE A 282 -35.03 -4.72 -7.72
CA ILE A 282 -34.84 -4.70 -6.29
C ILE A 282 -34.15 -3.38 -5.98
N GLY A 283 -33.35 -2.91 -6.95
CA GLY A 283 -32.61 -1.67 -6.83
C GLY A 283 -33.51 -0.46 -6.84
N GLN A 284 -34.52 -0.48 -7.70
CA GLN A 284 -35.45 0.63 -7.84
C GLN A 284 -36.42 0.62 -6.66
N ALA A 285 -36.69 -0.57 -6.15
CA ALA A 285 -37.57 -0.72 -5.00
C ALA A 285 -36.93 -0.15 -3.75
N MET A 286 -35.61 -0.19 -3.64
CA MET A 286 -34.94 0.41 -2.50
C MET A 286 -34.75 1.90 -2.75
N LEU A 287 -34.44 2.25 -4.00
CA LEU A 287 -34.20 3.64 -4.39
C LEU A 287 -35.36 4.54 -4.01
N ASN A 288 -36.55 4.21 -4.50
CA ASN A 288 -37.78 4.82 -4.00
C ASN A 288 -38.12 4.06 -2.73
N CYS A 289 -38.89 4.60 -1.81
CA CYS A 289 -39.02 3.86 -0.56
C CYS A 289 -40.22 2.94 -0.60
N ASP A 290 -40.01 1.72 -1.10
CA ASP A 290 -41.07 0.97 -1.76
C ASP A 290 -41.66 -0.18 -0.97
N PRO A 291 -42.86 0.01 -0.43
CA PRO A 291 -43.47 -1.15 0.23
C PRO A 291 -44.06 -2.12 -0.81
N LYS A 292 -44.26 -1.69 -2.07
CA LYS A 292 -44.76 -2.58 -3.13
C LYS A 292 -43.87 -3.82 -3.18
N GLY A 293 -42.57 -3.56 -3.13
CA GLY A 293 -41.55 -4.47 -3.60
C GLY A 293 -41.20 -5.68 -2.75
N LYS A 294 -40.22 -6.45 -3.22
CA LYS A 294 -39.73 -7.57 -2.44
C LYS A 294 -38.96 -7.02 -1.25
N MET A 295 -39.28 -7.53 -0.06
CA MET A 295 -38.80 -6.98 1.19
C MET A 295 -37.28 -7.19 1.39
N VAL A 296 -36.59 -6.10 1.71
CA VAL A 296 -35.15 -6.07 1.94
C VAL A 296 -34.82 -5.26 3.20
N MET A 297 -34.06 -5.83 4.12
CA MET A 297 -33.67 -5.07 5.31
C MET A 297 -32.21 -5.33 5.69
N VAL A 298 -31.64 -4.41 6.46
CA VAL A 298 -30.29 -4.58 6.98
C VAL A 298 -30.40 -4.70 8.50
N VAL A 299 -29.52 -5.50 9.11
CA VAL A 299 -29.53 -5.66 10.56
C VAL A 299 -28.58 -4.64 11.21
N THR A 300 -29.10 -3.85 12.14
CA THR A 300 -28.29 -2.80 12.77
C THR A 300 -27.72 -3.24 14.12
N LYS A 301 -28.48 -3.98 14.90
CA LYS A 301 -27.99 -4.43 16.20
C LYS A 301 -28.66 -5.70 16.70
N ILE A 302 -27.93 -6.50 17.47
CA ILE A 302 -28.50 -7.69 18.07
C ILE A 302 -28.36 -7.68 19.59
N ILE A 303 -29.49 -7.90 20.27
CA ILE A 303 -29.53 -7.93 21.73
C ILE A 303 -29.60 -9.37 22.28
N GLY A 309 -35.36 -14.27 23.88
CA GLY A 309 -34.36 -14.81 22.96
C GLY A 309 -33.51 -13.71 22.33
N GLU A 310 -32.86 -14.04 21.21
CA GLU A 310 -32.08 -13.07 20.45
C GLU A 310 -33.01 -12.07 19.75
N VAL A 311 -32.67 -10.77 19.78
CA VAL A 311 -33.46 -9.80 19.03
C VAL A 311 -32.63 -8.96 18.05
N ALA A 312 -33.01 -9.02 16.78
CA ALA A 312 -32.38 -8.25 15.72
C ALA A 312 -33.19 -7.01 15.40
N THR A 313 -32.59 -5.85 15.61
CA THR A 313 -33.19 -4.62 15.13
C THR A 313 -32.68 -4.40 13.70
N GLY A 314 -33.48 -3.75 12.87
CA GLY A 314 -33.09 -3.55 11.49
C GLY A 314 -33.84 -2.47 10.77
N ARG A 315 -33.34 -2.07 9.61
CA ARG A 315 -34.02 -1.05 8.82
C ARG A 315 -34.53 -1.59 7.48
N VAL A 316 -35.83 -1.41 7.28
CA VAL A 316 -36.56 -1.92 6.12
C VAL A 316 -36.43 -0.97 4.92
N TRP A 317 -35.56 -1.34 3.96
CA TRP A 317 -35.25 -0.47 2.80
C TRP A 317 -36.35 -0.41 1.72
N SER A 318 -37.04 -1.54 1.54
CA SER A 318 -38.01 -1.73 0.46
C SER A 318 -38.90 -2.92 0.79
N GLY A 319 -40.10 -2.94 0.23
CA GLY A 319 -41.02 -4.04 0.49
C GLY A 319 -41.69 -3.93 1.84
N THR A 320 -42.09 -5.07 2.38
CA THR A 320 -42.78 -5.09 3.66
C THR A 320 -42.37 -6.32 4.46
N VAL A 321 -41.92 -6.11 5.68
CA VAL A 321 -41.58 -7.23 6.53
C VAL A 321 -42.89 -7.77 7.13
N LYS A 322 -42.93 -9.08 7.35
CA LYS A 322 -44.11 -9.73 7.91
C LYS A 322 -43.69 -10.80 8.89
N SER A 323 -44.51 -11.05 9.90
CA SER A 323 -44.25 -12.17 10.80
C SER A 323 -44.45 -13.44 9.99
N GLY A 324 -43.69 -14.48 10.31
CA GLY A 324 -43.71 -15.70 9.53
C GLY A 324 -43.37 -15.39 8.08
N GLN A 325 -42.19 -14.82 7.88
CA GLN A 325 -41.70 -14.52 6.53
C GLN A 325 -40.36 -15.24 6.31
N GLU A 326 -40.26 -16.01 5.25
CA GLU A 326 -39.02 -16.69 4.93
C GLU A 326 -38.11 -15.72 4.18
N VAL A 327 -36.83 -15.74 4.52
CA VAL A 327 -35.87 -14.78 3.98
C VAL A 327 -34.51 -15.41 3.76
N TYR A 328 -33.70 -14.75 2.95
CA TYR A 328 -32.32 -15.18 2.73
C TYR A 328 -31.38 -14.28 3.52
N LEU A 329 -30.48 -14.90 4.28
CA LEU A 329 -29.41 -14.17 4.96
C LEU A 329 -28.17 -14.17 4.09
N ILE A 330 -27.95 -13.07 3.37
CA ILE A 330 -27.02 -13.06 2.25
C ILE A 330 -25.55 -13.33 2.57
N ASN A 331 -25.02 -12.73 3.64
CA ASN A 331 -23.62 -12.96 4.01
C ASN A 331 -23.40 -14.34 4.59
N THR A 332 -24.21 -14.72 5.58
CA THR A 332 -24.01 -16.01 6.24
C THR A 332 -24.45 -17.15 5.32
N LYS A 333 -25.07 -16.77 4.21
CA LYS A 333 -25.39 -17.67 3.11
C LYS A 333 -26.31 -18.83 3.51
N ARG A 334 -26.95 -18.67 4.67
CA ARG A 334 -28.02 -19.60 5.05
C ARG A 334 -29.38 -18.98 4.78
N LYS A 335 -30.42 -19.67 5.23
CA LYS A 335 -31.78 -19.23 5.03
C LYS A 335 -32.52 -19.36 6.35
N ALA A 336 -33.60 -18.59 6.50
CA ALA A 336 -34.34 -18.57 7.75
C ALA A 336 -35.72 -17.97 7.59
N ARG A 337 -36.48 -18.02 8.67
CA ARG A 337 -37.83 -17.47 8.68
C ARG A 337 -38.07 -16.55 9.88
N ILE A 338 -38.54 -15.35 9.59
CA ILE A 338 -38.85 -14.34 10.60
C ILE A 338 -40.00 -14.79 11.51
N GLN A 339 -39.74 -14.87 12.81
CA GLN A 339 -40.76 -15.35 13.74
C GLN A 339 -41.71 -14.25 14.16
N GLN A 340 -41.32 -13.46 15.16
CA GLN A 340 -42.14 -12.31 15.58
C GLN A 340 -41.55 -11.00 15.09
N VAL A 341 -42.34 -10.24 14.33
CA VAL A 341 -42.00 -8.88 13.93
C VAL A 341 -42.49 -7.93 15.03
N GLY A 342 -41.91 -6.73 15.08
CA GLY A 342 -42.36 -5.69 15.97
C GLY A 342 -41.87 -4.33 15.52
N ILE A 343 -42.52 -3.28 16.02
CA ILE A 343 -42.03 -1.93 15.82
C ILE A 343 -41.72 -1.38 17.21
N TYR A 344 -41.10 -0.20 17.28
CA TYR A 344 -40.69 0.36 18.56
C TYR A 344 -41.59 1.50 19.04
N MET A 345 -41.88 1.51 20.34
CA MET A 345 -42.56 2.64 20.97
C MET A 345 -41.70 3.20 22.11
N GLY A 346 -40.86 4.19 21.81
CA GLY A 346 -39.85 4.60 22.76
C GLY A 346 -38.92 3.41 22.94
N PRO A 347 -38.60 3.06 24.19
CA PRO A 347 -37.69 1.93 24.42
C PRO A 347 -38.33 0.58 24.07
N GLU A 348 -39.59 0.39 24.42
CA GLU A 348 -40.23 -0.94 24.32
C GLU A 348 -40.55 -1.38 22.88
N ARG A 349 -40.47 -2.70 22.66
CA ARG A 349 -40.90 -3.28 21.39
C ARG A 349 -42.32 -3.82 21.53
N ILE A 350 -43.20 -3.34 20.66
CA ILE A 350 -44.58 -3.79 20.64
C ILE A 350 -44.84 -4.63 19.40
N ASN A 351 -45.38 -5.83 19.60
CA ASN A 351 -45.60 -6.74 18.50
C ASN A 351 -46.49 -6.10 17.45
N MET A 352 -46.10 -6.31 16.21
CA MET A 352 -46.83 -5.93 15.02
C MET A 352 -46.30 -6.89 13.98
N GLU A 353 -46.89 -6.92 12.78
CA GLU A 353 -46.38 -7.90 11.81
C GLU A 353 -46.18 -7.34 10.40
N ALA A 354 -47.21 -6.73 9.81
CA ALA A 354 -47.02 -6.08 8.52
C ALA A 354 -46.63 -4.61 8.67
N VAL A 355 -45.33 -4.33 8.62
CA VAL A 355 -44.82 -2.96 8.71
C VAL A 355 -43.93 -2.64 7.50
N PRO A 356 -44.21 -1.51 6.81
CA PRO A 356 -43.69 -1.23 5.47
C PRO A 356 -42.33 -0.53 5.42
N ALA A 357 -41.82 -0.39 4.19
CA ALA A 357 -40.56 0.29 3.91
C ALA A 357 -40.46 1.68 4.57
N GLY A 358 -39.27 2.00 5.06
CA GLY A 358 -38.99 3.31 5.65
C GLY A 358 -38.94 3.24 7.17
N ASN A 359 -39.38 2.12 7.72
CA ASN A 359 -39.44 1.95 9.17
C ASN A 359 -38.22 1.25 9.76
N ILE A 360 -38.12 1.35 11.08
CA ILE A 360 -37.14 0.64 11.90
C ILE A 360 -37.85 -0.51 12.64
N VAL A 361 -37.33 -1.72 12.47
CA VAL A 361 -38.03 -2.94 12.88
C VAL A 361 -37.25 -3.71 13.96
N ALA A 362 -37.97 -4.44 14.82
CA ALA A 362 -37.38 -5.53 15.60
C ALA A 362 -37.95 -6.86 15.13
N VAL A 363 -37.10 -7.88 15.05
CA VAL A 363 -37.53 -9.23 14.69
C VAL A 363 -36.85 -10.26 15.57
N THR A 364 -37.50 -11.41 15.77
CA THR A 364 -36.91 -12.44 16.61
C THR A 364 -36.67 -13.72 15.81
N GLY A 365 -35.73 -14.53 16.30
CA GLY A 365 -35.42 -15.81 15.70
C GLY A 365 -34.74 -15.74 14.34
N LEU A 366 -33.82 -14.79 14.20
CA LEU A 366 -33.00 -14.72 13.00
C LEU A 366 -31.64 -15.35 13.26
N ARG A 367 -31.64 -16.48 13.99
CA ARG A 367 -30.55 -17.46 13.88
C ARG A 367 -29.26 -16.80 14.44
N ASP A 368 -28.13 -16.74 13.73
CA ASP A 368 -26.91 -16.10 14.27
C ASP A 368 -26.48 -14.95 13.43
N ALA A 369 -27.33 -14.53 12.49
CA ALA A 369 -27.08 -13.36 11.69
C ALA A 369 -26.53 -12.27 12.60
N MET A 370 -25.36 -11.74 12.24
CA MET A 370 -24.72 -10.74 13.08
C MET A 370 -25.07 -9.38 12.53
N ALA A 371 -24.79 -8.35 13.32
CA ALA A 371 -25.17 -7.00 12.95
C ALA A 371 -24.49 -6.64 11.65
N GLY A 372 -25.24 -6.08 10.71
CA GLY A 372 -24.68 -5.67 9.43
C GLY A 372 -25.11 -6.55 8.28
N GLU A 373 -25.75 -7.67 8.59
CA GLU A 373 -26.15 -8.60 7.55
C GLU A 373 -27.36 -8.08 6.76
N THR A 374 -27.32 -8.35 5.47
CA THR A 374 -28.46 -8.09 4.59
C THR A 374 -29.48 -9.25 4.66
N VAL A 375 -30.72 -8.92 4.99
CA VAL A 375 -31.82 -9.88 4.99
C VAL A 375 -32.83 -9.54 3.89
N ALA A 376 -33.12 -10.48 3.00
CA ALA A 376 -34.00 -10.20 1.85
C ALA A 376 -34.79 -11.42 1.33
N GLU A 377 -35.96 -11.16 0.77
CA GLU A 377 -36.83 -12.18 0.19
C GLU A 377 -36.23 -12.77 -1.07
N GLU A 378 -35.31 -12.01 -1.68
CA GLU A 378 -34.57 -12.45 -2.85
C GLU A 378 -33.13 -12.73 -2.44
N GLN A 379 -32.29 -13.11 -3.40
CA GLN A 379 -30.84 -13.10 -3.18
C GLN A 379 -30.23 -11.88 -3.88
N ILE A 380 -29.81 -10.92 -3.07
CA ILE A 380 -29.25 -9.68 -3.59
C ILE A 380 -27.79 -9.52 -3.18
N GLU A 381 -27.09 -8.60 -3.85
CA GLU A 381 -25.77 -8.19 -3.43
C GLU A 381 -25.91 -7.57 -2.03
N PRO A 382 -25.09 -8.00 -1.07
CA PRO A 382 -25.25 -7.52 0.30
C PRO A 382 -24.75 -6.07 0.46
N PHE A 383 -25.26 -5.37 1.47
CA PHE A 383 -24.81 -4.00 1.78
C PHE A 383 -23.38 -4.01 2.32
N GLU A 384 -23.08 -4.93 3.23
CA GLU A 384 -21.72 -5.18 3.68
C GLU A 384 -21.19 -6.47 3.00
N ALA A 385 -19.88 -6.57 2.85
CA ALA A 385 -19.26 -7.79 2.32
C ALA A 385 -19.07 -8.82 3.43
N LEU A 386 -18.94 -10.08 3.05
CA LEU A 386 -18.71 -11.17 4.00
C LEU A 386 -17.50 -10.87 4.88
N HIS A 387 -17.64 -11.07 6.18
CA HIS A 387 -16.55 -10.84 7.12
C HIS A 387 -15.90 -12.15 7.53
N TYR A 388 -14.59 -12.12 7.74
CA TYR A 388 -13.82 -13.29 8.21
C TYR A 388 -14.43 -13.83 9.52
N VAL A 389 -14.18 -15.10 9.81
CA VAL A 389 -14.98 -15.86 10.78
C VAL A 389 -14.89 -15.37 12.23
N SER A 390 -13.69 -14.97 12.66
CA SER A 390 -13.40 -14.49 14.03
C SER A 390 -13.24 -15.64 15.04
N GLU A 391 -12.10 -15.63 15.73
CA GLU A 391 -11.79 -16.58 16.79
C GLU A 391 -11.08 -15.81 17.90
N PRO A 392 -11.25 -16.24 19.17
CA PRO A 392 -10.59 -15.48 20.24
C PRO A 392 -9.06 -15.57 20.18
N VAL A 393 -8.35 -14.43 20.20
CA VAL A 393 -6.92 -14.44 20.00
C VAL A 393 -6.09 -13.77 21.11
N VAL A 394 -6.76 -13.12 22.06
CA VAL A 394 -6.06 -12.56 23.23
C VAL A 394 -6.75 -12.96 24.51
N THR A 395 -5.93 -13.25 25.52
CA THR A 395 -6.46 -13.70 26.79
C THR A 395 -5.85 -12.88 27.92
N VAL A 396 -6.61 -12.68 28.98
CA VAL A 396 -6.10 -11.92 30.10
C VAL A 396 -6.51 -12.58 31.42
N ALA A 397 -5.59 -12.53 32.39
CA ALA A 397 -5.82 -13.14 33.71
C ALA A 397 -6.41 -12.11 34.67
N ILE A 398 -7.56 -12.46 35.25
CA ILE A 398 -8.34 -11.53 36.08
C ILE A 398 -8.67 -12.12 37.44
N GLU A 399 -8.60 -11.32 38.50
CA GLU A 399 -9.14 -11.74 39.79
C GLU A 399 -9.70 -10.55 40.54
N ALA A 400 -10.53 -10.80 41.55
CA ALA A 400 -10.95 -9.74 42.47
C ALA A 400 -9.89 -9.52 43.54
N LYS A 401 -9.46 -8.26 43.71
CA LYS A 401 -8.45 -7.96 44.72
C LYS A 401 -9.03 -7.79 46.12
N ASN A 402 -10.34 -7.57 46.18
CA ASN A 402 -11.05 -7.76 47.44
C ASN A 402 -11.76 -9.09 47.36
N VAL A 403 -11.30 -10.04 48.17
CA VAL A 403 -11.94 -11.36 48.19
C VAL A 403 -13.34 -11.28 48.83
N LYS A 404 -14.26 -10.57 48.19
CA LYS A 404 -15.64 -10.50 48.70
C LYS A 404 -16.70 -10.62 47.58
N ASP A 405 -16.50 -9.86 46.50
CA ASP A 405 -17.45 -9.69 45.41
C ASP A 405 -17.45 -10.85 44.42
N LEU A 406 -16.81 -11.94 44.82
CA LEU A 406 -16.43 -12.98 43.86
C LEU A 406 -17.56 -13.77 43.21
N PRO A 407 -18.56 -14.23 43.97
CA PRO A 407 -19.40 -15.20 43.25
C PRO A 407 -20.29 -14.59 42.15
N ARG A 408 -20.53 -13.27 42.17
CA ARG A 408 -21.29 -12.66 41.07
C ARG A 408 -20.33 -11.79 40.29
N LEU A 409 -19.04 -11.89 40.64
CA LEU A 409 -17.96 -11.59 39.72
C LEU A 409 -17.90 -12.78 38.76
N ILE A 410 -18.09 -13.99 39.28
CA ILE A 410 -18.10 -15.16 38.41
C ILE A 410 -19.42 -15.16 37.63
N GLU A 411 -20.46 -14.55 38.19
CA GLU A 411 -21.66 -14.33 37.41
C GLU A 411 -21.38 -13.17 36.47
N ALA A 412 -20.73 -12.11 36.98
CA ALA A 412 -20.34 -10.97 36.15
C ALA A 412 -19.34 -11.34 35.06
N LEU A 413 -18.78 -12.54 35.12
CA LEU A 413 -17.90 -12.97 34.04
C LEU A 413 -18.68 -13.66 32.93
N ARG A 414 -19.40 -14.74 33.20
CA ARG A 414 -20.12 -15.42 32.11
C ARG A 414 -21.37 -14.62 31.76
N GLN A 415 -21.49 -13.47 32.43
CA GLN A 415 -22.52 -12.49 32.12
C GLN A 415 -22.15 -11.72 30.88
N LEU A 416 -20.88 -11.35 30.76
CA LEU A 416 -20.41 -10.71 29.53
C LEU A 416 -20.44 -11.76 28.42
N ALA A 417 -20.12 -13.00 28.77
CA ALA A 417 -20.24 -14.13 27.85
C ALA A 417 -21.70 -14.45 27.45
N LYS A 418 -22.66 -14.32 28.37
CA LYS A 418 -24.08 -14.16 27.99
C LYS A 418 -24.25 -13.37 26.72
N GLU A 419 -23.95 -12.09 26.81
CA GLU A 419 -24.34 -11.11 25.81
C GLU A 419 -23.43 -11.09 24.58
N ASP A 420 -22.20 -11.55 24.77
CA ASP A 420 -21.19 -11.51 23.72
C ASP A 420 -20.65 -12.92 23.45
N PRO A 421 -21.09 -13.53 22.33
CA PRO A 421 -20.59 -14.84 21.94
C PRO A 421 -19.08 -14.84 21.69
N THR A 422 -18.54 -13.72 21.23
CA THR A 422 -17.12 -13.65 20.88
C THR A 422 -16.24 -13.59 22.12
N LEU A 423 -16.87 -13.51 23.28
CA LEU A 423 -16.14 -13.52 24.54
C LEU A 423 -16.23 -14.88 25.20
N HIS A 424 -15.07 -15.44 25.51
CA HIS A 424 -15.01 -16.76 26.14
C HIS A 424 -14.34 -16.64 27.48
N VAL A 425 -15.00 -17.11 28.54
CA VAL A 425 -14.34 -17.13 29.84
C VAL A 425 -14.17 -18.57 30.42
N LYS A 426 -12.92 -18.92 30.84
CA LYS A 426 -12.46 -20.17 31.52
C LYS A 426 -13.36 -20.68 32.60
N GLN A 433 -8.32 -15.81 39.22
CA GLN A 433 -8.77 -16.13 37.86
C GLN A 433 -10.33 -16.27 37.80
N HIS A 434 -11.04 -16.41 36.65
CA HIS A 434 -10.71 -17.18 35.43
C HIS A 434 -10.16 -16.41 34.23
N LEU A 435 -10.05 -17.02 33.05
CA LEU A 435 -9.43 -16.27 31.94
C LEU A 435 -10.40 -15.55 30.99
N LEU A 436 -10.07 -14.32 30.62
CA LEU A 436 -10.91 -13.64 29.64
C LEU A 436 -10.27 -13.72 28.27
N SER A 437 -10.95 -14.35 27.32
CA SER A 437 -10.44 -14.48 25.96
C SER A 437 -11.36 -13.85 24.94
N GLY A 438 -10.83 -12.92 24.17
CA GLY A 438 -11.63 -12.28 23.13
C GLY A 438 -10.86 -11.96 21.87
N MET A 439 -11.29 -10.91 21.19
CA MET A 439 -10.81 -10.58 19.84
C MET A 439 -9.68 -9.58 19.79
N GLY A 440 -9.39 -8.92 20.90
CA GLY A 440 -8.27 -8.02 20.95
C GLY A 440 -8.23 -7.22 22.23
N GLU A 441 -7.22 -6.35 22.32
CA GLU A 441 -7.02 -5.52 23.47
C GLU A 441 -8.29 -4.74 23.84
N LEU A 442 -8.81 -3.96 22.91
CA LEU A 442 -9.95 -3.10 23.23
C LEU A 442 -11.22 -3.88 23.54
N HIS A 443 -11.43 -4.98 22.81
CA HIS A 443 -12.61 -5.82 23.01
C HIS A 443 -12.69 -6.25 24.48
N LEU A 444 -11.56 -6.70 25.01
CA LEU A 444 -11.45 -7.10 26.40
C LEU A 444 -11.58 -5.92 27.36
N GLU A 445 -10.86 -4.85 27.06
CA GLU A 445 -10.80 -3.66 27.92
C GLU A 445 -12.19 -3.15 28.25
N VAL A 446 -13.08 -3.20 27.26
CA VAL A 446 -14.47 -2.79 27.46
C VAL A 446 -15.11 -3.59 28.57
N LYS A 447 -14.81 -4.88 28.59
CA LYS A 447 -15.35 -5.74 29.61
C LYS A 447 -14.75 -5.42 30.96
N LEU A 448 -13.43 -5.28 31.00
CA LEU A 448 -12.73 -4.88 32.20
C LEU A 448 -13.25 -3.52 32.74
N TYR A 449 -13.74 -2.66 31.84
CA TYR A 449 -14.28 -1.36 32.21
C TYR A 449 -15.66 -1.54 32.82
N LYS A 450 -16.46 -2.44 32.26
CA LYS A 450 -17.80 -2.67 32.77
C LYS A 450 -17.80 -3.42 34.10
N LEU A 451 -16.73 -4.14 34.39
CA LEU A 451 -16.66 -4.90 35.62
C LEU A 451 -16.25 -4.03 36.82
N LYS A 452 -15.28 -3.15 36.61
CA LYS A 452 -14.81 -2.29 37.69
C LYS A 452 -15.79 -1.14 38.00
N LYS A 453 -16.29 -0.48 36.96
CA LYS A 453 -17.18 0.65 37.14
C LYS A 453 -18.63 0.22 37.34
N ASP A 454 -19.19 -0.47 36.35
CA ASP A 454 -20.62 -0.77 36.39
C ASP A 454 -20.96 -1.84 37.44
N TRP A 455 -20.13 -2.87 37.54
CA TRP A 455 -20.37 -3.96 38.49
C TRP A 455 -19.58 -3.75 39.80
N GLY A 456 -18.78 -2.69 39.85
CA GLY A 456 -18.22 -2.22 41.10
C GLY A 456 -17.10 -3.04 41.71
N ILE A 457 -16.44 -3.85 40.88
CA ILE A 457 -15.37 -4.75 41.34
C ILE A 457 -13.95 -4.23 41.13
N ASP A 458 -13.21 -4.03 42.22
CA ASP A 458 -11.78 -3.75 42.09
C ASP A 458 -11.09 -5.06 41.67
N ILE A 459 -10.30 -4.99 40.60
CA ILE A 459 -9.75 -6.17 39.94
C ILE A 459 -8.26 -6.06 39.61
N GLU A 460 -7.53 -7.18 39.77
CA GLU A 460 -6.20 -7.25 39.16
C GLU A 460 -6.24 -7.94 37.79
N VAL A 461 -5.45 -7.39 36.86
CA VAL A 461 -5.46 -7.81 35.46
C VAL A 461 -4.04 -7.98 34.94
N SER A 462 -3.70 -9.21 34.59
CA SER A 462 -2.40 -9.55 34.01
C SER A 462 -2.16 -8.86 32.68
N GLU A 463 -0.89 -8.82 32.26
CA GLU A 463 -0.56 -8.45 30.91
C GLU A 463 -1.28 -9.44 29.97
N PRO A 464 -1.70 -8.97 28.79
CA PRO A 464 -2.48 -9.83 27.89
C PRO A 464 -1.61 -10.92 27.30
N ILE A 465 -2.17 -12.10 27.04
CA ILE A 465 -1.39 -13.09 26.30
C ILE A 465 -1.98 -13.33 24.93
N VAL A 466 -1.12 -13.44 23.91
CA VAL A 466 -1.55 -13.82 22.58
C VAL A 466 -1.70 -15.33 22.45
N VAL A 467 -2.77 -15.74 21.78
CA VAL A 467 -3.02 -17.13 21.46
C VAL A 467 -2.36 -17.55 20.15
N TYR A 468 -1.46 -18.53 20.17
CA TYR A 468 -0.72 -18.92 18.96
C TYR A 468 -1.23 -20.23 18.39
N ARG A 469 -0.69 -20.64 17.25
CA ARG A 469 -1.03 -21.95 16.72
C ARG A 469 0.24 -22.62 16.21
N GLU A 470 0.13 -23.90 15.84
CA GLU A 470 1.30 -24.66 15.40
C GLU A 470 0.99 -25.34 14.10
N SER A 471 2.01 -25.55 13.28
CA SER A 471 1.85 -26.28 12.04
C SER A 471 3.16 -26.94 11.65
N ILE A 472 3.24 -27.40 10.41
CA ILE A 472 4.48 -27.97 9.91
C ILE A 472 4.74 -27.47 8.50
N THR A 473 5.97 -27.64 8.04
CA THR A 473 6.28 -27.11 6.72
C THR A 473 6.75 -28.14 5.69
N LYS A 474 7.24 -29.32 6.14
CA LYS A 474 7.60 -30.42 5.25
C LYS A 474 6.82 -31.70 5.60
N SER A 475 6.88 -32.69 4.71
CA SER A 475 6.32 -34.01 4.98
C SER A 475 7.26 -34.81 5.89
N SER A 476 6.67 -35.73 6.63
CA SER A 476 7.41 -36.53 7.58
C SER A 476 7.77 -37.88 7.02
N PRO A 477 8.79 -38.52 7.60
CA PRO A 477 8.93 -39.94 7.30
C PRO A 477 7.82 -40.72 8.05
N MET A 478 7.64 -42.00 7.74
CA MET A 478 6.60 -42.80 8.39
C MET A 478 6.95 -42.98 9.86
N VAL A 479 5.94 -42.88 10.71
CA VAL A 479 6.16 -43.00 12.14
C VAL A 479 5.16 -44.04 12.69
N GLU A 480 5.63 -44.80 13.68
CA GLU A 480 4.86 -45.83 14.32
C GLU A 480 4.45 -45.37 15.71
N GLY A 481 3.18 -45.56 16.05
CA GLY A 481 2.76 -45.47 17.43
C GLY A 481 2.31 -46.84 17.91
N LYS A 482 2.85 -47.30 19.04
CA LYS A 482 2.41 -48.55 19.66
C LYS A 482 1.65 -48.22 20.93
N SER A 483 0.53 -48.92 21.16
CA SER A 483 -0.14 -48.83 22.46
C SER A 483 0.81 -49.36 23.53
N PRO A 484 0.65 -48.90 24.77
CA PRO A 484 1.47 -49.38 25.90
C PRO A 484 1.51 -50.92 26.04
N ASN A 485 0.37 -51.59 25.85
CA ASN A 485 0.33 -53.05 25.95
C ASN A 485 0.88 -53.73 24.69
N ARG A 486 1.28 -52.92 23.72
CA ARG A 486 1.94 -53.40 22.49
C ARG A 486 1.14 -54.40 21.65
N HIS A 487 -0.18 -54.33 21.68
CA HIS A 487 -0.98 -55.17 20.78
C HIS A 487 -1.63 -54.43 19.61
N ASN A 488 -1.48 -53.10 19.59
CA ASN A 488 -2.00 -52.27 18.50
C ASN A 488 -0.93 -51.31 17.99
N ARG A 489 -0.81 -51.22 16.68
CA ARG A 489 0.22 -50.39 16.08
C ARG A 489 -0.37 -49.56 14.96
N PHE A 490 0.11 -48.33 14.82
CA PHE A 490 -0.34 -47.48 13.73
C PHE A 490 0.84 -46.82 13.02
N TYR A 491 0.78 -46.82 11.69
CA TYR A 491 1.86 -46.24 10.88
C TYR A 491 1.33 -45.01 10.11
N ILE A 492 1.87 -43.84 10.44
CA ILE A 492 1.39 -42.60 9.83
C ILE A 492 2.44 -41.76 9.14
N VAL A 493 1.95 -40.79 8.36
CA VAL A 493 2.75 -39.63 8.00
C VAL A 493 1.92 -38.38 8.26
N VAL A 494 2.59 -37.27 8.51
CA VAL A 494 1.90 -35.99 8.47
C VAL A 494 2.45 -35.16 7.32
N GLU A 495 1.56 -34.39 6.68
CA GLU A 495 1.96 -33.55 5.57
C GLU A 495 1.44 -32.13 5.75
N PRO A 496 2.19 -31.14 5.24
CA PRO A 496 1.70 -29.76 5.29
C PRO A 496 0.43 -29.66 4.47
N MET A 497 -0.62 -29.02 4.98
CA MET A 497 -1.83 -28.92 4.20
C MET A 497 -1.69 -27.77 3.22
N PRO A 498 -1.92 -28.02 1.92
CA PRO A 498 -1.89 -26.93 0.93
C PRO A 498 -2.89 -25.81 1.29
N ASP A 499 -2.45 -24.55 1.16
CA ASP A 499 -3.30 -23.38 1.36
C ASP A 499 -4.70 -23.53 0.78
N GLU A 500 -4.77 -24.03 -0.45
CA GLU A 500 -6.03 -24.05 -1.17
C GLU A 500 -7.02 -24.95 -0.42
N ILE A 501 -6.51 -26.01 0.19
CA ILE A 501 -7.38 -26.92 0.94
C ILE A 501 -7.80 -26.33 2.29
N TYR A 502 -6.84 -25.77 3.01
CA TYR A 502 -7.14 -25.10 4.27
C TYR A 502 -8.21 -24.02 4.08
N ASN A 503 -8.02 -23.16 3.09
CA ASN A 503 -8.98 -22.09 2.84
C ASN A 503 -10.35 -22.68 2.53
N ALA A 504 -10.36 -23.77 1.77
CA ALA A 504 -11.59 -24.47 1.43
C ALA A 504 -12.29 -24.96 2.68
N ILE A 505 -11.50 -25.31 3.69
CA ILE A 505 -12.10 -25.76 4.95
C ILE A 505 -12.62 -24.57 5.73
N LYS A 506 -11.81 -23.52 5.80
CA LYS A 506 -12.17 -22.37 6.61
C LYS A 506 -13.43 -21.66 6.08
N GLU A 507 -13.63 -21.69 4.76
CA GLU A 507 -14.76 -20.96 4.18
C GLU A 507 -15.88 -21.91 3.78
N GLY A 508 -15.93 -23.07 4.41
CA GLY A 508 -17.09 -23.92 4.40
C GLY A 508 -17.28 -24.90 3.24
N ILE A 509 -16.59 -24.67 2.13
CA ILE A 509 -16.70 -25.57 0.99
C ILE A 509 -16.53 -27.03 1.43
N ILE A 510 -15.48 -27.29 2.21
CA ILE A 510 -15.34 -28.59 2.87
C ILE A 510 -15.70 -28.46 4.36
N PRO A 511 -16.76 -29.19 4.77
CA PRO A 511 -17.35 -29.05 6.11
C PRO A 511 -16.48 -29.61 7.22
N GLU A 512 -16.62 -29.03 8.41
CA GLU A 512 -15.94 -29.56 9.57
C GLU A 512 -16.66 -30.82 10.06
N GLY A 513 -15.91 -31.74 10.64
CA GLY A 513 -16.51 -32.78 11.44
C GLY A 513 -16.21 -34.10 10.83
N ARG A 514 -16.71 -35.15 11.45
CA ARG A 514 -16.60 -36.50 10.89
C ARG A 514 -17.25 -36.48 9.48
N VAL A 515 -16.58 -37.05 8.48
CA VAL A 515 -16.98 -36.84 7.09
C VAL A 515 -18.17 -37.72 6.65
N LYS A 516 -19.32 -37.07 6.52
CA LYS A 516 -20.57 -37.73 6.15
C LYS A 516 -20.55 -38.29 4.73
N ASN A 517 -20.07 -37.49 3.77
CA ASN A 517 -20.05 -37.92 2.37
C ASN A 517 -18.62 -38.04 1.82
N PRO A 518 -17.95 -39.14 2.16
CA PRO A 518 -16.54 -39.36 1.80
C PRO A 518 -16.24 -39.23 0.30
N LYS A 519 -17.06 -39.85 -0.56
CA LYS A 519 -16.71 -39.85 -1.99
C LYS A 519 -16.96 -38.48 -2.62
N GLU A 520 -17.86 -37.69 -2.04
CA GLU A 520 -18.09 -36.33 -2.50
C GLU A 520 -16.94 -35.37 -2.10
N VAL A 521 -16.55 -35.45 -0.83
CA VAL A 521 -15.49 -34.62 -0.30
C VAL A 521 -14.17 -34.98 -0.95
N ALA A 522 -13.97 -36.27 -1.22
CA ALA A 522 -12.73 -36.73 -1.85
C ALA A 522 -12.60 -36.07 -3.22
N LYS A 523 -13.71 -36.03 -3.95
CA LYS A 523 -13.70 -35.42 -5.27
C LYS A 523 -13.42 -33.92 -5.14
N LYS A 524 -13.97 -33.26 -4.12
CA LYS A 524 -13.69 -31.84 -3.97
C LYS A 524 -12.22 -31.61 -3.62
N LEU A 525 -11.66 -32.48 -2.79
CA LEU A 525 -10.26 -32.36 -2.43
C LEU A 525 -9.36 -32.53 -3.65
N ALA A 526 -9.73 -33.49 -4.51
CA ALA A 526 -8.97 -33.74 -5.74
C ALA A 526 -9.13 -32.58 -6.72
N GLU A 527 -10.26 -31.89 -6.69
CA GLU A 527 -10.43 -30.65 -7.47
C GLU A 527 -9.37 -29.62 -7.05
N LEU A 528 -9.23 -29.46 -5.73
CA LEU A 528 -8.10 -28.76 -5.15
C LEU A 528 -6.86 -29.60 -5.47
N GLY A 529 -5.69 -29.28 -4.97
CA GLY A 529 -4.54 -30.06 -5.42
C GLY A 529 -4.39 -31.57 -5.14
N MET A 530 -5.32 -32.17 -4.40
CA MET A 530 -4.98 -33.47 -3.78
C MET A 530 -5.14 -34.67 -4.71
N ASP A 531 -4.23 -35.62 -4.56
CA ASP A 531 -4.33 -36.90 -5.25
C ASP A 531 -5.63 -37.62 -4.88
N TYR A 532 -6.43 -37.93 -5.91
CA TYR A 532 -7.80 -38.39 -5.67
C TYR A 532 -7.86 -39.72 -4.93
N GLU A 533 -6.96 -40.64 -5.27
CA GLU A 533 -7.00 -41.94 -4.64
C GLU A 533 -6.70 -41.84 -3.12
N ILE A 534 -5.66 -41.08 -2.75
CA ILE A 534 -5.43 -40.81 -1.34
C ILE A 534 -6.64 -40.08 -0.73
N ALA A 535 -7.21 -39.13 -1.48
CA ALA A 535 -8.33 -38.33 -1.01
C ALA A 535 -9.54 -39.16 -0.59
N ARG A 536 -9.67 -40.34 -1.17
CA ARG A 536 -10.87 -41.13 -0.93
C ARG A 536 -10.88 -41.68 0.48
N GLY A 537 -9.72 -41.74 1.11
CA GLY A 537 -9.61 -42.21 2.48
C GLY A 537 -9.99 -41.15 3.53
N ILE A 538 -10.45 -39.99 3.07
CA ILE A 538 -10.79 -38.90 3.96
C ILE A 538 -11.73 -39.39 5.05
N VAL A 539 -11.40 -39.09 6.30
CA VAL A 539 -12.22 -39.53 7.42
C VAL A 539 -12.73 -38.37 8.26
N ASP A 540 -11.84 -37.45 8.64
CA ASP A 540 -12.27 -36.41 9.58
C ASP A 540 -11.66 -35.08 9.22
N ILE A 541 -12.40 -34.01 9.50
CA ILE A 541 -11.87 -32.69 9.38
C ILE A 541 -12.06 -31.98 10.71
N TYR A 542 -10.99 -31.42 11.22
CA TYR A 542 -11.02 -30.93 12.58
C TYR A 542 -10.16 -29.71 12.76
N ASN A 543 -10.81 -28.59 13.05
CA ASN A 543 -10.10 -27.35 13.37
C ASN A 543 -8.90 -27.08 12.45
N GLY A 544 -9.11 -27.19 11.14
CA GLY A 544 -8.10 -26.83 10.17
C GLY A 544 -7.12 -27.96 9.85
N ASN A 545 -7.47 -29.18 10.24
CA ASN A 545 -6.63 -30.33 9.99
C ASN A 545 -7.51 -31.45 9.47
N MET A 546 -6.91 -32.51 8.96
CA MET A 546 -7.72 -33.62 8.50
C MET A 546 -7.01 -34.92 8.77
N PHE A 547 -7.79 -35.97 8.91
CA PHE A 547 -7.26 -37.29 9.14
C PHE A 547 -7.69 -38.13 7.97
N ILE A 548 -6.76 -38.94 7.43
CA ILE A 548 -6.99 -39.73 6.23
C ILE A 548 -6.54 -41.19 6.40
N ASP A 549 -7.43 -42.12 6.07
CA ASP A 549 -7.14 -43.56 6.19
C ASP A 549 -6.79 -44.12 4.81
N ASN A 550 -5.52 -44.46 4.61
CA ASN A 550 -5.08 -45.03 3.34
C ASN A 550 -4.58 -46.45 3.55
N THR A 551 -5.14 -47.12 4.57
CA THR A 551 -4.82 -48.51 4.83
C THR A 551 -5.71 -49.39 3.96
N LYS A 552 -5.28 -50.62 3.70
CA LYS A 552 -6.16 -51.61 3.05
C LYS A 552 -6.05 -52.95 3.79
N GLY A 553 -7.19 -53.61 3.98
CA GLY A 553 -7.18 -54.93 4.58
C GLY A 553 -6.59 -55.00 5.97
N VAL A 554 -6.91 -54.02 6.81
CA VAL A 554 -6.57 -54.06 8.23
C VAL A 554 -7.78 -54.51 9.02
N GLN A 555 -7.79 -55.78 9.43
CA GLN A 555 -8.93 -56.32 10.14
C GLN A 555 -9.14 -55.55 11.44
N TYR A 556 -10.39 -55.22 11.71
CA TYR A 556 -10.81 -54.52 12.93
C TYR A 556 -10.33 -53.08 13.03
N LEU A 557 -9.75 -52.53 11.97
CA LEU A 557 -9.50 -51.10 11.98
C LEU A 557 -10.79 -50.35 12.32
N ASN A 558 -11.91 -50.82 11.75
CA ASN A 558 -13.23 -50.20 11.96
C ASN A 558 -13.61 -50.17 13.43
N GLU A 559 -13.12 -51.12 14.21
CA GLU A 559 -13.35 -51.11 15.66
C GLU A 559 -12.63 -49.98 16.40
N VAL A 560 -11.52 -49.49 15.87
CA VAL A 560 -10.80 -48.44 16.59
C VAL A 560 -10.88 -47.05 15.96
N MET A 561 -11.50 -46.91 14.78
CA MET A 561 -11.46 -45.65 14.05
C MET A 561 -11.97 -44.47 14.90
N ASP A 562 -13.04 -44.67 15.67
CA ASP A 562 -13.55 -43.59 16.55
C ASP A 562 -12.49 -43.13 17.57
N LEU A 563 -11.76 -44.07 18.16
CA LEU A 563 -10.76 -43.72 19.17
C LEU A 563 -9.57 -43.01 18.51
N LEU A 564 -9.20 -43.47 17.31
CA LEU A 564 -8.14 -42.84 16.54
C LEU A 564 -8.48 -41.38 16.27
N ILE A 565 -9.74 -41.12 15.92
CA ILE A 565 -10.19 -39.73 15.68
C ILE A 565 -10.18 -38.90 16.97
N ASP A 566 -10.65 -39.49 18.09
CA ASP A 566 -10.49 -38.79 19.37
C ASP A 566 -9.02 -38.41 19.62
N GLY A 567 -8.13 -39.37 19.41
CA GLY A 567 -6.70 -39.16 19.64
C GLY A 567 -6.10 -38.13 18.69
N PHE A 568 -6.49 -38.23 17.41
CA PHE A 568 -6.22 -37.20 16.41
C PHE A 568 -6.59 -35.84 16.97
N HIS A 569 -7.79 -35.72 17.49
CA HIS A 569 -8.27 -34.46 18.04
C HIS A 569 -7.43 -33.97 19.22
N GLN A 570 -7.03 -34.91 20.07
CA GLN A 570 -6.16 -34.56 21.21
C GLN A 570 -4.83 -34.05 20.72
N ALA A 571 -4.29 -34.73 19.71
CA ALA A 571 -3.02 -34.32 19.12
C ALA A 571 -3.08 -32.90 18.51
N MET A 572 -4.22 -32.55 17.89
CA MET A 572 -4.41 -31.19 17.30
C MET A 572 -4.76 -30.13 18.34
N ASP A 573 -5.39 -30.56 19.43
CA ASP A 573 -5.75 -29.65 20.52
C ASP A 573 -4.49 -28.98 21.09
N GLU A 574 -3.42 -29.76 21.24
CA GLU A 574 -2.18 -29.26 21.81
C GLU A 574 -1.01 -29.79 21.00
N GLY A 575 -0.33 -28.93 20.25
CA GLY A 575 0.78 -29.39 19.43
C GLY A 575 2.03 -29.60 20.26
N PRO A 576 3.04 -30.24 19.66
CA PRO A 576 4.28 -30.63 20.32
C PRO A 576 5.23 -29.47 20.60
N LEU A 577 5.11 -28.36 19.89
CA LEU A 577 6.05 -27.27 20.15
C LEU A 577 5.76 -26.56 21.46
N ALA A 578 4.48 -26.29 21.71
CA ALA A 578 4.12 -25.41 22.81
C ALA A 578 2.74 -25.68 23.36
N ARG A 579 2.15 -26.81 22.98
CA ARG A 579 0.77 -27.15 23.37
C ARG A 579 -0.27 -26.12 22.90
N GLU A 580 0.04 -25.44 21.79
CA GLU A 580 -0.91 -24.53 21.14
C GLU A 580 -1.71 -25.29 20.08
N PRO A 581 -2.93 -24.83 19.78
CA PRO A 581 -3.73 -25.59 18.81
C PRO A 581 -3.04 -25.70 17.44
N VAL A 582 -3.20 -26.84 16.82
CA VAL A 582 -2.57 -27.13 15.53
C VAL A 582 -3.48 -26.73 14.35
N MET A 583 -2.91 -26.16 13.31
CA MET A 583 -3.63 -25.92 12.05
C MET A 583 -2.85 -26.46 10.86
N LYS A 584 -3.55 -26.70 9.74
CA LYS A 584 -2.93 -26.98 8.45
C LYS A 584 -2.08 -28.28 8.42
N VAL A 585 -2.52 -29.33 9.13
CA VAL A 585 -1.85 -30.60 9.09
C VAL A 585 -2.75 -31.70 8.51
N ILE A 586 -2.17 -32.53 7.66
CA ILE A 586 -2.83 -33.73 7.19
C ILE A 586 -2.21 -34.93 7.89
N VAL A 587 -3.02 -35.70 8.59
CA VAL A 587 -2.54 -36.97 9.10
C VAL A 587 -3.01 -38.06 8.15
N ARG A 588 -2.09 -38.92 7.73
CA ARG A 588 -2.51 -40.04 6.89
C ARG A 588 -2.09 -41.33 7.59
N LEU A 589 -3.06 -42.23 7.70
CA LEU A 589 -2.83 -43.55 8.27
C LEU A 589 -2.42 -44.48 7.15
N LEU A 590 -1.18 -44.97 7.16
CA LEU A 590 -0.69 -45.80 6.06
C LEU A 590 -0.92 -47.27 6.32
N ASP A 591 -0.81 -47.66 7.58
CA ASP A 591 -0.95 -49.06 7.95
C ASP A 591 -1.17 -49.18 9.45
N ALA A 592 -1.62 -50.37 9.88
CA ALA A 592 -2.03 -50.59 11.26
C ALA A 592 -2.22 -52.07 11.58
N GLN A 593 -2.00 -52.40 12.84
CA GLN A 593 -2.29 -53.74 13.33
C GLN A 593 -3.18 -53.57 14.55
N VAL A 594 -4.37 -54.16 14.50
CA VAL A 594 -5.34 -53.98 15.59
C VAL A 594 -5.80 -55.29 16.22
N HIS A 595 -5.75 -55.35 17.55
CA HIS A 595 -6.08 -56.57 18.25
C HIS A 595 -7.52 -57.02 18.03
N GLU A 596 -7.70 -58.34 17.95
CA GLU A 596 -9.00 -59.01 17.86
C GLU A 596 -10.04 -58.55 18.89
N ASP A 597 -9.55 -58.23 20.08
CA ASP A 597 -10.38 -58.23 21.26
C ASP A 597 -10.35 -56.89 21.95
N ASN A 598 -11.51 -56.29 22.14
CA ASN A 598 -11.59 -54.97 22.75
C ASN A 598 -10.98 -54.86 24.15
N VAL A 599 -10.75 -55.99 24.82
CA VAL A 599 -10.19 -55.94 26.17
C VAL A 599 -8.73 -55.48 26.08
N HIS A 600 -8.16 -55.60 24.89
CA HIS A 600 -6.82 -55.14 24.63
C HIS A 600 -6.75 -53.86 23.79
N ARG A 601 -7.86 -53.11 23.75
CA ARG A 601 -7.96 -51.89 22.93
C ARG A 601 -8.71 -50.78 23.63
N GLY A 602 -8.32 -50.38 24.82
CA GLY A 602 -9.08 -49.30 25.42
C GLY A 602 -8.72 -47.94 24.84
N PRO A 603 -9.41 -46.87 25.30
CA PRO A 603 -8.92 -45.52 25.01
C PRO A 603 -7.49 -45.39 25.48
N ALA A 604 -7.17 -46.04 26.60
CA ALA A 604 -5.88 -45.95 27.25
C ALA A 604 -4.80 -46.60 26.40
N GLN A 605 -5.19 -47.41 25.43
CA GLN A 605 -4.23 -48.03 24.53
C GLN A 605 -4.14 -47.25 23.22
N ILE A 606 -5.29 -46.92 22.64
CA ILE A 606 -5.32 -46.29 21.33
C ILE A 606 -4.91 -44.81 21.36
N TYR A 607 -5.41 -44.06 22.34
CA TYR A 607 -5.10 -42.64 22.43
C TYR A 607 -3.58 -42.38 22.45
N PRO A 608 -2.84 -43.02 23.39
CA PRO A 608 -1.44 -42.58 23.40
C PRO A 608 -0.69 -43.06 22.16
N ALA A 609 -1.10 -44.16 21.56
CA ALA A 609 -0.43 -44.63 20.36
C ALA A 609 -0.52 -43.63 19.19
N ILE A 610 -1.71 -43.12 18.93
CA ILE A 610 -1.88 -42.25 17.77
C ILE A 610 -1.47 -40.82 18.13
N ARG A 611 -1.58 -40.46 19.39
CA ARG A 611 -1.21 -39.12 19.82
C ARG A 611 0.30 -38.92 19.68
N THR A 612 1.08 -39.87 20.21
CA THR A 612 2.53 -39.70 20.24
C THR A 612 3.07 -39.83 18.83
N ALA A 613 2.50 -40.75 18.06
CA ALA A 613 2.89 -40.89 16.66
C ALA A 613 2.73 -39.57 15.91
N ILE A 614 1.59 -38.91 16.11
CA ILE A 614 1.31 -37.68 15.37
C ILE A 614 2.32 -36.62 15.80
N HIS A 615 2.52 -36.47 17.10
CA HIS A 615 3.41 -35.45 17.63
C HIS A 615 4.88 -35.67 17.26
N CYS A 616 5.33 -36.92 17.30
CA CYS A 616 6.70 -37.27 16.92
C CYS A 616 6.91 -36.97 15.43
N ALA A 617 5.96 -37.38 14.61
CA ALA A 617 6.03 -37.16 13.16
C ALA A 617 6.09 -35.66 12.83
N MET A 618 5.23 -34.90 13.48
CA MET A 618 5.22 -33.46 13.31
C MET A 618 6.61 -32.87 13.67
N MET A 619 7.23 -33.38 14.72
CA MET A 619 8.54 -32.89 15.16
C MET A 619 9.61 -33.15 14.10
N LYS A 620 9.34 -34.12 13.24
CA LYS A 620 10.28 -34.47 12.17
C LYS A 620 9.98 -33.71 10.90
N SER A 621 9.03 -32.79 10.95
CA SER A 621 8.54 -32.13 9.72
C SER A 621 8.73 -30.58 9.73
N ASN A 622 9.75 -30.12 10.44
CA ASN A 622 9.97 -28.70 10.68
C ASN A 622 8.73 -28.04 11.27
N PRO A 623 8.45 -28.35 12.53
CA PRO A 623 7.28 -27.75 13.20
C PRO A 623 7.52 -26.25 13.41
N VAL A 624 6.49 -25.46 13.20
CA VAL A 624 6.61 -24.01 13.25
C VAL A 624 5.41 -23.41 14.00
N LEU A 625 5.59 -22.20 14.50
CA LEU A 625 4.50 -21.46 15.12
C LEU A 625 3.78 -20.54 14.12
N TYR A 626 2.48 -20.41 14.30
CA TYR A 626 1.69 -19.40 13.57
C TYR A 626 1.11 -18.39 14.55
N GLU A 627 0.97 -17.15 14.09
CA GLU A 627 0.46 -16.09 14.98
C GLU A 627 -0.73 -15.41 14.32
N PRO A 628 -1.66 -14.90 15.15
CA PRO A 628 -2.85 -14.26 14.54
C PRO A 628 -2.59 -12.83 14.02
N TYR A 629 -3.31 -12.49 12.96
CA TYR A 629 -3.23 -11.15 12.38
C TYR A 629 -4.57 -10.46 12.50
N GLN A 630 -4.53 -9.14 12.54
CA GLN A 630 -5.75 -8.34 12.47
C GLN A 630 -5.78 -7.59 11.17
N LYS A 631 -6.95 -7.54 10.58
CA LYS A 631 -7.19 -6.62 9.48
C LYS A 631 -7.48 -5.27 10.11
N VAL A 632 -6.75 -4.26 9.71
CA VAL A 632 -6.86 -2.96 10.30
C VAL A 632 -7.50 -1.97 9.33
N ILE A 633 -8.63 -1.39 9.74
CA ILE A 633 -9.41 -0.50 8.87
C ILE A 633 -9.37 0.90 9.43
N ILE A 634 -8.63 1.78 8.77
CA ILE A 634 -8.37 3.10 9.31
C ILE A 634 -8.93 4.19 8.39
N ASN A 635 -9.68 5.11 8.98
CA ASN A 635 -10.25 6.23 8.28
C ASN A 635 -9.64 7.57 8.75
N ILE A 636 -9.01 8.31 7.85
CA ILE A 636 -8.29 9.52 8.23
C ILE A 636 -8.37 10.66 7.21
N PRO A 637 -8.25 11.91 7.69
CA PRO A 637 -7.91 13.06 6.84
C PRO A 637 -6.58 12.78 6.12
N TYR A 638 -6.48 13.15 4.84
CA TYR A 638 -5.35 12.70 4.01
C TYR A 638 -4.00 13.11 4.56
N GLU A 639 -3.97 14.20 5.33
CA GLU A 639 -2.71 14.76 5.82
C GLU A 639 -1.94 13.80 6.70
N TYR A 640 -2.65 12.83 7.27
CA TYR A 640 -2.04 11.86 8.20
C TYR A 640 -1.61 10.54 7.54
N MET A 641 -1.77 10.44 6.23
CA MET A 641 -1.48 9.20 5.50
C MET A 641 -0.05 8.68 5.72
N GLY A 642 0.91 9.58 5.66
CA GLY A 642 2.29 9.21 5.82
C GLY A 642 2.52 8.66 7.22
N ALA A 643 1.99 9.39 8.21
CA ALA A 643 2.25 9.04 9.60
C ALA A 643 1.61 7.70 9.94
N VAL A 644 0.42 7.45 9.39
CA VAL A 644 -0.27 6.23 9.72
C VAL A 644 0.47 5.04 9.10
N SER A 645 0.96 5.23 7.88
CA SER A 645 1.67 4.15 7.20
C SER A 645 2.89 3.72 8.00
N ARG A 646 3.63 4.71 8.47
CA ARG A 646 4.81 4.49 9.29
C ARG A 646 4.40 3.70 10.53
N GLU A 647 3.29 4.07 11.13
CA GLU A 647 2.85 3.40 12.34
C GLU A 647 2.52 1.92 12.10
N ILE A 648 1.98 1.60 10.93
CA ILE A 648 1.63 0.23 10.60
C ILE A 648 2.88 -0.60 10.33
N THR A 649 3.80 -0.04 9.57
CA THR A 649 5.08 -0.66 9.25
C THR A 649 5.91 -0.91 10.52
N GLN A 650 5.84 0.02 11.47
CA GLN A 650 6.59 -0.16 12.71
C GLN A 650 6.09 -1.34 13.53
N ARG A 651 4.85 -1.78 13.27
CA ARG A 651 4.32 -2.95 13.98
C ARG A 651 4.27 -4.21 13.08
N ARG A 652 5.26 -4.35 12.21
CA ARG A 652 5.39 -5.51 11.33
C ARG A 652 4.16 -5.64 10.46
N GLY A 653 3.54 -4.53 10.11
CA GLY A 653 2.32 -4.60 9.35
C GLY A 653 2.53 -4.24 7.89
N GLN A 654 1.49 -4.43 7.11
CA GLN A 654 1.57 -4.08 5.71
C GLN A 654 0.27 -3.45 5.25
N LEU A 655 0.40 -2.44 4.42
CA LEU A 655 -0.75 -1.85 3.76
C LEU A 655 -1.23 -2.84 2.72
N VAL A 656 -2.53 -3.07 2.70
CA VAL A 656 -3.11 -3.99 1.76
C VAL A 656 -3.85 -3.20 0.69
N ASP A 657 -4.56 -2.16 1.12
CA ASP A 657 -5.42 -1.44 0.20
C ASP A 657 -5.56 0.01 0.64
N MET A 658 -5.99 0.85 -0.29
CA MET A 658 -5.99 2.29 -0.07
C MET A 658 -7.05 2.93 -0.94
N LYS A 659 -8.08 3.47 -0.30
CA LYS A 659 -9.19 4.08 -1.01
C LYS A 659 -9.31 5.56 -0.65
N GLN A 660 -9.67 6.36 -1.64
CA GLN A 660 -9.65 7.79 -1.52
C GLN A 660 -11.00 8.36 -1.94
N GLU A 661 -11.45 9.37 -1.19
CA GLU A 661 -12.67 10.11 -1.49
C GLU A 661 -12.39 11.55 -1.08
N GLY A 662 -12.14 12.38 -2.07
CA GLY A 662 -11.83 13.77 -1.80
C GLY A 662 -10.64 13.90 -0.86
N GLU A 663 -10.90 14.52 0.28
CA GLU A 663 -9.84 14.78 1.26
C GLU A 663 -9.75 13.72 2.36
N VAL A 664 -10.52 12.64 2.22
CA VAL A 664 -10.49 11.60 3.22
C VAL A 664 -9.91 10.30 2.62
N MET A 665 -9.39 9.46 3.50
CA MET A 665 -8.57 8.34 3.12
C MET A 665 -8.98 7.14 3.97
N THR A 666 -9.20 6.01 3.31
CA THR A 666 -9.51 4.78 4.02
C THR A 666 -8.39 3.84 3.71
N ILE A 667 -7.65 3.39 4.71
CA ILE A 667 -6.59 2.43 4.40
C ILE A 667 -6.88 1.11 5.11
N ILE A 668 -6.52 0.03 4.44
CA ILE A 668 -6.65 -1.30 5.01
C ILE A 668 -5.26 -1.88 5.18
N ALA A 669 -4.99 -2.43 6.36
CA ALA A 669 -3.68 -2.99 6.65
C ALA A 669 -3.84 -4.32 7.38
N GLU A 670 -2.75 -5.07 7.46
CA GLU A 670 -2.69 -6.28 8.28
C GLU A 670 -1.47 -6.22 9.19
N ALA A 671 -1.64 -6.62 10.44
CA ALA A 671 -0.54 -6.60 11.39
C ALA A 671 -0.75 -7.71 12.42
N PRO A 672 0.34 -8.35 12.86
CA PRO A 672 0.28 -9.32 13.96
C PRO A 672 -0.44 -8.80 15.20
N VAL A 673 -1.39 -9.57 15.74
CA VAL A 673 -2.03 -9.21 16.99
C VAL A 673 -0.98 -8.86 18.06
N ALA A 674 0.09 -9.65 18.12
CA ALA A 674 1.21 -9.42 19.04
C ALA A 674 1.84 -8.03 18.90
N GLU A 675 1.75 -7.44 17.72
CA GLU A 675 2.31 -6.11 17.52
C GLU A 675 1.27 -4.98 17.63
N MET A 676 0.02 -5.29 18.00
CA MET A 676 -1.03 -4.26 17.98
C MET A 676 -1.46 -3.66 19.34
N PHE A 677 -0.90 -4.15 20.45
CA PHE A 677 -1.17 -3.57 21.77
C PHE A 677 -0.75 -2.12 21.83
N GLY A 678 -1.65 -1.27 22.31
CA GLY A 678 -1.36 0.15 22.44
C GLY A 678 -1.65 0.97 21.18
N PHE A 679 -2.25 0.32 20.19
CA PHE A 679 -2.37 0.95 18.88
C PHE A 679 -3.26 2.18 18.92
N ALA A 680 -4.31 2.14 19.75
CA ALA A 680 -5.19 3.31 19.91
C ALA A 680 -4.37 4.52 20.26
N GLY A 681 -3.43 4.35 21.19
CA GLY A 681 -2.59 5.45 21.62
C GLY A 681 -1.75 6.00 20.50
N SER A 682 -1.10 5.09 19.78
CA SER A 682 -0.20 5.48 18.72
C SER A 682 -0.95 6.18 17.60
N ILE A 683 -2.05 5.60 17.15
CA ILE A 683 -2.69 6.15 15.97
C ILE A 683 -3.38 7.48 16.36
N ARG A 684 -3.79 7.60 17.63
CA ARG A 684 -4.31 8.88 18.14
C ARG A 684 -3.31 10.03 17.98
N SER A 685 -2.13 9.89 18.57
CA SER A 685 -1.17 11.00 18.49
C SER A 685 -0.73 11.23 17.05
N ALA A 686 -0.59 10.16 16.28
CA ALA A 686 -0.16 10.33 14.91
C ALA A 686 -1.21 11.02 14.04
N THR A 687 -2.45 11.09 14.53
CA THR A 687 -3.50 11.76 13.75
C THR A 687 -4.18 12.90 14.52
N SER A 688 -3.58 13.29 15.64
CA SER A 688 -4.16 14.31 16.52
C SER A 688 -5.61 14.00 16.85
N GLY A 689 -5.87 12.74 17.15
CA GLY A 689 -7.20 12.29 17.52
C GLY A 689 -8.20 12.22 16.39
N ARG A 690 -7.74 12.26 15.14
CA ARG A 690 -8.71 12.28 14.05
C ARG A 690 -8.89 10.94 13.32
N ALA A 691 -8.15 9.92 13.72
CA ALA A 691 -8.32 8.60 13.12
C ALA A 691 -9.56 7.87 13.62
N LEU A 692 -10.32 7.32 12.69
CA LEU A 692 -11.36 6.38 12.96
C LEU A 692 -10.77 5.03 12.54
N TRP A 693 -10.86 4.01 13.40
CA TRP A 693 -10.27 2.72 13.08
C TRP A 693 -10.91 1.55 13.83
N SER A 694 -10.63 0.34 13.36
CA SER A 694 -11.22 -0.86 13.91
C SER A 694 -10.41 -2.05 13.36
N THR A 695 -10.60 -3.22 13.96
CA THR A 695 -9.90 -4.42 13.53
C THR A 695 -10.84 -5.58 13.39
N GLU A 696 -10.49 -6.47 12.47
CA GLU A 696 -11.16 -7.76 12.32
C GLU A 696 -10.11 -8.88 12.35
N HIS A 697 -10.54 -10.08 12.74
CA HIS A 697 -9.66 -11.24 12.66
C HIS A 697 -9.29 -11.47 11.20
N ALA A 698 -8.00 -11.70 10.94
CA ALA A 698 -7.58 -12.00 9.59
C ALA A 698 -6.81 -13.33 9.50
N GLY A 699 -7.15 -14.30 10.35
CA GLY A 699 -6.48 -15.59 10.29
C GLY A 699 -5.10 -15.61 10.93
N PHE A 700 -4.34 -16.65 10.62
CA PHE A 700 -3.04 -16.91 11.22
C PHE A 700 -1.97 -17.00 10.12
N LYS A 701 -0.80 -16.46 10.39
CA LYS A 701 0.35 -16.59 9.49
C LYS A 701 1.59 -17.07 10.28
N ARG A 702 2.55 -17.68 9.55
CA ARG A 702 3.71 -18.26 10.20
C ARG A 702 4.58 -17.17 10.85
N VAL A 703 4.99 -17.44 12.08
CA VAL A 703 5.88 -16.56 12.81
C VAL A 703 7.26 -16.57 12.14
N PRO A 704 7.84 -15.39 11.94
CA PRO A 704 9.17 -15.29 11.33
C PRO A 704 10.20 -16.09 12.14
N ASN A 705 11.11 -16.79 11.45
CA ASN A 705 12.03 -17.70 12.13
C ASN A 705 12.83 -17.04 13.27
N GLU A 706 13.33 -15.83 13.06
CA GLU A 706 14.15 -15.14 14.06
C GLU A 706 13.39 -14.67 15.31
N LEU A 707 12.06 -14.75 15.30
CA LEU A 707 11.26 -14.37 16.48
C LEU A 707 10.77 -15.59 17.26
N ALA A 708 10.73 -16.73 16.57
CA ALA A 708 9.96 -17.87 17.02
C ALA A 708 10.49 -18.53 18.29
N GLN A 709 11.82 -18.71 18.40
CA GLN A 709 12.36 -19.49 19.51
C GLN A 709 12.08 -18.77 20.82
N GLN A 710 12.22 -17.46 20.85
CA GLN A 710 11.92 -16.77 22.10
C GLN A 710 10.42 -16.81 22.39
N ILE A 711 9.57 -16.81 21.36
CA ILE A 711 8.13 -16.82 21.65
C ILE A 711 7.70 -18.20 22.17
N ILE A 712 8.21 -19.26 21.57
CA ILE A 712 7.96 -20.60 22.06
C ILE A 712 8.37 -20.73 23.53
N ARG A 713 9.56 -20.18 23.85
CA ARG A 713 10.12 -20.26 25.19
C ARG A 713 9.17 -19.60 26.18
N GLN A 714 8.69 -18.40 25.85
CA GLN A 714 7.69 -17.71 26.68
C GLN A 714 6.43 -18.52 26.92
N ILE A 715 5.89 -19.12 25.85
CA ILE A 715 4.63 -19.81 25.94
C ILE A 715 4.82 -20.97 26.87
N ARG A 716 5.89 -21.76 26.64
CA ARG A 716 6.15 -22.93 27.47
C ARG A 716 6.45 -22.53 28.93
N GLN A 717 7.25 -21.50 29.13
CA GLN A 717 7.49 -21.00 30.48
C GLN A 717 6.19 -20.63 31.13
N ARG A 718 5.32 -19.93 30.39
CA ARG A 718 4.06 -19.47 30.98
C ARG A 718 3.18 -20.64 31.38
N LYS A 719 3.30 -21.74 30.66
CA LYS A 719 2.42 -22.88 30.90
C LYS A 719 3.07 -23.83 31.91
N GLY A 720 4.18 -23.40 32.51
CA GLY A 720 4.87 -24.20 33.51
C GLY A 720 5.58 -25.42 32.95
N LEU A 721 5.85 -25.40 31.65
CA LEU A 721 6.60 -26.47 30.99
C LEU A 721 8.09 -26.17 30.96
N ASP A 722 8.90 -27.19 30.66
CA ASP A 722 10.31 -26.98 30.33
C ASP A 722 10.41 -26.03 29.14
N PRO A 723 11.07 -24.87 29.35
CA PRO A 723 11.12 -23.72 28.44
C PRO A 723 11.66 -24.02 27.03
N ASN A 724 12.66 -24.90 26.95
CA ASN A 724 13.25 -25.26 25.66
C ASN A 724 12.19 -25.73 24.68
N PRO A 725 12.18 -25.15 23.48
CA PRO A 725 11.44 -25.75 22.38
C PRO A 725 11.84 -27.21 22.31
N PRO A 726 10.88 -28.13 22.40
CA PRO A 726 11.21 -29.55 22.22
C PRO A 726 11.86 -29.80 20.85
N THR A 727 12.63 -30.86 20.72
CA THR A 727 13.06 -31.33 19.40
C THR A 727 12.51 -32.73 19.23
N GLU A 728 12.71 -33.34 18.07
CA GLU A 728 12.22 -34.69 17.92
C GLU A 728 12.89 -35.66 18.93
N LYS A 729 14.09 -35.34 19.39
CA LYS A 729 14.73 -36.13 20.45
C LYS A 729 13.93 -36.11 21.77
N ASP A 730 13.21 -35.03 22.04
CA ASP A 730 12.44 -34.96 23.29
C ASP A 730 11.08 -35.62 23.16
N VAL A 731 10.55 -35.69 21.94
CA VAL A 731 9.18 -36.14 21.72
C VAL A 731 9.16 -37.57 21.20
N CYS A 732 10.07 -37.88 20.28
CA CYS A 732 10.14 -39.24 19.77
C CYS A 732 10.93 -40.14 20.73
N PRO A 733 10.51 -41.41 20.84
CA PRO A 733 11.24 -42.38 21.67
C PRO A 733 12.56 -42.83 21.06
N LEU A 734 13.48 -43.30 21.91
CA LEU A 734 14.81 -43.73 21.50
C LEU A 734 14.82 -45.09 20.82
N PHE A 735 15.79 -45.24 19.92
CA PHE A 735 15.96 -46.32 18.92
C PHE A 735 14.70 -47.11 18.54
N ILE B 11 35.71 36.07 -24.90
CA ILE B 11 36.45 34.81 -24.80
C ILE B 11 37.49 34.88 -23.67
N ALA B 12 38.02 36.07 -23.45
CA ALA B 12 38.84 36.33 -22.28
C ALA B 12 38.01 37.09 -21.25
N LYS B 13 36.88 37.61 -21.70
CA LYS B 13 35.93 38.22 -20.78
C LYS B 13 35.34 37.09 -19.97
N ILE B 14 35.20 35.94 -20.62
CA ILE B 14 34.67 34.75 -19.98
C ILE B 14 35.55 34.34 -18.80
N LYS B 15 36.86 34.27 -19.04
CA LYS B 15 37.79 33.88 -17.98
C LYS B 15 37.94 34.98 -16.92
N GLU B 16 37.67 36.22 -17.32
CA GLU B 16 37.50 37.30 -16.35
C GLU B 16 36.33 36.98 -15.41
N LEU B 17 35.22 36.55 -16.00
CA LEU B 17 33.96 36.29 -15.29
C LEU B 17 33.98 34.96 -14.56
N MET B 18 34.67 33.99 -15.14
CA MET B 18 34.78 32.63 -14.62
C MET B 18 35.26 32.61 -13.17
N LEU B 19 36.08 33.58 -12.81
CA LEU B 19 36.61 33.66 -11.44
C LEU B 19 35.63 34.31 -10.47
N GLN B 20 34.63 35.02 -10.99
CA GLN B 20 33.69 35.74 -10.13
C GLN B 20 32.35 35.01 -10.01
N PRO B 21 32.13 34.33 -8.87
CA PRO B 21 30.91 33.53 -8.64
C PRO B 21 29.60 34.33 -8.74
N GLU B 22 29.54 35.54 -8.19
CA GLU B 22 28.27 36.27 -8.21
C GLU B 22 27.93 36.90 -9.56
N ARG B 23 28.78 36.66 -10.54
CA ARG B 23 28.54 37.09 -11.92
C ARG B 23 28.07 35.91 -12.80
N ILE B 24 27.93 34.76 -12.15
CA ILE B 24 27.50 33.53 -12.81
C ILE B 24 26.02 33.21 -12.52
N ARG B 25 25.30 32.81 -13.57
CA ARG B 25 23.95 32.27 -13.40
C ARG B 25 23.87 30.89 -14.06
N ASN B 26 23.64 29.87 -13.25
CA ASN B 26 23.40 28.53 -13.76
C ASN B 26 21.90 28.26 -13.82
N ILE B 27 21.38 28.12 -15.04
CA ILE B 27 19.95 28.00 -15.20
C ILE B 27 19.52 26.89 -16.15
N GLY B 28 18.22 26.61 -16.16
CA GLY B 28 17.64 25.67 -17.09
C GLY B 28 16.35 26.31 -17.57
N ILE B 29 15.82 25.78 -18.65
CA ILE B 29 14.53 26.23 -19.19
C ILE B 29 13.57 25.08 -19.09
N ALA B 30 12.44 25.29 -18.44
CA ALA B 30 11.45 24.21 -18.36
C ALA B 30 10.16 24.62 -19.03
N ALA B 31 9.67 23.79 -19.92
CA ALA B 31 8.42 24.11 -20.58
C ALA B 31 7.62 22.85 -20.80
N HIS B 32 6.33 23.02 -20.97
CA HIS B 32 5.49 21.99 -21.53
C HIS B 32 5.84 21.90 -23.03
N ILE B 33 5.44 20.81 -23.69
CA ILE B 33 5.70 20.64 -25.13
C ILE B 33 4.93 21.65 -26.02
N ASP B 34 5.61 22.09 -27.08
CA ASP B 34 5.11 23.11 -28.01
C ASP B 34 4.83 24.46 -27.32
N HIS B 35 5.21 24.58 -26.05
CA HIS B 35 5.07 25.84 -25.35
C HIS B 35 6.26 26.76 -25.66
N GLY B 36 7.41 26.17 -26.02
CA GLY B 36 8.51 26.91 -26.62
C GLY B 36 9.92 26.67 -26.12
N LYS B 37 10.19 25.53 -25.48
CA LYS B 37 11.47 25.33 -24.80
C LYS B 37 12.71 25.48 -25.70
N THR B 38 12.68 24.87 -26.88
CA THR B 38 13.85 24.83 -27.77
C THR B 38 14.00 26.14 -28.54
N THR B 39 12.88 26.65 -29.06
CA THR B 39 12.88 27.93 -29.77
C THR B 39 13.41 29.05 -28.86
N LEU B 40 13.02 29.06 -27.59
CA LEU B 40 13.53 30.07 -26.67
C LEU B 40 15.04 29.91 -26.43
N SER B 41 15.48 28.68 -26.19
CA SER B 41 16.90 28.42 -25.93
C SER B 41 17.78 28.85 -27.09
N ASP B 42 17.42 28.36 -28.28
CA ASP B 42 18.08 28.78 -29.52
C ASP B 42 18.15 30.29 -29.66
N ASN B 43 17.01 30.97 -29.59
CA ASN B 43 16.98 32.40 -29.84
C ASN B 43 17.63 33.23 -28.74
N LEU B 44 17.67 32.69 -27.53
CA LEU B 44 18.39 33.38 -26.46
C LEU B 44 19.87 33.38 -26.81
N LEU B 45 20.35 32.22 -27.22
CA LEU B 45 21.76 32.03 -27.56
C LEU B 45 22.15 32.94 -28.73
N ALA B 46 21.29 32.97 -29.73
CA ALA B 46 21.56 33.72 -30.95
C ALA B 46 21.55 35.21 -30.68
N GLY B 47 20.57 35.68 -29.91
CA GLY B 47 20.44 37.10 -29.66
C GLY B 47 21.59 37.66 -28.84
N ALA B 48 22.35 36.77 -28.21
CA ALA B 48 23.43 37.21 -27.32
C ALA B 48 24.79 37.24 -28.04
N GLY B 49 24.81 36.79 -29.30
CA GLY B 49 26.02 36.84 -30.09
C GLY B 49 26.93 35.61 -30.01
N MET B 50 26.33 34.45 -29.76
CA MET B 50 27.10 33.21 -29.69
C MET B 50 26.65 32.22 -30.78
N ASN B 76 19.69 20.55 -28.12
CA ASN B 76 19.98 19.46 -27.18
C ASN B 76 21.49 19.26 -26.96
N ALA B 77 22.10 20.22 -26.27
CA ALA B 77 23.53 20.21 -25.95
C ALA B 77 23.73 20.47 -24.45
N ALA B 78 24.77 19.88 -23.87
CA ALA B 78 24.95 19.82 -22.41
C ALA B 78 24.89 21.19 -21.74
N ASN B 79 25.61 22.16 -22.27
CA ASN B 79 25.55 23.52 -21.79
C ASN B 79 25.83 24.48 -22.94
N VAL B 80 25.19 25.64 -22.89
CA VAL B 80 25.55 26.74 -23.77
C VAL B 80 25.71 27.97 -22.88
N SER B 81 26.79 28.72 -23.04
CA SER B 81 26.98 29.89 -22.20
C SER B 81 26.63 31.18 -22.96
N MET B 82 26.32 32.21 -22.20
CA MET B 82 25.99 33.51 -22.79
C MET B 82 26.57 34.64 -21.94
N VAL B 83 27.07 35.68 -22.59
CA VAL B 83 27.49 36.84 -21.84
C VAL B 83 26.48 37.97 -22.08
N HIS B 84 25.99 38.53 -21.00
CA HIS B 84 24.94 39.52 -21.09
C HIS B 84 25.25 40.68 -20.15
N ASN B 85 25.05 41.90 -20.62
CA ASN B 85 25.29 43.06 -19.79
C ASN B 85 24.03 43.50 -19.04
N TYR B 86 24.17 43.71 -17.74
CA TYR B 86 23.06 44.20 -16.92
C TYR B 86 23.52 45.23 -15.89
N GLU B 87 22.98 46.43 -16.00
CA GLU B 87 23.27 47.52 -15.07
C GLU B 87 24.77 47.79 -14.95
N GLY B 88 25.45 47.91 -16.08
CA GLY B 88 26.84 48.33 -16.09
C GLY B 88 27.82 47.18 -15.90
N LYS B 89 27.38 46.20 -15.12
CA LYS B 89 28.14 44.98 -14.85
C LYS B 89 27.68 43.93 -15.86
N ASP B 90 28.55 43.01 -16.27
CA ASP B 90 28.03 41.96 -17.15
C ASP B 90 28.36 40.54 -16.66
N TYR B 91 27.53 39.60 -17.10
CA TYR B 91 27.40 38.31 -16.45
C TYR B 91 27.59 37.13 -17.39
N LEU B 92 28.02 36.01 -16.82
CA LEU B 92 28.13 34.74 -17.54
C LEU B 92 26.98 33.81 -17.15
N ILE B 93 26.10 33.54 -18.11
CA ILE B 93 24.94 32.70 -17.84
C ILE B 93 25.04 31.34 -18.54
N ASN B 94 25.05 30.28 -17.74
CA ASN B 94 25.09 28.92 -18.24
C ASN B 94 23.69 28.30 -18.40
N LEU B 95 23.24 28.11 -19.64
CA LEU B 95 21.99 27.41 -19.87
C LEU B 95 22.27 25.91 -19.96
N ILE B 96 22.08 25.23 -18.85
CA ILE B 96 22.32 23.79 -18.75
C ILE B 96 21.18 23.01 -19.37
N ASP B 97 21.52 22.05 -20.21
CA ASP B 97 20.54 21.17 -20.81
C ASP B 97 19.68 20.51 -19.74
N THR B 98 18.37 20.64 -19.92
CA THR B 98 17.43 19.93 -19.08
C THR B 98 16.61 19.07 -20.03
N PRO B 99 16.44 17.78 -19.70
CA PRO B 99 15.66 16.84 -20.50
C PRO B 99 14.27 17.37 -20.79
N GLY B 100 13.76 17.06 -21.97
CA GLY B 100 12.44 17.51 -22.34
C GLY B 100 11.37 16.47 -22.07
N HIS B 101 10.39 16.86 -21.25
CA HIS B 101 9.10 16.18 -21.16
C HIS B 101 9.23 14.69 -20.86
N VAL B 102 9.86 14.40 -19.73
CA VAL B 102 10.05 13.02 -19.28
C VAL B 102 9.49 12.83 -17.86
N ASP B 103 8.54 11.91 -17.72
CA ASP B 103 7.96 11.64 -16.41
C ASP B 103 8.57 10.39 -15.73
N PHE B 104 9.54 9.74 -16.39
CA PHE B 104 10.11 8.47 -15.93
C PHE B 104 11.63 8.55 -15.77
N GLY B 105 12.17 7.85 -14.78
CA GLY B 105 13.60 7.93 -14.50
C GLY B 105 14.03 9.15 -13.69
N GLY B 106 15.34 9.32 -13.54
CA GLY B 106 15.88 10.41 -12.73
C GLY B 106 16.63 11.44 -13.55
N ASP B 107 16.42 11.41 -14.88
CA ASP B 107 17.09 12.33 -15.81
C ASP B 107 16.77 13.79 -15.52
N VAL B 108 15.48 14.08 -15.40
CA VAL B 108 15.05 15.45 -15.15
C VAL B 108 15.53 15.92 -13.77
N THR B 109 15.36 15.07 -12.76
CA THR B 109 15.76 15.41 -11.41
C THR B 109 17.28 15.66 -11.31
N ARG B 110 18.07 14.87 -12.02
CA ARG B 110 19.51 15.12 -12.05
C ARG B 110 19.78 16.51 -12.63
N ALA B 111 19.03 16.88 -13.68
CA ALA B 111 19.19 18.19 -14.31
C ALA B 111 18.81 19.32 -13.35
N MET B 112 17.71 19.12 -12.65
CA MET B 112 17.24 20.11 -11.70
C MET B 112 18.28 20.37 -10.61
N ARG B 113 18.97 19.32 -10.19
CA ARG B 113 19.96 19.43 -9.14
C ARG B 113 21.23 20.16 -9.60
N ALA B 114 21.37 20.35 -10.90
CA ALA B 114 22.54 21.08 -11.41
C ALA B 114 22.31 22.58 -11.63
N ILE B 115 21.06 23.02 -11.67
CA ILE B 115 20.71 24.41 -11.99
C ILE B 115 20.21 25.17 -10.75
N ASP B 116 20.51 26.45 -10.66
CA ASP B 116 20.07 27.23 -9.50
C ASP B 116 18.79 28.02 -9.78
N GLY B 117 18.44 28.14 -11.05
CA GLY B 117 17.22 28.86 -11.45
C GLY B 117 16.64 28.28 -12.72
N VAL B 118 15.33 28.41 -12.90
CA VAL B 118 14.73 27.88 -14.10
C VAL B 118 13.75 28.89 -14.70
N ILE B 119 13.80 29.07 -16.01
CA ILE B 119 12.78 29.83 -16.72
C ILE B 119 11.60 28.92 -17.06
N ILE B 120 10.45 29.16 -16.44
CA ILE B 120 9.26 28.39 -16.75
C ILE B 120 8.58 29.04 -17.92
N VAL B 121 8.29 28.28 -18.96
CA VAL B 121 7.67 28.86 -20.14
C VAL B 121 6.26 28.39 -20.27
N VAL B 122 5.33 29.33 -20.40
CA VAL B 122 3.95 28.94 -20.63
C VAL B 122 3.38 29.56 -21.90
N ASP B 123 2.64 28.75 -22.66
CA ASP B 123 1.95 29.17 -23.85
C ASP B 123 0.76 30.04 -23.48
N ALA B 124 0.74 31.29 -23.92
CA ALA B 124 -0.34 32.24 -23.57
C ALA B 124 -1.71 31.76 -24.01
N VAL B 125 -1.76 30.98 -25.08
CA VAL B 125 -3.06 30.53 -25.57
C VAL B 125 -3.51 29.33 -24.76
N GLU B 126 -2.60 28.39 -24.52
CA GLU B 126 -2.94 27.14 -23.86
C GLU B 126 -3.05 27.27 -22.32
N GLY B 127 -2.30 28.19 -21.72
CA GLY B 127 -2.28 28.32 -20.27
C GLY B 127 -1.38 27.29 -19.61
N VAL B 128 -1.36 27.28 -18.28
CA VAL B 128 -0.55 26.30 -17.55
C VAL B 128 -1.08 24.89 -17.79
N MET B 129 -0.18 23.97 -18.12
CA MET B 129 -0.57 22.60 -18.46
C MET B 129 -0.14 21.64 -17.36
N PRO B 130 -0.75 20.46 -17.32
CA PRO B 130 -0.32 19.45 -16.32
C PRO B 130 1.19 19.23 -16.30
N GLN B 131 1.83 19.12 -17.46
CA GLN B 131 3.28 18.88 -17.42
C GLN B 131 4.09 20.13 -17.07
N THR B 132 3.50 21.31 -17.21
CA THR B 132 4.09 22.49 -16.61
C THR B 132 4.18 22.31 -15.10
N GLU B 133 3.02 21.97 -14.50
CA GLU B 133 2.87 21.74 -13.06
C GLU B 133 3.92 20.78 -12.55
N THR B 134 4.02 19.66 -13.26
CA THR B 134 4.98 18.62 -12.97
C THR B 134 6.44 19.10 -12.89
N VAL B 135 6.92 19.83 -13.89
CA VAL B 135 8.33 20.27 -13.87
C VAL B 135 8.55 21.44 -12.89
N VAL B 136 7.51 22.23 -12.66
CA VAL B 136 7.63 23.27 -11.63
C VAL B 136 7.82 22.61 -10.25
N ARG B 137 6.98 21.63 -9.94
CA ARG B 137 7.16 20.74 -8.77
C ARG B 137 8.58 20.18 -8.67
N GLN B 138 9.02 19.60 -9.77
CA GLN B 138 10.35 19.00 -9.84
C GLN B 138 11.49 19.99 -9.58
N ALA B 139 11.37 21.21 -10.13
CA ALA B 139 12.36 22.26 -9.89
C ALA B 139 12.34 22.75 -8.44
N LEU B 140 11.15 22.99 -7.92
CA LEU B 140 11.02 23.57 -6.58
C LEU B 140 11.56 22.61 -5.50
N ARG B 141 11.28 21.32 -5.68
CA ARG B 141 11.80 20.28 -4.81
C ARG B 141 13.33 20.37 -4.62
N GLU B 142 14.04 20.79 -5.65
CA GLU B 142 15.50 20.82 -5.58
C GLU B 142 16.00 22.25 -5.33
N TYR B 143 15.14 23.07 -4.73
CA TYR B 143 15.49 24.42 -4.33
C TYR B 143 16.01 25.20 -5.53
N VAL B 144 15.24 25.12 -6.61
CA VAL B 144 15.51 25.86 -7.82
C VAL B 144 14.50 27.01 -7.95
N LYS B 145 15.00 28.23 -8.03
CA LYS B 145 14.11 29.40 -8.05
C LYS B 145 13.52 29.64 -9.44
N PRO B 146 12.20 29.81 -9.52
CA PRO B 146 11.52 29.97 -10.81
C PRO B 146 11.37 31.42 -11.27
N VAL B 147 11.24 31.58 -12.58
CA VAL B 147 10.94 32.86 -13.14
C VAL B 147 10.04 32.57 -14.33
N LEU B 148 9.19 33.50 -14.74
CA LEU B 148 8.16 33.16 -15.72
C LEU B 148 8.28 33.92 -17.03
N PHE B 149 8.26 33.18 -18.14
CA PHE B 149 8.15 33.80 -19.46
C PHE B 149 6.90 33.32 -20.16
N ILE B 150 5.99 34.24 -20.43
CA ILE B 150 4.77 33.89 -21.11
C ILE B 150 4.99 34.07 -22.61
N ASN B 151 4.85 32.99 -23.36
CA ASN B 151 5.23 32.91 -24.76
C ASN B 151 4.02 32.93 -25.71
N LYS B 152 4.30 33.18 -26.99
CA LYS B 152 3.30 33.24 -28.06
C LYS B 152 2.24 34.34 -27.92
N VAL B 153 2.61 35.48 -27.35
CA VAL B 153 1.72 36.63 -27.32
C VAL B 153 1.35 37.09 -28.74
N ASP B 154 2.22 36.80 -29.71
CA ASP B 154 1.93 37.12 -31.11
C ASP B 154 0.58 36.53 -31.51
N ARG B 155 0.31 35.33 -31.03
CA ARG B 155 -0.94 34.67 -31.32
C ARG B 155 -2.11 35.44 -30.66
N LEU B 156 -1.90 35.97 -29.47
CA LEU B 156 -2.95 36.75 -28.82
C LEU B 156 -3.26 37.97 -29.68
N ILE B 157 -2.20 38.65 -30.12
CA ILE B 157 -2.35 39.88 -30.90
C ILE B 157 -2.97 39.66 -32.28
N ARG B 158 -2.49 38.65 -33.00
CA ARG B 158 -2.88 38.51 -34.42
C ARG B 158 -4.07 37.60 -34.67
N GLU B 159 -4.11 36.44 -34.01
CA GLU B 159 -5.19 35.46 -34.22
C GLU B 159 -6.45 35.83 -33.44
N LEU B 160 -6.29 36.09 -32.15
CA LEU B 160 -7.44 36.36 -31.29
C LEU B 160 -7.78 37.84 -31.22
N LYS B 161 -6.87 38.69 -31.65
CA LYS B 161 -7.08 40.14 -31.74
C LYS B 161 -7.51 40.79 -30.42
N LEU B 162 -6.75 40.55 -29.36
CA LEU B 162 -7.10 41.00 -28.02
C LEU B 162 -6.65 42.44 -27.72
N THR B 163 -7.42 43.16 -26.90
CA THR B 163 -6.96 44.43 -26.37
C THR B 163 -5.73 44.19 -25.51
N PRO B 164 -4.90 45.24 -25.33
CA PRO B 164 -3.76 45.12 -24.40
C PRO B 164 -4.27 44.71 -23.02
N GLN B 165 -5.42 45.25 -22.64
CA GLN B 165 -6.06 44.95 -21.35
C GLN B 165 -6.47 43.49 -21.23
N GLN B 166 -7.15 42.96 -22.24
CA GLN B 166 -7.49 41.55 -22.29
C GLN B 166 -6.24 40.68 -22.10
N MET B 167 -5.18 41.05 -22.79
CA MET B 167 -3.93 40.30 -22.76
C MET B 167 -3.33 40.34 -21.37
N MET B 168 -3.29 41.53 -20.76
CA MET B 168 -2.72 41.63 -19.41
C MET B 168 -3.59 40.85 -18.40
N GLU B 169 -4.85 40.62 -18.75
CA GLU B 169 -5.72 39.79 -17.94
C GLU B 169 -5.36 38.32 -18.11
N ARG B 170 -5.12 37.89 -19.34
CA ARG B 170 -4.75 36.50 -19.55
C ARG B 170 -3.41 36.23 -18.90
N PHE B 171 -2.54 37.24 -18.88
CA PHE B 171 -1.27 37.11 -18.18
C PHE B 171 -1.49 36.92 -16.68
N SER B 172 -2.43 37.69 -16.12
CA SER B 172 -2.69 37.63 -14.68
C SER B 172 -3.20 36.25 -14.26
N LYS B 173 -4.09 35.66 -15.05
CA LYS B 173 -4.58 34.32 -14.77
C LYS B 173 -3.44 33.29 -14.78
N ILE B 174 -2.55 33.40 -15.76
CA ILE B 174 -1.42 32.48 -15.91
C ILE B 174 -0.50 32.63 -14.72
N ILE B 175 -0.28 33.87 -14.31
CA ILE B 175 0.60 34.18 -13.20
C ILE B 175 0.02 33.62 -11.89
N MET B 176 -1.29 33.72 -11.74
CA MET B 176 -1.95 33.14 -10.58
C MET B 176 -1.74 31.62 -10.51
N ASP B 177 -2.01 30.91 -11.60
CA ASP B 177 -1.83 29.46 -11.63
C ASP B 177 -0.41 29.05 -11.33
N VAL B 178 0.56 29.75 -11.90
CA VAL B 178 1.95 29.47 -11.60
C VAL B 178 2.22 29.74 -10.12
N ASN B 179 1.63 30.81 -9.58
CA ASN B 179 1.88 31.17 -8.19
C ASN B 179 1.18 30.21 -7.20
N ARG B 180 -0.01 29.73 -7.57
CA ARG B 180 -0.65 28.66 -6.83
C ARG B 180 0.32 27.46 -6.66
N LEU B 181 0.97 27.09 -7.76
CA LEU B 181 1.89 25.94 -7.78
C LEU B 181 3.05 26.17 -6.83
N ILE B 182 3.58 27.38 -6.87
CA ILE B 182 4.73 27.72 -6.04
C ILE B 182 4.31 27.70 -4.58
N GLN B 183 3.14 28.27 -4.30
CA GLN B 183 2.53 28.22 -2.97
C GLN B 183 2.39 26.77 -2.49
N ARG B 184 1.97 25.89 -3.39
CA ARG B 184 1.70 24.52 -3.03
C ARG B 184 2.98 23.67 -2.85
N TYR B 185 4.00 23.89 -3.68
CA TYR B 185 5.09 22.93 -3.69
C TYR B 185 6.48 23.44 -3.32
N ALA B 186 6.66 24.76 -3.33
CA ALA B 186 7.95 25.29 -2.90
C ALA B 186 8.24 24.88 -1.47
N PRO B 187 9.52 24.72 -1.11
CA PRO B 187 9.89 24.58 0.29
C PRO B 187 9.23 25.69 1.12
N GLU B 188 9.05 25.47 2.42
CA GLU B 188 8.25 26.37 3.23
C GLU B 188 8.78 27.80 3.24
N GLU B 189 10.08 27.96 3.40
CA GLU B 189 10.66 29.29 3.54
C GLU B 189 10.48 30.16 2.30
N TYR B 190 10.16 29.55 1.16
CA TYR B 190 10.08 30.27 -0.11
C TYR B 190 8.69 30.31 -0.71
N LYS B 191 7.68 29.79 -0.02
CA LYS B 191 6.37 29.69 -0.62
C LYS B 191 5.74 31.05 -0.93
N LYS B 192 6.26 32.12 -0.33
CA LYS B 192 5.87 33.48 -0.67
C LYS B 192 6.99 34.20 -1.41
N LYS B 193 8.23 33.95 -1.00
CA LYS B 193 9.35 34.71 -1.49
C LYS B 193 9.70 34.37 -2.95
N TRP B 194 9.29 33.18 -3.41
CA TRP B 194 9.59 32.77 -4.78
C TRP B 194 8.38 32.91 -5.70
N MET B 195 7.35 33.59 -5.22
CA MET B 195 6.25 33.94 -6.10
C MET B 195 6.73 34.93 -7.19
N VAL B 196 6.13 34.85 -8.37
CA VAL B 196 6.47 35.77 -9.44
C VAL B 196 5.34 36.79 -9.65
N LYS B 197 5.70 37.99 -10.07
CA LYS B 197 4.72 39.04 -10.37
C LYS B 197 5.25 39.90 -11.51
N VAL B 198 4.34 40.47 -12.28
CA VAL B 198 4.73 41.26 -13.43
C VAL B 198 5.39 42.58 -12.98
N GLU B 199 5.00 43.08 -11.81
CA GLU B 199 5.46 44.39 -11.33
C GLU B 199 6.97 44.50 -11.16
N ASP B 200 7.63 43.47 -10.67
CA ASP B 200 9.06 43.62 -10.43
C ASP B 200 9.87 42.91 -11.49
N GLY B 201 9.20 42.41 -12.53
CA GLY B 201 9.93 41.81 -13.64
C GLY B 201 10.43 40.40 -13.42
N SER B 202 9.74 39.63 -12.59
CA SER B 202 10.03 38.20 -12.47
C SER B 202 9.07 37.45 -13.41
N VAL B 203 8.20 38.21 -14.08
CA VAL B 203 7.44 37.72 -15.23
C VAL B 203 7.82 38.52 -16.48
N ALA B 204 7.97 37.85 -17.61
CA ALA B 204 8.12 38.53 -18.89
C ALA B 204 7.21 37.85 -19.93
N PHE B 205 6.72 38.61 -20.90
CA PHE B 205 5.90 38.06 -21.97
C PHE B 205 6.40 38.51 -23.33
N GLY B 206 5.93 37.80 -24.35
CA GLY B 206 6.40 38.04 -25.70
C GLY B 206 6.32 36.81 -26.58
N SER B 207 7.28 36.71 -27.50
CA SER B 207 7.32 35.64 -28.50
C SER B 207 8.74 35.18 -28.79
N ALA B 208 9.09 33.98 -28.35
CA ALA B 208 10.41 33.42 -28.59
C ALA B 208 10.71 33.40 -30.08
N TYR B 209 9.73 32.92 -30.85
CA TYR B 209 9.84 32.79 -32.29
C TYR B 209 10.06 34.12 -33.03
N TYR B 210 9.37 35.19 -32.63
CA TYR B 210 9.57 36.48 -33.28
C TYR B 210 10.58 37.33 -32.53
N ASN B 211 11.41 36.68 -31.71
CA ASN B 211 12.49 37.33 -30.96
C ASN B 211 12.17 38.59 -30.19
N TRP B 212 11.00 38.66 -29.58
CA TRP B 212 10.69 39.81 -28.77
C TRP B 212 10.07 39.45 -27.43
N ALA B 213 10.35 40.28 -26.43
CA ALA B 213 9.69 40.16 -25.15
C ALA B 213 9.57 41.54 -24.53
N LEU B 214 8.58 41.72 -23.65
CA LEU B 214 8.48 42.90 -22.80
C LEU B 214 8.41 42.51 -21.33
N SER B 215 8.96 43.37 -20.48
CA SER B 215 8.72 43.29 -19.05
C SER B 215 8.61 44.72 -18.47
N VAL B 216 7.95 44.87 -17.33
CA VAL B 216 7.79 46.18 -16.70
C VAL B 216 9.11 46.94 -16.48
N PRO B 217 10.15 46.29 -15.92
CA PRO B 217 11.42 47.04 -15.79
C PRO B 217 11.96 47.56 -17.11
N PHE B 218 11.87 46.73 -18.16
CA PHE B 218 12.35 47.12 -19.49
C PHE B 218 11.61 48.30 -20.07
N MET B 219 10.28 48.24 -20.03
CA MET B 219 9.43 49.35 -20.45
C MET B 219 9.79 50.62 -19.66
N LYS B 220 10.06 50.49 -18.35
CA LYS B 220 10.39 51.66 -17.54
C LYS B 220 11.81 52.17 -17.82
N ARG B 221 12.73 51.27 -18.14
CA ARG B 221 14.10 51.68 -18.44
C ARG B 221 14.21 52.38 -19.79
N THR B 222 13.42 51.91 -20.75
CA THR B 222 13.60 52.32 -22.14
C THR B 222 12.42 53.13 -22.70
N GLY B 223 11.28 53.12 -22.02
CA GLY B 223 10.13 53.89 -22.47
C GLY B 223 9.25 53.21 -23.50
N VAL B 224 9.69 52.07 -24.02
CA VAL B 224 8.91 51.28 -24.98
C VAL B 224 7.53 50.93 -24.41
N LYS B 225 6.52 50.86 -25.28
CA LYS B 225 5.16 50.56 -24.83
C LYS B 225 4.59 49.36 -25.55
N PHE B 226 3.86 48.53 -24.81
CA PHE B 226 3.22 47.34 -25.38
C PHE B 226 2.43 47.68 -26.67
N ASN B 227 1.90 48.89 -26.75
CA ASN B 227 1.12 49.28 -27.93
C ASN B 227 1.95 49.47 -29.21
N GLU B 228 3.18 49.93 -29.08
CA GLU B 228 4.08 49.98 -30.23
C GLU B 228 4.27 48.57 -30.78
N ILE B 229 4.57 47.64 -29.88
CA ILE B 229 4.82 46.23 -30.22
C ILE B 229 3.59 45.62 -30.88
N ILE B 230 2.42 45.94 -30.35
CA ILE B 230 1.18 45.46 -30.92
C ILE B 230 1.01 45.96 -32.37
N ASP B 231 1.23 47.25 -32.56
CA ASP B 231 1.13 47.90 -33.87
C ASP B 231 2.13 47.34 -34.87
N LEU B 232 3.39 47.24 -34.42
CA LEU B 232 4.46 46.68 -35.24
C LEU B 232 4.10 45.26 -35.65
N THR B 233 3.51 44.50 -34.72
CA THR B 233 3.17 43.10 -34.99
C THR B 233 2.10 43.01 -36.07
N LEU B 234 1.09 43.86 -35.96
CA LEU B 234 -0.01 43.87 -36.92
C LEU B 234 0.45 44.40 -38.29
N LYS B 235 1.41 45.31 -38.29
CA LYS B 235 1.99 45.80 -39.54
C LYS B 235 2.92 44.79 -40.19
N GLY B 236 3.26 43.73 -39.46
CA GLY B 236 4.26 42.78 -39.92
C GLY B 236 5.67 43.35 -39.93
N ASP B 237 5.93 44.33 -39.10
CA ASP B 237 7.26 44.92 -39.05
C ASP B 237 8.12 44.21 -38.01
N ASN B 238 8.40 42.95 -38.32
CA ASN B 238 9.00 41.98 -37.41
C ASN B 238 10.42 42.32 -36.99
N ARG B 239 11.22 42.81 -37.93
CA ARG B 239 12.61 43.16 -37.65
C ARG B 239 12.70 44.35 -36.72
N THR B 240 11.84 45.33 -36.96
CA THR B 240 11.75 46.52 -36.11
C THR B 240 11.22 46.14 -34.72
N LEU B 241 10.16 45.33 -34.74
CA LEU B 241 9.55 44.79 -33.52
C LEU B 241 10.63 44.08 -32.69
N ARG B 242 11.43 43.28 -33.37
CA ARG B 242 12.58 42.61 -32.78
C ARG B 242 13.61 43.56 -32.17
N GLN B 243 13.89 44.65 -32.85
CA GLN B 243 14.91 45.57 -32.38
C GLN B 243 14.40 46.41 -31.22
N LYS B 244 13.11 46.76 -31.24
CA LYS B 244 12.51 47.59 -30.19
C LYS B 244 12.40 46.87 -28.84
N ALA B 245 12.25 45.56 -28.89
CA ALA B 245 12.00 44.75 -27.71
C ALA B 245 12.69 43.41 -27.82
N PRO B 246 14.03 43.39 -27.71
CA PRO B 246 14.79 42.17 -27.98
C PRO B 246 14.54 41.08 -26.92
N LEU B 247 14.05 39.93 -27.35
CA LEU B 247 13.87 38.76 -26.49
C LEU B 247 15.02 38.58 -25.51
N HIS B 248 16.23 38.54 -26.03
CA HIS B 248 17.36 38.14 -25.23
C HIS B 248 17.69 39.19 -24.20
N VAL B 249 17.41 40.44 -24.52
CA VAL B 249 17.68 41.51 -23.56
C VAL B 249 16.72 41.40 -22.38
N VAL B 250 15.43 41.30 -22.71
CA VAL B 250 14.39 41.31 -21.70
C VAL B 250 14.49 40.08 -20.80
N VAL B 251 14.75 38.92 -21.42
CA VAL B 251 14.77 37.66 -20.68
C VAL B 251 16.04 37.53 -19.84
N LEU B 252 17.21 37.84 -20.40
CA LEU B 252 18.46 37.71 -19.64
C LEU B 252 18.57 38.76 -18.56
N ASP B 253 17.87 39.89 -18.73
CA ASP B 253 17.71 40.85 -17.65
C ASP B 253 17.02 40.18 -16.45
N MET B 254 15.92 39.50 -16.74
CA MET B 254 15.14 38.83 -15.73
C MET B 254 16.00 37.82 -15.02
N VAL B 255 16.76 37.05 -15.81
CA VAL B 255 17.66 36.04 -15.27
C VAL B 255 18.63 36.65 -14.26
N VAL B 256 19.33 37.70 -14.67
CA VAL B 256 20.38 38.29 -13.85
C VAL B 256 19.81 38.84 -12.57
N ARG B 257 18.69 39.54 -12.70
CA ARG B 257 18.09 40.23 -11.57
C ARG B 257 17.50 39.28 -10.56
N HIS B 258 16.90 38.20 -11.05
CA HIS B 258 15.97 37.41 -10.24
C HIS B 258 16.42 35.97 -9.95
N LEU B 259 17.41 35.48 -10.67
CA LEU B 259 17.87 34.13 -10.44
C LEU B 259 19.24 34.20 -9.78
N PRO B 260 19.51 33.29 -8.83
CA PRO B 260 20.69 33.45 -7.96
C PRO B 260 21.99 32.97 -8.59
N SER B 261 23.09 33.53 -8.11
CA SER B 261 24.44 33.08 -8.41
C SER B 261 24.75 31.74 -7.73
N PRO B 262 25.85 31.07 -8.15
CA PRO B 262 26.18 29.82 -7.47
C PRO B 262 26.50 30.03 -6.00
N ILE B 263 27.34 31.01 -5.68
CA ILE B 263 27.72 31.26 -4.30
C ILE B 263 26.51 31.63 -3.44
N GLU B 264 25.54 32.33 -4.00
CA GLU B 264 24.36 32.64 -3.20
C GLU B 264 23.49 31.42 -3.01
N ALA B 265 23.33 30.67 -4.10
CA ALA B 265 22.40 29.56 -4.13
C ALA B 265 22.92 28.38 -3.31
N GLN B 266 24.21 28.10 -3.44
CA GLN B 266 24.79 26.92 -2.85
C GLN B 266 24.62 26.92 -1.34
N LYS B 267 24.52 28.12 -0.77
CA LYS B 267 24.36 28.29 0.67
C LYS B 267 23.09 27.62 1.20
N TYR B 268 22.04 27.52 0.39
CA TYR B 268 20.84 26.82 0.86
C TYR B 268 20.58 25.54 0.03
N ARG B 269 21.20 25.43 -1.14
CA ARG B 269 20.96 24.25 -1.97
C ARG B 269 21.81 23.04 -1.53
N ILE B 270 23.06 23.27 -1.17
CA ILE B 270 23.95 22.16 -0.82
C ILE B 270 23.42 21.30 0.34
N PRO B 271 22.91 21.92 1.42
CA PRO B 271 22.37 21.07 2.50
C PRO B 271 21.23 20.17 2.06
N HIS B 272 20.48 20.54 1.03
CA HIS B 272 19.45 19.64 0.53
C HIS B 272 20.01 18.67 -0.49
N LEU B 273 21.02 19.09 -1.26
CA LEU B 273 21.56 18.27 -2.35
C LEU B 273 22.48 17.16 -1.83
N TRP B 274 23.16 17.43 -0.72
CA TRP B 274 24.25 16.59 -0.24
C TRP B 274 24.04 16.09 1.19
N GLU B 275 23.97 14.78 1.34
CA GLU B 275 23.64 14.15 2.61
C GLU B 275 24.86 13.99 3.52
N GLY B 276 25.98 14.57 3.10
CA GLY B 276 27.21 14.45 3.86
C GLY B 276 27.31 15.42 5.02
N ASP B 277 28.42 15.31 5.75
CA ASP B 277 28.67 16.12 6.93
C ASP B 277 28.96 17.57 6.57
N ILE B 278 27.97 18.45 6.76
CA ILE B 278 28.12 19.86 6.35
C ILE B 278 29.25 20.58 7.10
N SER B 279 29.66 20.01 8.24
CA SER B 279 30.72 20.59 9.07
C SER B 279 32.05 20.34 8.40
N SER B 280 32.12 19.24 7.67
CA SER B 280 33.39 18.60 7.33
C SER B 280 34.32 19.36 6.39
N ASP B 281 34.47 20.66 6.58
CA ASP B 281 35.46 21.44 5.80
C ASP B 281 35.23 21.35 4.29
N ILE B 282 35.26 20.13 3.75
CA ILE B 282 34.92 19.94 2.36
C ILE B 282 33.43 20.31 2.17
N GLY B 283 32.59 19.88 3.10
CA GLY B 283 31.18 20.25 3.08
C GLY B 283 31.05 21.76 3.15
N GLN B 284 32.01 22.40 3.82
CA GLN B 284 32.03 23.85 3.95
C GLN B 284 32.45 24.55 2.67
N ALA B 285 33.41 23.97 1.96
CA ALA B 285 33.84 24.50 0.67
C ALA B 285 32.69 24.47 -0.35
N MET B 286 31.83 23.45 -0.24
CA MET B 286 30.64 23.32 -1.08
C MET B 286 29.48 24.22 -0.63
N LEU B 287 29.27 24.33 0.68
CA LEU B 287 28.27 25.25 1.24
C LEU B 287 28.58 26.68 0.80
N ASN B 288 29.82 27.07 1.01
CA ASN B 288 30.34 28.30 0.44
C ASN B 288 30.64 28.01 -1.01
N CYS B 289 31.26 28.93 -1.73
CA CYS B 289 31.69 28.52 -3.06
C CYS B 289 33.18 28.70 -3.16
N ASP B 290 33.90 27.95 -2.32
CA ASP B 290 35.33 28.15 -2.10
C ASP B 290 36.17 27.58 -3.24
N PRO B 291 36.75 28.46 -4.07
CA PRO B 291 37.58 28.02 -5.21
C PRO B 291 38.91 27.40 -4.78
N LYS B 292 39.27 27.47 -3.50
CA LYS B 292 40.55 26.91 -3.05
C LYS B 292 40.38 25.91 -1.92
N GLY B 293 39.13 25.61 -1.59
CA GLY B 293 38.84 24.42 -0.81
C GLY B 293 39.16 23.23 -1.68
N LYS B 294 38.90 22.03 -1.18
CA LYS B 294 39.17 20.84 -1.97
C LYS B 294 38.10 20.60 -3.04
N MET B 295 38.53 20.03 -4.14
CA MET B 295 37.76 19.98 -5.39
C MET B 295 36.65 18.93 -5.42
N VAL B 296 35.42 19.39 -5.65
CA VAL B 296 34.26 18.50 -5.77
C VAL B 296 33.37 18.92 -6.94
N MET B 297 32.99 17.96 -7.79
CA MET B 297 32.12 18.26 -8.91
C MET B 297 31.21 17.09 -9.24
N VAL B 298 30.08 17.40 -9.85
CA VAL B 298 29.12 16.40 -10.26
C VAL B 298 29.05 16.35 -11.78
N VAL B 299 29.00 15.15 -12.35
CA VAL B 299 28.82 14.96 -13.78
C VAL B 299 27.34 15.01 -14.16
N THR B 300 26.99 15.87 -15.12
CA THR B 300 25.61 16.03 -15.54
C THR B 300 25.28 15.32 -16.85
N LYS B 301 26.24 15.24 -17.78
CA LYS B 301 26.00 14.47 -19.00
C LYS B 301 27.25 13.90 -19.69
N ILE B 302 27.03 12.82 -20.41
CA ILE B 302 28.07 12.14 -21.19
C ILE B 302 27.89 12.35 -22.70
N ILE B 303 28.92 12.88 -23.36
CA ILE B 303 28.90 13.04 -24.80
C ILE B 303 30.17 12.42 -25.40
N ILE B 304 29.97 11.44 -26.27
CA ILE B 304 31.05 10.56 -26.74
C ILE B 304 31.33 10.74 -28.23
N VAL B 311 33.85 12.84 -23.14
CA VAL B 311 33.70 14.25 -22.72
C VAL B 311 32.53 14.47 -21.75
N ALA B 312 32.85 14.63 -20.46
CA ALA B 312 31.80 14.77 -19.44
C ALA B 312 31.61 16.22 -19.03
N THR B 313 30.36 16.68 -19.06
CA THR B 313 30.01 18.01 -18.58
C THR B 313 29.64 17.91 -17.10
N GLY B 314 30.00 18.92 -16.32
CA GLY B 314 29.65 18.91 -14.92
C GLY B 314 29.69 20.26 -14.23
N ARG B 315 29.21 20.28 -12.99
CA ARG B 315 29.22 21.48 -12.16
C ARG B 315 30.25 21.37 -11.05
N VAL B 316 31.07 22.40 -10.88
CA VAL B 316 32.07 22.42 -9.81
C VAL B 316 31.53 23.05 -8.53
N TRP B 317 31.30 22.22 -7.51
CA TRP B 317 30.73 22.68 -6.25
C TRP B 317 31.75 23.39 -5.37
N SER B 318 32.97 22.87 -5.35
CA SER B 318 33.99 23.43 -4.48
C SER B 318 35.39 23.31 -5.07
N GLY B 319 36.26 24.22 -4.65
CA GLY B 319 37.64 24.21 -5.06
C GLY B 319 37.81 24.57 -6.51
N THR B 320 38.87 24.02 -7.11
CA THR B 320 39.21 24.25 -8.49
C THR B 320 39.48 22.91 -9.17
N VAL B 321 38.93 22.73 -10.37
CA VAL B 321 39.21 21.55 -11.17
C VAL B 321 40.32 21.88 -12.19
N LYS B 322 41.26 20.95 -12.35
CA LYS B 322 42.49 21.22 -13.11
C LYS B 322 42.83 20.10 -14.08
N SER B 323 43.72 20.40 -15.04
CA SER B 323 44.22 19.40 -15.98
C SER B 323 45.25 18.51 -15.28
N GLY B 324 45.21 17.21 -15.60
CA GLY B 324 46.12 16.26 -14.99
C GLY B 324 45.86 16.12 -13.50
N GLN B 325 44.62 16.40 -13.09
CA GLN B 325 44.26 16.35 -11.68
C GLN B 325 43.78 14.96 -11.27
N GLU B 326 44.36 14.42 -10.20
CA GLU B 326 43.97 13.11 -9.69
C GLU B 326 42.70 13.25 -8.85
N VAL B 327 41.72 12.40 -9.14
CA VAL B 327 40.42 12.49 -8.51
C VAL B 327 39.82 11.13 -8.23
N TYR B 328 38.84 11.09 -7.33
CA TYR B 328 38.08 9.88 -7.02
C TYR B 328 36.73 9.88 -7.72
N LEU B 329 36.40 8.76 -8.36
CA LEU B 329 35.05 8.56 -8.87
C LEU B 329 34.32 7.71 -7.84
N ILE B 330 33.35 8.33 -7.17
CA ILE B 330 32.82 7.76 -5.93
C ILE B 330 31.92 6.55 -6.13
N ASN B 331 30.95 6.64 -7.03
CA ASN B 331 30.00 5.54 -7.24
C ASN B 331 30.63 4.28 -7.84
N THR B 332 31.42 4.43 -8.91
CA THR B 332 32.00 3.28 -9.59
C THR B 332 33.29 2.76 -8.89
N LYS B 333 33.71 3.46 -7.83
CA LYS B 333 34.78 3.02 -6.94
C LYS B 333 36.18 3.08 -7.56
N ARG B 334 36.39 3.99 -8.50
CA ARG B 334 37.69 4.09 -9.16
C ARG B 334 38.38 5.42 -8.94
N LYS B 335 39.68 5.45 -9.19
CA LYS B 335 40.46 6.67 -9.10
C LYS B 335 41.07 6.98 -10.45
N ALA B 336 40.81 8.18 -10.95
CA ALA B 336 41.29 8.55 -12.27
C ALA B 336 42.02 9.87 -12.27
N ARG B 337 42.40 10.33 -13.45
CA ARG B 337 43.04 11.63 -13.61
C ARG B 337 42.35 12.41 -14.72
N ILE B 338 42.04 13.66 -14.42
CA ILE B 338 41.40 14.51 -15.41
C ILE B 338 42.42 14.92 -16.46
N GLN B 339 42.19 14.52 -17.70
CA GLN B 339 43.01 14.97 -18.80
C GLN B 339 42.80 16.47 -18.98
N GLN B 340 41.94 16.86 -19.90
CA GLN B 340 41.84 18.28 -20.23
C GLN B 340 40.52 18.87 -19.73
N VAL B 341 40.55 20.15 -19.37
CA VAL B 341 39.40 20.84 -18.78
C VAL B 341 39.09 22.10 -19.58
N GLY B 342 37.81 22.39 -19.75
CA GLY B 342 37.40 23.61 -20.41
C GLY B 342 36.02 24.08 -20.01
N ILE B 343 35.66 25.29 -20.41
CA ILE B 343 34.30 25.75 -20.22
C ILE B 343 33.67 26.12 -21.55
N TYR B 344 32.40 26.52 -21.52
CA TYR B 344 31.66 26.74 -22.74
C TYR B 344 31.61 28.22 -23.10
N MET B 345 32.00 28.52 -24.32
CA MET B 345 31.78 29.85 -24.90
C MET B 345 30.68 29.67 -25.93
N GLY B 346 29.49 30.18 -25.62
CA GLY B 346 28.33 29.76 -26.36
C GLY B 346 28.30 28.26 -26.22
N PRO B 347 28.08 27.55 -27.34
CA PRO B 347 27.98 26.09 -27.33
C PRO B 347 29.30 25.31 -27.32
N GLU B 348 30.44 25.94 -27.57
CA GLU B 348 31.65 25.12 -27.74
C GLU B 348 32.64 25.21 -26.59
N ARG B 349 33.35 24.11 -26.40
CA ARG B 349 34.29 23.92 -25.29
C ARG B 349 35.65 24.53 -25.59
N ILE B 350 36.04 25.54 -24.81
CA ILE B 350 37.35 26.17 -25.00
C ILE B 350 38.29 25.78 -23.86
N ASN B 351 39.51 25.43 -24.23
CA ASN B 351 40.46 24.84 -23.30
C ASN B 351 40.85 25.77 -22.15
N MET B 352 40.89 25.19 -20.96
CA MET B 352 41.35 25.89 -19.75
C MET B 352 42.35 25.01 -19.01
N GLU B 353 43.03 25.56 -18.02
CA GLU B 353 43.88 24.72 -17.18
C GLU B 353 43.38 24.76 -15.73
N ALA B 354 42.86 25.91 -15.32
CA ALA B 354 42.23 26.04 -14.01
C ALA B 354 40.82 26.61 -14.13
N VAL B 355 39.85 25.89 -13.57
CA VAL B 355 38.47 26.40 -13.49
C VAL B 355 37.91 26.29 -12.08
N PRO B 356 37.64 27.45 -11.44
CA PRO B 356 37.16 27.53 -10.06
C PRO B 356 35.69 27.13 -9.87
N ALA B 357 35.31 26.90 -8.62
CA ALA B 357 33.96 26.44 -8.28
C ALA B 357 32.88 27.46 -8.66
N GLY B 358 31.70 26.95 -9.02
CA GLY B 358 30.59 27.78 -9.44
C GLY B 358 30.40 27.76 -10.95
N ASN B 359 31.35 27.14 -11.64
CA ASN B 359 31.33 27.12 -13.10
C ASN B 359 30.88 25.78 -13.67
N ILE B 360 30.43 25.82 -14.92
CA ILE B 360 30.13 24.59 -15.64
C ILE B 360 31.32 24.21 -16.50
N VAL B 361 31.77 22.98 -16.37
CA VAL B 361 32.99 22.56 -17.05
C VAL B 361 32.78 21.31 -17.89
N ALA B 362 33.71 21.09 -18.79
CA ALA B 362 33.74 19.85 -19.56
C ALA B 362 35.13 19.23 -19.39
N VAL B 363 35.16 17.94 -19.06
CA VAL B 363 36.42 17.27 -18.80
C VAL B 363 36.51 15.94 -19.54
N THR B 364 37.75 15.55 -19.85
CA THR B 364 38.05 14.28 -20.49
C THR B 364 38.87 13.41 -19.56
N GLY B 365 38.73 12.09 -19.70
CA GLY B 365 39.48 11.18 -18.87
C GLY B 365 38.59 10.16 -18.20
N LEU B 366 37.64 10.64 -17.41
CA LEU B 366 36.79 9.80 -16.55
C LEU B 366 36.08 8.68 -17.32
N ARG B 367 36.90 7.70 -17.70
CA ARG B 367 36.54 6.49 -18.43
C ARG B 367 35.16 5.89 -18.14
N ASP B 368 34.95 5.53 -16.89
CA ASP B 368 33.84 4.68 -16.49
C ASP B 368 32.61 5.50 -16.11
N ALA B 369 32.82 6.78 -15.86
CA ALA B 369 31.79 7.65 -15.29
C ALA B 369 30.53 7.76 -16.15
N MET B 370 29.38 7.62 -15.50
CA MET B 370 28.11 7.93 -16.12
C MET B 370 27.59 9.23 -15.50
N ALA B 371 26.53 9.79 -16.07
CA ALA B 371 25.94 11.02 -15.55
C ALA B 371 25.43 10.81 -14.14
N GLY B 372 25.71 11.77 -13.26
CA GLY B 372 25.30 11.71 -11.87
C GLY B 372 26.46 11.34 -10.97
N GLU B 373 27.62 11.09 -11.58
CA GLU B 373 28.78 10.67 -10.83
C GLU B 373 29.37 11.82 -10.03
N THR B 374 29.83 11.52 -8.83
CA THR B 374 30.50 12.54 -8.07
C THR B 374 32.02 12.40 -8.24
N VAL B 375 32.70 13.53 -8.40
CA VAL B 375 34.13 13.54 -8.67
C VAL B 375 34.86 14.45 -7.69
N ALA B 376 35.81 13.90 -6.95
CA ALA B 376 36.51 14.71 -5.94
C ALA B 376 37.95 14.25 -5.66
N GLU B 377 38.73 15.15 -5.07
CA GLU B 377 40.09 14.85 -4.65
C GLU B 377 40.10 13.99 -3.39
N GLU B 378 38.99 14.04 -2.64
CA GLU B 378 38.79 13.20 -1.47
C GLU B 378 37.54 12.36 -1.66
N GLN B 379 37.50 11.20 -1.03
CA GLN B 379 36.30 10.39 -1.12
C GLN B 379 35.28 10.85 -0.08
N ILE B 380 34.12 11.26 -0.59
CA ILE B 380 33.02 11.73 0.23
C ILE B 380 31.78 10.92 -0.12
N GLU B 381 30.67 11.15 0.58
CA GLU B 381 29.44 10.49 0.14
C GLU B 381 29.01 11.19 -1.14
N PRO B 382 28.49 10.43 -2.12
CA PRO B 382 28.13 11.04 -3.40
C PRO B 382 26.80 11.81 -3.37
N PHE B 383 26.54 12.56 -4.45
CA PHE B 383 25.28 13.30 -4.59
C PHE B 383 24.13 12.39 -5.00
N GLU B 384 24.47 11.28 -5.67
CA GLU B 384 23.48 10.31 -6.11
C GLU B 384 23.83 8.93 -5.62
N ALA B 385 22.80 8.13 -5.35
CA ALA B 385 22.98 6.76 -4.93
C ALA B 385 23.58 5.91 -6.04
N LEU B 386 24.42 4.96 -5.68
CA LEU B 386 24.92 3.97 -6.62
C LEU B 386 23.77 3.08 -7.06
N HIS B 387 23.65 2.86 -8.36
CA HIS B 387 22.58 2.03 -8.89
C HIS B 387 23.13 0.85 -9.65
N TYR B 388 22.89 -0.33 -9.12
CA TYR B 388 23.51 -1.54 -9.61
C TYR B 388 22.77 -2.14 -10.79
N VAL B 389 23.47 -3.02 -11.50
CA VAL B 389 22.97 -3.58 -12.75
C VAL B 389 22.57 -5.04 -12.56
N SER B 390 21.39 -5.37 -13.06
CA SER B 390 20.88 -6.73 -13.04
C SER B 390 20.62 -7.21 -14.46
N GLU B 391 20.39 -8.52 -14.60
CA GLU B 391 20.10 -9.10 -15.91
C GLU B 391 18.80 -8.54 -16.49
N PRO B 392 18.74 -8.41 -17.83
CA PRO B 392 17.48 -8.01 -18.46
C PRO B 392 16.33 -8.98 -18.10
N VAL B 393 15.13 -8.45 -17.89
CA VAL B 393 14.00 -9.30 -17.54
C VAL B 393 12.88 -9.28 -18.61
N VAL B 394 13.01 -8.49 -19.67
CA VAL B 394 12.04 -8.58 -20.77
C VAL B 394 12.71 -8.63 -22.16
N THR B 395 12.13 -9.38 -23.08
CA THR B 395 12.72 -9.52 -24.42
C THR B 395 11.73 -9.30 -25.56
N VAL B 396 12.23 -8.64 -26.62
CA VAL B 396 11.49 -8.55 -27.88
C VAL B 396 12.34 -9.04 -29.06
N ALA B 397 11.65 -9.53 -30.09
CA ALA B 397 12.31 -9.90 -31.33
C ALA B 397 12.14 -8.77 -32.34
N ILE B 398 13.22 -8.46 -33.03
CA ILE B 398 13.24 -7.34 -33.97
C ILE B 398 13.71 -7.77 -35.36
N GLU B 399 13.13 -7.20 -36.41
CA GLU B 399 13.70 -7.38 -37.74
C GLU B 399 13.42 -6.18 -38.63
N ALA B 400 14.31 -5.97 -39.60
CA ALA B 400 14.21 -4.86 -40.54
C ALA B 400 13.10 -5.13 -41.57
N LYS B 401 12.17 -4.20 -41.71
CA LYS B 401 11.02 -4.38 -42.57
C LYS B 401 11.41 -4.20 -44.03
N ASN B 402 12.43 -3.38 -44.27
CA ASN B 402 12.91 -3.12 -45.61
C ASN B 402 14.28 -3.73 -45.79
N VAL B 403 14.42 -4.59 -46.80
CA VAL B 403 15.61 -5.42 -46.97
C VAL B 403 16.91 -4.62 -47.01
N LYS B 404 16.84 -3.38 -47.49
CA LYS B 404 18.00 -2.50 -47.56
C LYS B 404 18.63 -2.23 -46.19
N ASP B 405 17.80 -2.15 -45.15
CA ASP B 405 18.28 -1.77 -43.83
C ASP B 405 18.92 -2.92 -43.04
N LEU B 406 18.93 -4.12 -43.63
CA LEU B 406 19.40 -5.33 -42.94
C LEU B 406 20.72 -5.12 -42.20
N PRO B 407 21.78 -4.67 -42.89
CA PRO B 407 23.03 -4.57 -42.12
C PRO B 407 23.03 -3.38 -41.16
N ARG B 408 22.26 -2.34 -41.49
CA ARG B 408 22.27 -1.12 -40.68
C ARG B 408 21.56 -1.33 -39.32
N LEU B 409 20.61 -2.25 -39.30
CA LEU B 409 19.93 -2.61 -38.06
C LEU B 409 20.93 -3.29 -37.12
N ILE B 410 21.72 -4.21 -37.68
CA ILE B 410 22.75 -4.90 -36.91
C ILE B 410 23.75 -3.92 -36.28
N GLU B 411 24.18 -2.93 -37.05
CA GLU B 411 25.10 -1.93 -36.54
C GLU B 411 24.41 -1.12 -35.45
N ALA B 412 23.20 -0.67 -35.73
CA ALA B 412 22.40 0.11 -34.80
C ALA B 412 22.23 -0.62 -33.47
N LEU B 413 21.76 -1.86 -33.54
CA LEU B 413 21.54 -2.66 -32.33
C LEU B 413 22.82 -2.85 -31.53
N ARG B 414 23.94 -3.14 -32.20
CA ARG B 414 25.13 -3.46 -31.43
C ARG B 414 25.70 -2.18 -30.78
N GLN B 415 25.43 -1.02 -31.37
CA GLN B 415 25.90 0.21 -30.71
C GLN B 415 25.04 0.52 -29.49
N LEU B 416 23.72 0.38 -29.62
CA LEU B 416 22.82 0.60 -28.49
C LEU B 416 23.16 -0.35 -27.33
N ALA B 417 23.66 -1.53 -27.64
CA ALA B 417 24.09 -2.48 -26.61
C ALA B 417 25.37 -2.02 -25.90
N LYS B 418 26.31 -1.50 -26.67
CA LYS B 418 27.58 -1.04 -26.12
C LYS B 418 27.35 0.11 -25.15
N GLU B 419 26.64 1.14 -25.61
CA GLU B 419 26.07 2.14 -24.70
C GLU B 419 25.07 1.36 -23.85
N ASP B 420 24.79 1.81 -22.64
CA ASP B 420 23.84 1.09 -21.79
C ASP B 420 24.22 -0.37 -21.53
N PRO B 421 24.80 -0.63 -20.36
CA PRO B 421 25.11 -2.03 -20.03
C PRO B 421 23.87 -2.83 -19.62
N THR B 422 22.74 -2.15 -19.36
CA THR B 422 21.53 -2.86 -18.96
C THR B 422 20.77 -3.43 -20.18
N LEU B 423 21.38 -3.36 -21.35
CA LEU B 423 20.72 -3.86 -22.56
C LEU B 423 21.55 -4.99 -23.19
N HIS B 424 20.88 -6.08 -23.55
CA HIS B 424 21.54 -7.22 -24.19
C HIS B 424 20.96 -7.45 -25.58
N VAL B 425 21.82 -7.75 -26.54
CA VAL B 425 21.36 -8.00 -27.89
C VAL B 425 21.92 -9.33 -28.39
N LYS B 426 21.10 -10.03 -29.18
CA LYS B 426 21.56 -11.23 -29.88
C LYS B 426 21.24 -11.07 -31.37
N ILE B 427 22.30 -11.05 -32.19
CA ILE B 427 22.18 -10.91 -33.64
C ILE B 427 22.09 -12.27 -34.32
N ASP B 428 21.23 -12.35 -35.33
CA ASP B 428 21.17 -13.52 -36.19
C ASP B 428 21.23 -13.08 -37.65
N GLU B 429 22.44 -13.04 -38.23
CA GLU B 429 22.58 -12.60 -39.62
C GLU B 429 21.95 -13.59 -40.60
N GLU B 430 21.67 -14.80 -40.13
CA GLU B 430 21.03 -15.79 -41.00
C GLU B 430 19.54 -15.51 -41.16
N THR B 431 18.85 -15.20 -40.06
CA THR B 431 17.43 -14.89 -40.15
C THR B 431 17.15 -13.39 -40.12
N GLY B 432 18.07 -12.61 -39.55
CA GLY B 432 17.84 -11.17 -39.42
C GLY B 432 16.75 -10.83 -38.40
N GLN B 433 16.38 -11.80 -37.58
CA GLN B 433 15.49 -11.55 -36.46
C GLN B 433 16.38 -11.50 -35.24
N HIS B 434 16.45 -10.33 -34.61
CA HIS B 434 17.37 -10.15 -33.51
C HIS B 434 16.61 -10.01 -32.19
N LEU B 435 17.23 -10.46 -31.10
CA LEU B 435 16.59 -10.44 -29.78
C LEU B 435 17.15 -9.32 -28.92
N LEU B 436 16.26 -8.42 -28.48
CA LEU B 436 16.69 -7.30 -27.66
C LEU B 436 16.12 -7.41 -26.26
N SER B 437 17.00 -7.37 -25.26
CA SER B 437 16.57 -7.61 -23.89
C SER B 437 16.97 -6.48 -22.95
N GLY B 438 16.00 -6.04 -22.12
CA GLY B 438 16.23 -4.93 -21.22
C GLY B 438 15.46 -5.06 -19.91
N MET B 439 15.33 -3.94 -19.21
CA MET B 439 14.81 -3.94 -17.85
C MET B 439 13.30 -3.77 -17.72
N GLY B 440 12.60 -3.55 -18.83
CA GLY B 440 11.18 -3.29 -18.78
C GLY B 440 10.63 -2.74 -20.08
N GLU B 441 9.31 -2.59 -20.14
CA GLU B 441 8.62 -2.13 -21.33
C GLU B 441 9.13 -0.77 -21.82
N LEU B 442 9.26 0.17 -20.89
CA LEU B 442 9.70 1.52 -21.20
C LEU B 442 11.14 1.58 -21.64
N HIS B 443 12.01 0.88 -20.92
CA HIS B 443 13.42 0.76 -21.28
C HIS B 443 13.54 0.31 -22.75
N LEU B 444 12.80 -0.73 -23.12
CA LEU B 444 12.87 -1.20 -24.50
C LEU B 444 12.27 -0.19 -25.49
N GLU B 445 11.16 0.44 -25.12
CA GLU B 445 10.47 1.32 -26.05
C GLU B 445 11.37 2.53 -26.42
N VAL B 446 12.24 2.96 -25.50
CA VAL B 446 13.23 3.99 -25.78
C VAL B 446 14.20 3.60 -26.89
N LYS B 447 14.73 2.39 -26.80
CA LYS B 447 15.65 1.86 -27.81
C LYS B 447 14.95 1.67 -29.16
N LEU B 448 13.74 1.14 -29.12
CA LEU B 448 12.95 0.95 -30.33
C LEU B 448 12.79 2.30 -31.02
N TYR B 449 12.65 3.36 -30.23
CA TYR B 449 12.41 4.68 -30.81
C TYR B 449 13.69 5.18 -31.45
N LYS B 450 14.83 4.92 -30.81
CA LYS B 450 16.13 5.29 -31.37
C LYS B 450 16.35 4.60 -32.71
N LEU B 451 16.03 3.32 -32.77
CA LEU B 451 16.11 2.59 -34.04
C LEU B 451 15.25 3.28 -35.12
N LYS B 452 13.97 3.49 -34.81
CA LYS B 452 13.00 4.05 -35.76
C LYS B 452 13.32 5.49 -36.21
N LYS B 453 13.77 6.31 -35.25
CA LYS B 453 13.93 7.74 -35.48
C LYS B 453 15.37 8.11 -35.82
N ASP B 454 16.28 7.88 -34.88
CA ASP B 454 17.69 8.22 -35.08
C ASP B 454 18.32 7.63 -36.34
N TRP B 455 18.01 6.37 -36.65
CA TRP B 455 18.94 5.59 -37.48
C TRP B 455 18.70 5.44 -39.01
N GLY B 456 17.47 5.44 -39.55
CA GLY B 456 16.19 5.28 -38.89
C GLY B 456 15.50 4.13 -39.63
N ILE B 457 15.62 2.95 -39.03
CA ILE B 457 15.13 1.71 -39.60
C ILE B 457 13.67 1.48 -39.26
N ASP B 458 12.85 1.27 -40.27
CA ASP B 458 11.50 0.82 -40.02
C ASP B 458 11.60 -0.67 -39.65
N ILE B 459 11.00 -1.03 -38.52
CA ILE B 459 11.19 -2.37 -37.97
C ILE B 459 9.85 -3.00 -37.61
N GLU B 460 9.85 -4.30 -37.47
CA GLU B 460 8.70 -4.95 -36.87
C GLU B 460 9.18 -5.65 -35.60
N VAL B 461 8.32 -5.67 -34.59
CA VAL B 461 8.73 -6.08 -33.26
C VAL B 461 7.70 -7.02 -32.70
N SER B 462 8.15 -8.15 -32.17
CA SER B 462 7.23 -9.09 -31.54
C SER B 462 6.66 -8.54 -30.24
N GLU B 463 5.66 -9.25 -29.72
CA GLU B 463 5.20 -9.04 -28.37
C GLU B 463 6.34 -9.35 -27.41
N PRO B 464 6.38 -8.64 -26.27
CA PRO B 464 7.52 -8.77 -25.36
C PRO B 464 7.37 -10.02 -24.50
N ILE B 465 8.48 -10.64 -24.13
CA ILE B 465 8.35 -11.80 -23.29
C ILE B 465 9.08 -11.58 -21.98
N VAL B 466 8.53 -12.16 -20.92
CA VAL B 466 9.17 -12.03 -19.63
C VAL B 466 10.13 -13.19 -19.41
N VAL B 467 11.24 -12.89 -18.76
CA VAL B 467 12.21 -13.87 -18.31
C VAL B 467 11.83 -14.47 -16.97
N TYR B 468 11.46 -15.74 -16.96
CA TYR B 468 11.10 -16.45 -15.73
C TYR B 468 12.30 -17.20 -15.16
N ARG B 469 12.20 -17.73 -13.95
CA ARG B 469 13.26 -18.62 -13.49
C ARG B 469 12.64 -19.82 -12.87
N GLU B 470 13.45 -20.82 -12.57
CA GLU B 470 12.94 -22.02 -11.91
C GLU B 470 13.63 -22.29 -10.58
N SER B 471 12.92 -22.92 -9.66
CA SER B 471 13.56 -23.33 -8.45
C SER B 471 12.83 -24.52 -7.86
N ILE B 472 13.14 -24.87 -6.62
CA ILE B 472 12.46 -25.92 -5.90
C ILE B 472 12.04 -25.45 -4.51
N THR B 473 11.27 -26.28 -3.80
CA THR B 473 10.66 -25.92 -2.51
C THR B 473 11.06 -26.83 -1.33
N LYS B 474 11.54 -28.03 -1.64
CA LYS B 474 11.83 -28.98 -0.59
C LYS B 474 13.03 -29.78 -1.03
N SER B 475 13.63 -30.52 -0.12
CA SER B 475 14.83 -31.28 -0.40
C SER B 475 14.43 -32.53 -1.14
N SER B 476 15.27 -33.02 -2.05
CA SER B 476 14.96 -34.28 -2.75
C SER B 476 15.44 -35.48 -1.94
N PRO B 477 14.92 -36.68 -2.27
CA PRO B 477 15.62 -37.90 -1.87
C PRO B 477 16.90 -38.05 -2.67
N MET B 478 17.76 -38.99 -2.28
CA MET B 478 18.95 -39.21 -3.08
C MET B 478 18.56 -39.68 -4.47
N VAL B 479 19.24 -39.13 -5.48
CA VAL B 479 19.00 -39.51 -6.85
C VAL B 479 20.30 -39.91 -7.52
N GLU B 480 20.25 -41.06 -8.18
CA GLU B 480 21.37 -41.57 -8.95
C GLU B 480 21.28 -41.14 -10.40
N GLY B 481 22.39 -40.66 -10.96
CA GLY B 481 22.49 -40.44 -12.40
C GLY B 481 23.54 -41.38 -12.99
N LYS B 482 23.19 -42.09 -14.07
CA LYS B 482 24.12 -43.02 -14.73
C LYS B 482 24.53 -42.52 -16.11
N SER B 483 25.81 -42.62 -16.43
CA SER B 483 26.26 -42.28 -17.78
C SER B 483 25.69 -43.32 -18.74
N PRO B 484 25.51 -42.95 -20.02
CA PRO B 484 25.05 -43.92 -21.02
C PRO B 484 25.89 -45.21 -21.03
N ASN B 485 27.22 -45.14 -21.00
CA ASN B 485 28.00 -46.38 -21.01
C ASN B 485 27.92 -47.21 -19.72
N ARG B 486 27.15 -46.73 -18.75
CA ARG B 486 26.96 -47.41 -17.48
C ARG B 486 28.25 -47.67 -16.68
N HIS B 487 29.31 -46.90 -16.95
CA HIS B 487 30.54 -47.03 -16.15
C HIS B 487 30.73 -45.91 -15.11
N ASN B 488 29.90 -44.86 -15.17
CA ASN B 488 29.99 -43.77 -14.20
C ASN B 488 28.64 -43.52 -13.51
N ARG B 489 28.66 -43.41 -12.18
CA ARG B 489 27.48 -43.13 -11.39
C ARG B 489 27.68 -41.92 -10.46
N PHE B 490 26.64 -41.10 -10.29
CA PHE B 490 26.71 -39.97 -9.34
C PHE B 490 25.43 -39.90 -8.52
N TYR B 491 25.59 -39.93 -7.20
CA TYR B 491 24.47 -39.91 -6.26
C TYR B 491 24.34 -38.52 -5.64
N ILE B 492 23.21 -37.87 -5.88
CA ILE B 492 23.04 -36.50 -5.42
C ILE B 492 21.74 -36.28 -4.65
N VAL B 493 21.69 -35.19 -3.89
CA VAL B 493 20.42 -34.61 -3.46
C VAL B 493 20.43 -33.17 -3.87
N VAL B 494 19.24 -32.60 -3.94
CA VAL B 494 19.12 -31.24 -4.36
C VAL B 494 18.33 -30.56 -3.23
N GLU B 495 18.69 -29.33 -2.86
CA GLU B 495 18.03 -28.67 -1.71
C GLU B 495 17.68 -27.20 -1.98
N PRO B 496 16.57 -26.70 -1.43
CA PRO B 496 16.27 -25.27 -1.61
C PRO B 496 17.29 -24.40 -0.89
N MET B 497 17.87 -23.40 -1.55
CA MET B 497 18.87 -22.59 -0.90
C MET B 497 18.19 -21.61 0.06
N PRO B 498 18.62 -21.59 1.34
CA PRO B 498 18.10 -20.57 2.28
C PRO B 498 18.33 -19.14 1.78
N ASP B 499 17.33 -18.29 1.97
CA ASP B 499 17.37 -16.88 1.55
C ASP B 499 18.69 -16.22 1.85
N GLU B 500 19.13 -16.35 3.09
CA GLU B 500 20.32 -15.66 3.57
C GLU B 500 21.53 -15.98 2.74
N ILE B 501 21.68 -17.27 2.43
CA ILE B 501 22.79 -17.76 1.63
C ILE B 501 22.61 -17.30 0.18
N TYR B 502 21.38 -17.34 -0.32
CA TYR B 502 21.15 -16.87 -1.69
C TYR B 502 21.49 -15.37 -1.79
N ASN B 503 21.00 -14.57 -0.83
CA ASN B 503 21.34 -13.14 -0.80
C ASN B 503 22.84 -12.88 -0.72
N ALA B 504 23.55 -13.67 0.08
CA ALA B 504 24.99 -13.52 0.17
C ALA B 504 25.71 -13.72 -1.17
N ILE B 505 25.34 -14.78 -1.90
CA ILE B 505 25.84 -14.92 -3.28
C ILE B 505 25.44 -13.71 -4.13
N LYS B 506 24.18 -13.31 -4.06
CA LYS B 506 23.73 -12.27 -4.96
C LYS B 506 24.48 -10.95 -4.74
N GLU B 507 24.73 -10.55 -3.49
CA GLU B 507 25.48 -9.31 -3.34
C GLU B 507 26.99 -9.53 -3.20
N GLY B 508 27.50 -10.61 -3.78
CA GLY B 508 28.93 -10.78 -3.94
C GLY B 508 29.73 -11.17 -2.70
N ILE B 509 29.07 -11.20 -1.54
CA ILE B 509 29.69 -11.68 -0.29
C ILE B 509 30.31 -13.07 -0.42
N ILE B 510 29.53 -14.01 -0.94
CA ILE B 510 30.09 -15.25 -1.44
C ILE B 510 30.35 -15.06 -2.93
N PRO B 511 31.61 -15.20 -3.35
CA PRO B 511 31.90 -14.80 -4.73
C PRO B 511 31.41 -15.82 -5.76
N GLU B 512 31.02 -15.31 -6.91
CA GLU B 512 30.63 -16.13 -8.05
C GLU B 512 31.81 -16.91 -8.61
N GLY B 513 31.63 -18.19 -8.88
CA GLY B 513 32.61 -18.91 -9.68
C GLY B 513 33.07 -20.19 -9.07
N ARG B 514 34.04 -20.84 -9.70
CA ARG B 514 34.64 -21.99 -9.08
C ARG B 514 35.36 -21.49 -7.81
N VAL B 515 35.26 -22.25 -6.72
CA VAL B 515 35.60 -21.67 -5.43
C VAL B 515 37.12 -21.72 -5.17
N LYS B 516 37.75 -20.55 -5.21
CA LYS B 516 39.19 -20.47 -5.00
C LYS B 516 39.57 -20.77 -3.53
N ASN B 517 38.69 -20.37 -2.62
CA ASN B 517 38.94 -20.35 -1.18
C ASN B 517 37.98 -21.22 -0.35
N PRO B 518 37.99 -22.54 -0.55
CA PRO B 518 36.95 -23.42 0.01
C PRO B 518 36.80 -23.39 1.53
N LYS B 519 37.93 -23.38 2.24
CA LYS B 519 37.91 -23.34 3.71
C LYS B 519 37.19 -22.10 4.16
N GLU B 520 37.55 -20.99 3.56
CA GLU B 520 37.04 -19.70 3.94
C GLU B 520 35.56 -19.53 3.55
N VAL B 521 35.20 -19.95 2.34
CA VAL B 521 33.80 -19.82 1.91
C VAL B 521 32.90 -20.66 2.81
N ALA B 522 33.39 -21.85 3.15
CA ALA B 522 32.65 -22.74 4.07
C ALA B 522 32.40 -22.10 5.45
N LYS B 523 33.38 -21.37 5.99
CA LYS B 523 33.18 -20.66 7.25
C LYS B 523 32.07 -19.63 7.05
N LYS B 524 32.12 -18.92 5.94
CA LYS B 524 31.05 -17.97 5.64
C LYS B 524 29.69 -18.68 5.55
N LEU B 525 29.64 -19.85 4.92
CA LEU B 525 28.37 -20.60 4.82
C LEU B 525 27.83 -21.02 6.20
N ALA B 526 28.72 -21.57 7.02
CA ALA B 526 28.39 -21.93 8.41
C ALA B 526 27.84 -20.72 9.17
N GLU B 527 28.55 -19.60 9.09
CA GLU B 527 28.02 -18.34 9.63
C GLU B 527 26.58 -18.08 9.21
N LEU B 528 26.27 -18.41 7.94
CA LEU B 528 24.96 -18.10 7.39
C LEU B 528 23.96 -19.21 7.66
N GLY B 529 24.34 -20.22 8.44
CA GLY B 529 23.39 -21.22 8.90
C GLY B 529 23.57 -22.64 8.36
N MET B 530 24.41 -22.82 7.35
CA MET B 530 24.68 -24.15 6.80
C MET B 530 25.57 -24.97 7.75
N ASP B 531 25.16 -26.19 8.07
CA ASP B 531 26.03 -27.16 8.73
C ASP B 531 27.42 -27.11 8.13
N TYR B 532 28.39 -26.78 8.97
CA TYR B 532 29.76 -26.57 8.52
C TYR B 532 30.37 -27.80 7.88
N GLU B 533 30.01 -28.97 8.37
CA GLU B 533 30.59 -30.17 7.80
C GLU B 533 30.01 -30.43 6.39
N ILE B 534 28.84 -29.87 6.09
CA ILE B 534 28.36 -29.94 4.72
C ILE B 534 29.04 -28.82 3.95
N ALA B 535 29.13 -27.64 4.56
CA ALA B 535 29.67 -26.47 3.85
C ALA B 535 31.12 -26.66 3.38
N ARG B 536 31.86 -27.53 4.07
CA ARG B 536 33.27 -27.77 3.76
C ARG B 536 33.47 -28.26 2.34
N GLY B 537 32.46 -28.98 1.85
CA GLY B 537 32.55 -29.56 0.52
C GLY B 537 32.30 -28.57 -0.61
N ILE B 538 32.06 -27.31 -0.28
CA ILE B 538 31.72 -26.34 -1.31
C ILE B 538 32.74 -26.34 -2.47
N VAL B 539 32.22 -26.32 -3.70
CA VAL B 539 33.05 -26.44 -4.90
C VAL B 539 32.80 -25.30 -5.88
N ASP B 540 31.53 -24.96 -6.09
CA ASP B 540 31.22 -24.05 -7.19
C ASP B 540 29.98 -23.20 -6.95
N ILE B 541 30.06 -21.96 -7.35
CA ILE B 541 28.97 -21.03 -7.19
C ILE B 541 28.57 -20.58 -8.60
N TYR B 542 27.32 -20.81 -8.98
CA TYR B 542 26.92 -20.50 -10.37
C TYR B 542 25.52 -19.91 -10.45
N ASN B 543 25.42 -18.66 -10.91
CA ASN B 543 24.11 -18.00 -11.10
C ASN B 543 23.03 -18.31 -10.07
N GLY B 544 23.34 -18.17 -8.78
CA GLY B 544 22.30 -18.26 -7.77
C GLY B 544 22.17 -19.65 -7.21
N ASN B 545 23.11 -20.52 -7.58
CA ASN B 545 23.12 -21.91 -7.19
C ASN B 545 24.46 -22.37 -6.77
N MET B 546 24.52 -23.57 -6.22
CA MET B 546 25.84 -24.06 -5.83
C MET B 546 25.90 -25.57 -5.89
N PHE B 547 27.13 -26.03 -6.11
CA PHE B 547 27.47 -27.43 -6.12
C PHE B 547 28.41 -27.75 -4.95
N ILE B 548 28.06 -28.78 -4.21
CA ILE B 548 28.84 -29.18 -3.04
C ILE B 548 29.24 -30.63 -3.15
N ASP B 549 30.53 -30.91 -2.98
CA ASP B 549 31.04 -32.28 -2.97
C ASP B 549 31.17 -32.82 -1.55
N ASN B 550 30.18 -33.58 -1.11
CA ASN B 550 30.26 -34.24 0.19
C ASN B 550 30.70 -35.69 0.12
N THR B 551 31.53 -36.04 -0.87
CA THR B 551 31.94 -37.44 -1.01
C THR B 551 33.21 -37.70 -0.24
N LYS B 552 33.41 -38.94 0.18
CA LYS B 552 34.75 -39.31 0.63
C LYS B 552 35.24 -40.59 -0.02
N GLY B 553 36.51 -40.58 -0.42
CA GLY B 553 37.18 -41.75 -0.94
C GLY B 553 36.65 -42.25 -2.27
N VAL B 554 36.44 -41.33 -3.22
CA VAL B 554 35.97 -41.69 -4.55
C VAL B 554 37.12 -41.66 -5.54
N GLN B 555 37.49 -42.84 -6.00
CA GLN B 555 38.57 -42.99 -6.97
C GLN B 555 38.27 -42.18 -8.24
N TYR B 556 39.24 -41.37 -8.65
CA TYR B 556 39.21 -40.63 -9.92
C TYR B 556 38.24 -39.43 -9.96
N LEU B 557 37.36 -39.33 -8.96
CA LEU B 557 36.40 -38.23 -8.89
C LEU B 557 37.03 -36.90 -9.24
N ASN B 558 38.22 -36.65 -8.70
CA ASN B 558 38.95 -35.42 -8.98
C ASN B 558 39.10 -35.15 -10.49
N GLU B 559 39.26 -36.21 -11.29
CA GLU B 559 39.56 -35.97 -12.67
C GLU B 559 38.32 -35.84 -13.58
N VAL B 560 37.13 -36.03 -13.02
CA VAL B 560 35.90 -35.65 -13.73
C VAL B 560 35.22 -34.39 -13.15
N MET B 561 35.79 -33.83 -12.09
CA MET B 561 35.13 -32.75 -11.35
C MET B 561 34.86 -31.53 -12.22
N ASP B 562 35.80 -31.18 -13.09
CA ASP B 562 35.59 -30.07 -14.03
C ASP B 562 34.37 -30.31 -14.93
N LEU B 563 34.18 -31.57 -15.30
CA LEU B 563 33.12 -31.96 -16.21
C LEU B 563 31.78 -32.00 -15.47
N LEU B 564 31.82 -32.52 -14.23
CA LEU B 564 30.66 -32.45 -13.35
C LEU B 564 30.18 -31.00 -13.16
N ILE B 565 31.12 -30.05 -13.02
CA ILE B 565 30.74 -28.65 -12.86
C ILE B 565 30.11 -28.08 -14.13
N ASP B 566 30.64 -28.49 -15.28
CA ASP B 566 30.03 -28.16 -16.58
C ASP B 566 28.58 -28.67 -16.68
N GLY B 567 28.39 -29.94 -16.37
CA GLY B 567 27.06 -30.52 -16.34
C GLY B 567 26.10 -29.80 -15.40
N PHE B 568 26.56 -29.57 -14.17
CA PHE B 568 25.82 -28.78 -13.18
C PHE B 568 25.42 -27.46 -13.80
N HIS B 569 26.35 -26.82 -14.51
CA HIS B 569 26.06 -25.55 -15.14
C HIS B 569 24.96 -25.67 -16.22
N GLN B 570 25.03 -26.76 -16.99
CA GLN B 570 24.07 -27.02 -18.07
C GLN B 570 22.73 -27.23 -17.43
N ALA B 571 22.72 -28.00 -16.36
CA ALA B 571 21.49 -28.23 -15.59
C ALA B 571 20.84 -26.93 -15.14
N MET B 572 21.67 -25.95 -14.76
CA MET B 572 21.19 -24.68 -14.18
C MET B 572 20.79 -23.65 -15.24
N ASP B 573 21.48 -23.63 -16.39
CA ASP B 573 21.10 -22.78 -17.51
C ASP B 573 19.64 -22.99 -17.91
N GLU B 574 19.17 -24.23 -17.87
CA GLU B 574 17.81 -24.47 -18.33
C GLU B 574 17.10 -25.51 -17.48
N GLY B 575 16.11 -25.06 -16.71
CA GLY B 575 15.45 -25.95 -15.77
C GLY B 575 14.56 -26.98 -16.48
N PRO B 576 14.10 -27.97 -15.71
CA PRO B 576 13.26 -29.06 -16.20
C PRO B 576 11.79 -28.63 -16.46
N LEU B 577 11.28 -27.54 -15.91
CA LEU B 577 9.88 -27.19 -16.15
C LEU B 577 9.66 -26.58 -17.54
N ALA B 578 10.50 -25.62 -17.88
CA ALA B 578 10.23 -24.80 -19.04
C ALA B 578 11.52 -24.28 -19.59
N ARG B 579 12.61 -24.93 -19.20
CA ARG B 579 13.95 -24.53 -19.67
C ARG B 579 14.33 -23.10 -19.31
N GLU B 580 13.79 -22.58 -18.21
CA GLU B 580 14.18 -21.24 -17.74
C GLU B 580 15.36 -21.35 -16.77
N PRO B 581 16.11 -20.27 -16.62
CA PRO B 581 17.31 -20.45 -15.76
C PRO B 581 16.95 -20.76 -14.28
N VAL B 582 17.80 -21.54 -13.63
CA VAL B 582 17.51 -22.07 -12.31
C VAL B 582 18.10 -21.13 -11.26
N MET B 583 17.44 -21.00 -10.13
CA MET B 583 17.98 -20.15 -9.07
C MET B 583 17.69 -20.81 -7.76
N LYS B 584 18.57 -20.55 -6.78
CA LYS B 584 18.27 -20.88 -5.39
C LYS B 584 18.24 -22.36 -5.18
N VAL B 585 19.13 -23.08 -5.88
CA VAL B 585 19.24 -24.50 -5.67
C VAL B 585 20.63 -24.88 -5.17
N ILE B 586 20.67 -25.76 -4.19
CA ILE B 586 21.92 -26.36 -3.77
C ILE B 586 21.97 -27.77 -4.29
N VAL B 587 23.04 -28.11 -5.02
CA VAL B 587 23.24 -29.48 -5.45
C VAL B 587 24.31 -30.18 -4.64
N ARG B 588 24.00 -31.31 -4.02
CA ARG B 588 25.04 -32.00 -3.29
C ARG B 588 25.34 -33.42 -3.82
N LEU B 589 26.61 -33.63 -4.15
CA LEU B 589 27.12 -34.96 -4.46
C LEU B 589 27.44 -35.73 -3.18
N LEU B 590 26.66 -36.78 -2.91
CA LEU B 590 26.81 -37.60 -1.73
C LEU B 590 27.71 -38.82 -1.93
N ASP B 591 27.76 -39.28 -3.17
CA ASP B 591 28.59 -40.44 -3.55
C ASP B 591 28.75 -40.52 -5.06
N ALA B 592 29.67 -41.39 -5.50
CA ALA B 592 30.05 -41.47 -6.90
C ALA B 592 30.91 -42.69 -7.20
N GLN B 593 30.95 -43.02 -8.48
CA GLN B 593 31.69 -44.16 -9.02
C GLN B 593 32.23 -43.73 -10.37
N VAL B 594 33.55 -43.63 -10.47
CA VAL B 594 34.19 -43.10 -11.66
C VAL B 594 35.15 -44.11 -12.31
N HIS B 595 34.99 -44.32 -13.61
CA HIS B 595 35.80 -45.31 -14.33
C HIS B 595 37.27 -44.89 -14.34
N GLU B 596 38.16 -45.89 -14.41
CA GLU B 596 39.60 -45.67 -14.29
C GLU B 596 40.21 -45.00 -15.53
N ASP B 597 39.68 -45.35 -16.71
CA ASP B 597 40.32 -44.92 -17.96
C ASP B 597 39.62 -43.72 -18.58
N ASN B 598 40.42 -42.71 -18.90
CA ASN B 598 39.95 -41.42 -19.38
C ASN B 598 38.94 -41.45 -20.53
N VAL B 599 39.07 -42.45 -21.38
CA VAL B 599 38.30 -42.55 -22.62
C VAL B 599 36.84 -42.91 -22.32
N HIS B 600 36.62 -43.52 -21.15
CA HIS B 600 35.29 -43.97 -20.75
C HIS B 600 34.59 -42.99 -19.79
N ARG B 601 35.15 -41.80 -19.64
CA ARG B 601 34.58 -40.83 -18.73
C ARG B 601 34.76 -39.41 -19.25
N GLY B 602 34.54 -39.22 -20.54
CA GLY B 602 34.61 -37.91 -21.15
C GLY B 602 33.27 -37.18 -21.05
N PRO B 603 33.17 -35.99 -21.66
CA PRO B 603 31.99 -35.13 -21.59
C PRO B 603 30.70 -35.85 -22.00
N ALA B 604 30.81 -36.80 -22.93
CA ALA B 604 29.63 -37.37 -23.54
C ALA B 604 29.00 -38.31 -22.54
N GLN B 605 29.79 -38.71 -21.56
CA GLN B 605 29.30 -39.58 -20.50
C GLN B 605 28.90 -38.79 -19.26
N ILE B 606 29.71 -37.80 -18.90
CA ILE B 606 29.54 -37.11 -17.60
C ILE B 606 28.40 -36.07 -17.63
N TYR B 607 28.45 -35.21 -18.63
CA TYR B 607 27.40 -34.22 -18.84
C TYR B 607 25.99 -34.76 -18.67
N PRO B 608 25.62 -35.82 -19.42
CA PRO B 608 24.21 -36.23 -19.28
C PRO B 608 23.93 -36.91 -17.95
N ALA B 609 24.93 -37.57 -17.38
CA ALA B 609 24.70 -38.25 -16.12
C ALA B 609 24.27 -37.25 -15.04
N ILE B 610 24.99 -36.13 -14.93
CA ILE B 610 24.77 -35.22 -13.80
C ILE B 610 23.60 -34.26 -14.11
N ARG B 611 23.46 -33.85 -15.37
CA ARG B 611 22.33 -33.00 -15.77
C ARG B 611 21.01 -33.66 -15.48
N THR B 612 20.90 -34.91 -15.92
CA THR B 612 19.67 -35.67 -15.73
C THR B 612 19.47 -36.04 -14.26
N ALA B 613 20.53 -36.39 -13.57
CA ALA B 613 20.40 -36.55 -12.10
C ALA B 613 19.83 -35.28 -11.46
N ILE B 614 20.38 -34.13 -11.85
CA ILE B 614 19.93 -32.89 -11.21
C ILE B 614 18.47 -32.58 -11.54
N HIS B 615 18.12 -32.63 -12.83
CA HIS B 615 16.72 -32.35 -13.22
C HIS B 615 15.72 -33.33 -12.61
N CYS B 616 16.09 -34.61 -12.53
CA CYS B 616 15.23 -35.60 -11.92
C CYS B 616 15.03 -35.31 -10.43
N ALA B 617 16.11 -34.97 -9.74
CA ALA B 617 16.00 -34.60 -8.32
C ALA B 617 15.09 -33.37 -8.15
N MET B 618 15.31 -32.34 -8.96
CA MET B 618 14.48 -31.14 -8.85
C MET B 618 13.00 -31.49 -8.99
N MET B 619 12.67 -32.41 -9.90
CA MET B 619 11.27 -32.78 -10.15
C MET B 619 10.70 -33.47 -8.93
N LYS B 620 11.56 -34.01 -8.07
CA LYS B 620 11.07 -34.64 -6.85
C LYS B 620 10.96 -33.63 -5.72
N SER B 621 11.24 -32.36 -6.01
CA SER B 621 11.41 -31.38 -4.93
C SER B 621 10.42 -30.25 -5.02
N ASN B 622 9.22 -30.54 -5.53
CA ASN B 622 8.19 -29.53 -5.81
C ASN B 622 8.74 -28.36 -6.63
N PRO B 623 9.06 -28.62 -7.90
CA PRO B 623 9.65 -27.62 -8.79
C PRO B 623 8.67 -26.47 -9.06
N VAL B 624 9.17 -25.22 -9.12
CA VAL B 624 8.28 -24.05 -9.17
C VAL B 624 8.88 -22.99 -10.07
N LEU B 625 8.05 -22.09 -10.61
CA LEU B 625 8.55 -20.89 -11.28
C LEU B 625 8.77 -19.72 -10.30
N TYR B 626 9.78 -18.91 -10.60
CA TYR B 626 9.92 -17.58 -10.03
C TYR B 626 9.79 -16.58 -11.15
N GLU B 627 9.34 -15.36 -10.79
CA GLU B 627 9.14 -14.29 -11.75
C GLU B 627 9.78 -13.01 -11.23
N PRO B 628 10.27 -12.17 -12.16
CA PRO B 628 10.93 -10.93 -11.76
C PRO B 628 9.93 -9.86 -11.27
N TYR B 629 10.39 -9.05 -10.32
CA TYR B 629 9.60 -7.94 -9.75
C TYR B 629 10.27 -6.59 -10.00
N GLN B 630 9.46 -5.56 -10.11
CA GLN B 630 9.96 -4.20 -10.21
C GLN B 630 9.59 -3.45 -8.95
N LYS B 631 10.54 -2.69 -8.44
CA LYS B 631 10.26 -1.74 -7.40
C LYS B 631 9.80 -0.47 -8.09
N VAL B 632 8.64 0.02 -7.70
CA VAL B 632 8.13 1.23 -8.32
C VAL B 632 8.11 2.37 -7.29
N ILE B 633 8.78 3.45 -7.62
CA ILE B 633 8.76 4.66 -6.79
C ILE B 633 7.92 5.73 -7.49
N ILE B 634 6.78 6.12 -6.92
CA ILE B 634 5.83 7.03 -7.60
C ILE B 634 5.57 8.33 -6.80
N ASN B 635 5.96 9.48 -7.36
CA ASN B 635 5.74 10.78 -6.74
C ASN B 635 4.52 11.47 -7.37
N ILE B 636 3.53 11.79 -6.54
CA ILE B 636 2.27 12.38 -6.98
C ILE B 636 1.69 13.46 -6.06
N PRO B 637 0.88 14.36 -6.63
CA PRO B 637 0.00 15.19 -5.80
C PRO B 637 -0.96 14.29 -5.01
N TYR B 638 -1.19 14.62 -3.74
CA TYR B 638 -1.96 13.74 -2.85
C TYR B 638 -3.31 13.27 -3.41
N GLU B 639 -3.93 14.01 -4.33
CA GLU B 639 -5.30 13.63 -4.69
C GLU B 639 -5.34 12.39 -5.60
N TYR B 640 -4.17 11.87 -5.94
CA TYR B 640 -4.11 10.71 -6.81
C TYR B 640 -3.71 9.41 -6.08
N MET B 641 -3.54 9.42 -4.76
CA MET B 641 -2.90 8.23 -4.20
C MET B 641 -3.87 7.05 -4.19
N GLY B 642 -5.17 7.33 -4.30
CA GLY B 642 -6.17 6.29 -4.39
C GLY B 642 -6.06 5.60 -5.73
N ALA B 643 -6.04 6.41 -6.79
CA ALA B 643 -5.92 5.88 -8.14
C ALA B 643 -4.58 5.18 -8.37
N VAL B 644 -3.51 5.70 -7.80
CA VAL B 644 -2.19 5.09 -7.97
C VAL B 644 -2.13 3.75 -7.24
N SER B 645 -2.60 3.73 -5.99
CA SER B 645 -2.66 2.52 -5.19
C SER B 645 -3.46 1.44 -5.90
N ARG B 646 -4.62 1.81 -6.42
CA ARG B 646 -5.47 0.86 -7.10
C ARG B 646 -4.74 0.29 -8.31
N GLU B 647 -4.04 1.14 -9.06
CA GLU B 647 -3.35 0.71 -10.25
C GLU B 647 -2.26 -0.31 -9.91
N ILE B 648 -1.57 -0.10 -8.80
CA ILE B 648 -0.57 -1.05 -8.32
C ILE B 648 -1.19 -2.35 -7.84
N THR B 649 -2.25 -2.23 -7.08
CA THR B 649 -2.96 -3.36 -6.45
C THR B 649 -3.63 -4.29 -7.44
N GLN B 650 -4.14 -3.73 -8.53
CA GLN B 650 -4.73 -4.55 -9.59
C GLN B 650 -3.70 -5.24 -10.45
N ARG B 651 -2.42 -5.05 -10.15
CA ARG B 651 -1.33 -5.64 -10.92
C ARG B 651 -0.52 -6.54 -10.02
N ARG B 652 -1.20 -7.15 -9.04
CA ARG B 652 -0.57 -7.98 -8.01
C ARG B 652 0.57 -7.24 -7.32
N GLY B 653 0.47 -5.92 -7.27
CA GLY B 653 1.52 -5.13 -6.64
C GLY B 653 1.34 -5.03 -5.15
N GLN B 654 2.42 -4.80 -4.42
CA GLN B 654 2.26 -4.56 -3.00
C GLN B 654 2.82 -3.20 -2.63
N LEU B 655 2.04 -2.47 -1.84
CA LEU B 655 2.48 -1.24 -1.20
C LEU B 655 3.54 -1.62 -0.18
N VAL B 656 4.62 -0.86 -0.15
CA VAL B 656 5.78 -1.19 0.66
C VAL B 656 6.03 -0.05 1.62
N ASP B 657 5.87 1.16 1.11
CA ASP B 657 6.22 2.33 1.86
C ASP B 657 5.54 3.57 1.30
N MET B 658 5.59 4.63 2.07
CA MET B 658 4.72 5.76 1.83
C MET B 658 5.28 6.99 2.51
N LYS B 659 5.88 7.89 1.73
CA LYS B 659 6.47 9.08 2.33
C LYS B 659 5.77 10.37 1.93
N GLN B 660 5.31 11.13 2.92
CA GLN B 660 4.49 12.30 2.69
C GLN B 660 5.25 13.61 2.95
N GLU B 661 5.06 14.59 2.08
CA GLU B 661 5.65 15.92 2.24
C GLU B 661 4.61 16.93 1.79
N GLY B 662 3.89 17.50 2.75
CA GLY B 662 2.86 18.47 2.41
C GLY B 662 1.78 17.90 1.52
N GLU B 663 1.60 18.47 0.34
CA GLU B 663 0.57 18.00 -0.57
C GLU B 663 1.14 17.02 -1.59
N VAL B 664 2.39 16.62 -1.42
CA VAL B 664 2.92 15.59 -2.30
C VAL B 664 3.07 14.24 -1.56
N MET B 665 2.90 13.18 -2.34
CA MET B 665 2.99 11.82 -1.83
C MET B 665 4.02 11.01 -2.65
N THR B 666 4.93 10.32 -1.98
CA THR B 666 5.80 9.38 -2.68
C THR B 666 5.45 7.95 -2.28
N ILE B 667 4.95 7.17 -3.22
CA ILE B 667 4.57 5.79 -2.92
C ILE B 667 5.61 4.80 -3.44
N ILE B 668 6.02 3.86 -2.59
CA ILE B 668 6.97 2.84 -2.97
C ILE B 668 6.26 1.49 -2.98
N ALA B 669 6.37 0.78 -4.10
CA ALA B 669 5.65 -0.46 -4.27
C ALA B 669 6.47 -1.47 -5.08
N GLU B 670 6.02 -2.71 -5.05
CA GLU B 670 6.67 -3.79 -5.78
C GLU B 670 5.65 -4.60 -6.48
N ALA B 671 5.94 -4.95 -7.73
CA ALA B 671 4.95 -5.64 -8.58
C ALA B 671 5.65 -6.56 -9.60
N PRO B 672 5.00 -7.67 -9.97
CA PRO B 672 5.62 -8.54 -10.99
C PRO B 672 5.73 -7.86 -12.35
N VAL B 673 6.92 -7.89 -12.96
CA VAL B 673 7.12 -7.43 -14.33
C VAL B 673 6.00 -7.87 -15.29
N ALA B 674 5.56 -9.12 -15.15
CA ALA B 674 4.52 -9.68 -16.01
C ALA B 674 3.21 -8.91 -15.95
N GLU B 675 2.98 -8.17 -14.87
CA GLU B 675 1.74 -7.43 -14.74
C GLU B 675 1.92 -5.95 -15.00
N MET B 676 3.10 -5.54 -15.47
CA MET B 676 3.41 -4.10 -15.59
C MET B 676 3.37 -3.56 -17.02
N PHE B 677 3.03 -4.41 -17.99
CA PHE B 677 2.86 -3.93 -19.36
C PHE B 677 1.70 -2.99 -19.38
N GLY B 678 1.92 -1.79 -19.93
CA GLY B 678 0.89 -0.77 -19.96
C GLY B 678 0.82 0.09 -18.69
N PHE B 679 1.60 -0.25 -17.66
CA PHE B 679 1.60 0.55 -16.42
C PHE B 679 1.84 2.02 -16.73
N ALA B 680 2.78 2.33 -17.61
CA ALA B 680 3.09 3.73 -17.87
C ALA B 680 1.84 4.46 -18.39
N GLY B 681 1.19 3.89 -19.39
CA GLY B 681 -0.03 4.45 -19.93
C GLY B 681 -1.10 4.59 -18.86
N SER B 682 -1.29 3.56 -18.05
CA SER B 682 -2.31 3.62 -16.98
C SER B 682 -1.97 4.72 -15.99
N ILE B 683 -0.71 4.83 -15.60
CA ILE B 683 -0.39 5.81 -14.57
C ILE B 683 -0.47 7.24 -15.15
N ARG B 684 -0.06 7.43 -16.40
CA ARG B 684 -0.19 8.73 -17.02
C ARG B 684 -1.64 9.19 -17.06
N SER B 685 -2.52 8.31 -17.52
CA SER B 685 -3.95 8.59 -17.53
C SER B 685 -4.53 8.84 -16.14
N ALA B 686 -4.16 8.03 -15.18
CA ALA B 686 -4.79 8.12 -13.88
C ALA B 686 -4.43 9.44 -13.22
N THR B 687 -3.29 10.01 -13.58
CA THR B 687 -2.85 11.27 -12.98
C THR B 687 -2.81 12.46 -13.96
N SER B 688 -3.45 12.32 -15.12
CA SER B 688 -3.32 13.29 -16.21
C SER B 688 -1.87 13.78 -16.37
N GLY B 689 -0.91 12.86 -16.22
CA GLY B 689 0.47 13.18 -16.48
C GLY B 689 1.20 13.82 -15.32
N ARG B 690 0.60 13.88 -14.14
CA ARG B 690 1.29 14.50 -13.00
C ARG B 690 2.24 13.55 -12.23
N ALA B 691 2.12 12.25 -12.47
CA ALA B 691 3.00 11.28 -11.82
C ALA B 691 4.46 11.40 -12.26
N LEU B 692 5.36 11.47 -11.30
CA LEU B 692 6.79 11.23 -11.54
C LEU B 692 7.19 9.90 -10.91
N TRP B 693 7.79 9.01 -11.71
CA TRP B 693 8.11 7.69 -11.20
C TRP B 693 9.36 7.10 -11.80
N SER B 694 9.87 6.07 -11.14
CA SER B 694 11.01 5.31 -11.59
C SER B 694 10.82 3.83 -11.19
N THR B 695 11.50 2.93 -11.89
CA THR B 695 11.46 1.53 -11.54
C THR B 695 12.86 0.97 -11.42
N GLU B 696 13.03 0.00 -10.53
CA GLU B 696 14.28 -0.71 -10.35
C GLU B 696 13.97 -2.19 -10.36
N HIS B 697 14.93 -3.01 -10.79
CA HIS B 697 14.84 -4.46 -10.61
C HIS B 697 14.66 -4.77 -9.10
N ALA B 698 13.68 -5.57 -8.74
CA ALA B 698 13.51 -5.96 -7.32
C ALA B 698 13.58 -7.48 -7.12
N GLY B 699 14.45 -8.16 -7.87
CA GLY B 699 14.67 -9.57 -7.63
C GLY B 699 13.53 -10.45 -8.17
N PHE B 700 13.57 -11.72 -7.78
CA PHE B 700 12.61 -12.71 -8.28
C PHE B 700 11.85 -13.29 -7.11
N LYS B 701 10.56 -13.55 -7.32
CA LYS B 701 9.75 -14.19 -6.29
C LYS B 701 8.99 -15.30 -6.94
N ARG B 702 8.58 -16.26 -6.11
CA ARG B 702 7.85 -17.43 -6.54
C ARG B 702 6.49 -17.05 -7.18
N VAL B 703 6.16 -17.64 -8.33
CA VAL B 703 4.85 -17.41 -8.98
C VAL B 703 3.74 -18.08 -8.16
N PRO B 704 2.65 -17.35 -7.88
CA PRO B 704 1.54 -18.01 -7.15
C PRO B 704 1.10 -19.35 -7.78
N ASN B 705 0.89 -20.36 -6.95
CA ASN B 705 0.43 -21.67 -7.42
C ASN B 705 -0.71 -21.61 -8.41
N GLU B 706 -1.68 -20.72 -8.19
CA GLU B 706 -2.88 -20.69 -9.03
C GLU B 706 -2.61 -20.09 -10.42
N LEU B 707 -1.41 -19.60 -10.64
CA LEU B 707 -1.09 -18.92 -11.88
C LEU B 707 -0.05 -19.69 -12.66
N ALA B 708 0.67 -20.57 -11.96
CA ALA B 708 1.90 -21.16 -12.50
C ALA B 708 1.65 -22.14 -13.64
N GLN B 709 0.67 -23.03 -13.47
CA GLN B 709 0.39 -24.05 -14.50
C GLN B 709 0.16 -23.39 -15.86
N GLN B 710 -0.66 -22.35 -15.91
CA GLN B 710 -0.88 -21.67 -17.18
C GLN B 710 0.40 -20.96 -17.70
N ILE B 711 1.17 -20.35 -16.81
CA ILE B 711 2.42 -19.70 -17.25
C ILE B 711 3.46 -20.72 -17.75
N ILE B 712 3.57 -21.88 -17.11
CA ILE B 712 4.48 -22.92 -17.61
C ILE B 712 4.07 -23.42 -19.02
N ARG B 713 2.77 -23.61 -19.25
CA ARG B 713 2.24 -24.01 -20.57
C ARG B 713 2.56 -22.97 -21.63
N GLN B 714 2.34 -21.69 -21.29
CA GLN B 714 2.66 -20.59 -22.19
C GLN B 714 4.10 -20.55 -22.60
N ILE B 715 5.00 -20.77 -21.66
CA ILE B 715 6.42 -20.65 -21.96
C ILE B 715 6.85 -21.83 -22.84
N ARG B 716 6.35 -22.99 -22.50
CA ARG B 716 6.64 -24.20 -23.23
C ARG B 716 6.11 -24.13 -24.69
N GLN B 717 4.88 -23.64 -24.87
CA GLN B 717 4.31 -23.55 -26.21
C GLN B 717 5.11 -22.59 -27.05
N ARG B 718 5.51 -21.47 -26.44
CA ARG B 718 6.31 -20.47 -27.16
C ARG B 718 7.66 -21.07 -27.54
N LYS B 719 8.16 -21.98 -26.74
CA LYS B 719 9.44 -22.57 -27.11
C LYS B 719 9.22 -23.76 -28.08
N GLY B 720 7.97 -24.09 -28.37
CA GLY B 720 7.63 -25.17 -29.29
C GLY B 720 7.63 -26.56 -28.66
N LEU B 721 7.57 -26.60 -27.33
CA LEU B 721 7.58 -27.86 -26.60
C LEU B 721 6.14 -28.34 -26.38
N ASP B 722 5.96 -29.62 -26.12
CA ASP B 722 4.65 -30.08 -25.69
C ASP B 722 4.22 -29.31 -24.44
N PRO B 723 2.97 -28.82 -24.44
CA PRO B 723 2.48 -27.89 -23.42
C PRO B 723 2.44 -28.41 -21.99
N ASN B 724 2.01 -29.65 -21.74
CA ASN B 724 1.88 -30.19 -20.38
C ASN B 724 3.17 -29.95 -19.54
N PRO B 725 3.00 -29.46 -18.31
CA PRO B 725 4.18 -29.35 -17.44
C PRO B 725 4.79 -30.73 -17.23
N PRO B 726 6.10 -30.86 -17.44
CA PRO B 726 6.77 -32.13 -17.16
C PRO B 726 6.48 -32.58 -15.72
N THR B 727 6.47 -33.89 -15.49
CA THR B 727 6.32 -34.51 -14.18
C THR B 727 7.60 -35.29 -13.89
N GLU B 728 7.73 -35.87 -12.69
CA GLU B 728 8.96 -36.61 -12.47
C GLU B 728 9.05 -37.86 -13.34
N LYS B 729 7.91 -38.41 -13.75
CA LYS B 729 7.93 -39.57 -14.64
C LYS B 729 8.57 -39.24 -16.00
N ASP B 730 8.24 -38.09 -16.53
CA ASP B 730 8.86 -37.60 -17.76
C ASP B 730 10.36 -37.46 -17.65
N VAL B 731 10.82 -36.93 -16.53
CA VAL B 731 12.22 -36.53 -16.39
C VAL B 731 13.08 -37.65 -15.81
N CYS B 732 12.51 -38.44 -14.92
CA CYS B 732 13.29 -39.45 -14.20
C CYS B 732 13.24 -40.79 -14.89
N PRO B 733 14.41 -41.30 -15.30
CA PRO B 733 14.53 -42.57 -16.04
C PRO B 733 14.72 -43.76 -15.10
#